data_9N5V
#
_entry.id   9N5V
#
_cell.length_a   1.00
_cell.length_b   1.00
_cell.length_c   1.00
_cell.angle_alpha   90.00
_cell.angle_beta   90.00
_cell.angle_gamma   90.00
#
_symmetry.space_group_name_H-M   'P 1'
#
loop_
_entity.id
_entity.type
_entity.pdbx_description
1 polymer NfnA
2 polymer NfnB
3 polymer NfnC
4 non-polymer 'IRON/SULFUR CLUSTER'
5 non-polymer 'FLAVIN-ADENINE DINUCLEOTIDE'
6 non-polymer 'FE2/S2 (INORGANIC) CLUSTER'
7 non-polymer 'FLAVIN MONONUCLEOTIDE'
8 non-polymer NICOTINAMIDE-ADENINE-DINUCLEOTIDE
9 non-polymer 'ZINC ION'
#
loop_
_entity_poly.entity_id
_entity_poly.type
_entity_poly.pdbx_seq_one_letter_code
_entity_poly.pdbx_strand_id
1 'polypeptide(L)'
;MPRRRVSEMVKITVNGKEFEAPKDKSLIEFLREITHVPGFCYTEAFDPYGSCRLCLVQTPRGITTSCTLKPMEGLSIETL
SDEIIEMRKTALELILSDHYGDCIGPCQNGCPAHSDVQGYLALIAMGRYHEAVKLMKEKYILPAVLGRVCPAFCEEECRR
NLVEEPLAIRQLKRFAADYDLENGPWMPEIPPSTGKRIAVVGGGPAGLACAYYLRTMGHDVTIFDAMPHLGGMMRYGIPP
YRLPKDVLDKDIATVINTGIEVKTNTALGKDIALEELREQYDAVFLGVGAWKSRKMGIEGEDLDGVIHGTEFLRKVNMGE
KVELGKRVIVVGGGNTAMDVARTALRLGADVTVVYRRSKSEMPANSREVEEAEEEGVKFMFLTNPVKIIGKEKVEEVELI
KMKLGEPDASGRRRPMPIEGSEFRVKVDNVILAIGQYCDEEFLRTIGIEAKRGRVLVDEVTLQTNKEGVFAGGDLVLGPS
TVIESIATGRRAAIMIDLYLKGKLEKAREVLLDPSKHIEEVIYDEDLYRVLFDLRPYNHWKKVTEKDYEHVERKPRVKVK
LLDPEIRKSNFKEVEPTMDEETVLTEAQRCMSCGCMEVFRCKLREYATLYDAKQDAFVGEQNKFEIDETHPNVVLDNNKC
VLCGQCVNFTHEIAREGIVDYLFRGFKTYIGPQLGERLEDQKGVFIGELTDICPVGAITEKLPFVKPGPWKTQPVKTVCN
GCSFACEMNIEVYNDILVRASSRKDSWNGYICDYCRFERPWAQDIAQPILKGNAVSWEDAEKFLEEKECALILTPSLTNE
EIMFLKELAERKGIPIGSTIDGEGSTATLEDIRNAKRVLLKVNIEKYPLLKLLLKGKEIVEEGYEVAIIEGPAEPMDVPT
LILHDGVNATGLIKAGVTGIPEAKAYVVIGNSPAISKLKGEYLILPSGLWAEKEGTVTNAFGMDLKVKKARKAHYDVKSL
FNF
;
A
2 'polypeptide(L)'
;MSEIKAIAVGMNSCGIAAGARETYEAVKEELEKRNLDIKLKIVGCVGMCYREPLLDIITDNEIITYGHVTPDRVPRIIEE
HVINGKPIEDWVVKKDWWENGQRKTWDFDGYFVKQKKIVLENSGYIDPENIEEYIAAGGYEALKKAFKMKPEEIIDFITK
SGLRGRGGAGFPTGLKWKFTRDAPGDEKYIVCNADEGDPGAFMDRNVLEGDPHRVIEGMIIGAYAIGATKGFIYVRAEYP
LAIKRLRIALKQAREKGFLGENILGSGFSFEIVIKEGAGAFVCGEETALIASIEGKRGMPRPRPPYPAQKGLWGRPTNIN
NVETWANVPWIIKHGWEAYAALGTEKSKGTKVFALSGKIKHGGNVEVPMGITLREILYEIGGGTKTGKKIKAVQLGGPSG
GCIPDYLFNTPVDYESVTATGAIMGSGGMVVMDEDTCMVDVAKFFLDFTVKESCGKCTFCRLGTKRMWELLDKITKGEGA
LEDIEKLEKLAPLVKTGSLCGLGQTAPNPVLTTLKYFKDEYLAHIEGRCPAKVCKPLIKYVIITEKCTGCTACAIMCPVK
AISGERGKPHLINQEACIKCGTCYEVCRFNAIEITDAKKEGE
;
B
3 'polypeptide(L)'
;MNIQLEYIYHYEPNPSSLIPLLQKTQETFGYLPKEALEEISRYLKVPLSRVYGVATFYAQFRFEPLGKYVIKICHGTACH
VNGAVNISQAIREEVGIEEGQTTVDGLITLERVACLGCCSLAPVIMINEKVYGKLTPDKVRKIIRNLKEGKLNV
;
C
#
loop_
_chem_comp.id
_chem_comp.type
_chem_comp.name
_chem_comp.formula
FAD non-polymer 'FLAVIN-ADENINE DINUCLEOTIDE' 'C27 H33 N9 O15 P2'
FES non-polymer 'FE2/S2 (INORGANIC) CLUSTER' 'Fe2 S2'
FMN non-polymer 'FLAVIN MONONUCLEOTIDE' 'C17 H21 N4 O9 P'
NAD non-polymer NICOTINAMIDE-ADENINE-DINUCLEOTIDE 'C21 H27 N7 O14 P2'
SF4 non-polymer 'IRON/SULFUR CLUSTER' 'Fe4 S4'
ZN non-polymer 'ZINC ION' 'Zn 2'
#
# COMPACT_ATOMS: atom_id res chain seq x y z
N VAL A 10 -29.49 -9.87 14.76
CA VAL A 10 -28.79 -11.14 14.92
C VAL A 10 -27.66 -10.98 15.93
N LYS A 11 -27.21 -12.09 16.50
CA LYS A 11 -26.13 -12.09 17.47
C LYS A 11 -25.00 -12.98 17.00
N ILE A 12 -23.77 -12.51 17.20
CA ILE A 12 -22.57 -13.26 16.83
C ILE A 12 -21.64 -13.30 18.03
N THR A 13 -20.70 -14.23 17.99
CA THR A 13 -19.69 -14.38 19.03
C THR A 13 -18.33 -14.03 18.45
N VAL A 14 -17.65 -13.05 19.08
CA VAL A 14 -16.32 -12.63 18.66
C VAL A 14 -15.37 -12.91 19.80
N ASN A 15 -14.37 -13.76 19.54
CA ASN A 15 -13.37 -14.15 20.54
C ASN A 15 -14.00 -14.74 21.80
N GLY A 16 -15.13 -15.44 21.64
CA GLY A 16 -15.78 -16.11 22.73
C GLY A 16 -16.74 -15.28 23.54
N LYS A 17 -16.89 -13.99 23.23
CA LYS A 17 -17.79 -13.10 23.95
C LYS A 17 -19.01 -12.84 23.06
N GLU A 18 -20.20 -12.95 23.66
CA GLU A 18 -21.44 -12.80 22.91
C GLU A 18 -21.68 -11.34 22.58
N PHE A 19 -22.05 -11.06 21.33
CA PHE A 19 -22.25 -9.71 20.85
C PHE A 19 -23.53 -9.63 20.04
N GLU A 20 -24.08 -8.41 19.96
CA GLU A 20 -25.23 -8.12 19.12
C GLU A 20 -24.81 -7.12 18.05
N ALA A 21 -25.08 -7.46 16.78
CA ALA A 21 -24.63 -6.64 15.67
C ALA A 21 -25.76 -6.41 14.68
N PRO A 22 -25.77 -5.27 13.99
CA PRO A 22 -26.75 -5.06 12.92
C PRO A 22 -26.52 -5.99 11.76
N LYS A 23 -27.62 -6.38 11.11
CA LYS A 23 -27.57 -7.43 10.10
C LYS A 23 -27.17 -6.96 8.71
N ASP A 24 -27.35 -5.67 8.41
CA ASP A 24 -27.06 -5.15 7.07
C ASP A 24 -25.67 -4.55 6.96
N LYS A 25 -25.21 -3.83 7.98
CA LYS A 25 -23.90 -3.21 7.93
C LYS A 25 -22.80 -4.26 7.91
N SER A 26 -21.66 -3.88 7.37
CA SER A 26 -20.52 -4.78 7.32
C SER A 26 -20.00 -5.05 8.73
N LEU A 27 -19.34 -6.20 8.89
CA LEU A 27 -18.82 -6.57 10.20
C LEU A 27 -17.62 -5.72 10.61
N ILE A 28 -16.91 -5.13 9.65
CA ILE A 28 -15.69 -4.40 10.00
C ILE A 28 -16.01 -3.19 10.86
N GLU A 29 -17.16 -2.55 10.67
CA GLU A 29 -17.54 -1.42 11.50
C GLU A 29 -17.71 -1.82 12.95
N PHE A 30 -18.53 -2.84 13.20
CA PHE A 30 -18.75 -3.31 14.56
C PHE A 30 -17.47 -3.83 15.21
N LEU A 31 -16.67 -4.57 14.43
CA LEU A 31 -15.42 -5.11 14.96
C LEU A 31 -14.43 -4.00 15.30
N ARG A 32 -14.30 -2.99 14.44
CA ARG A 32 -13.45 -1.85 14.76
C ARG A 32 -13.97 -1.08 15.96
N GLU A 33 -15.28 -1.10 16.18
CA GLU A 33 -15.82 -0.54 17.41
C GLU A 33 -15.35 -1.32 18.63
N ILE A 34 -15.35 -2.65 18.54
CA ILE A 34 -15.04 -3.44 19.73
C ILE A 34 -13.55 -3.80 19.82
N THR A 35 -12.87 -4.07 18.71
CA THR A 35 -11.46 -4.46 18.76
C THR A 35 -10.71 -3.71 17.68
N HIS A 36 -9.46 -4.10 17.46
CA HIS A 36 -8.59 -3.49 16.45
C HIS A 36 -8.62 -4.38 15.22
N VAL A 37 -9.20 -3.86 14.14
CA VAL A 37 -9.20 -4.56 12.86
C VAL A 37 -8.57 -3.63 11.83
N PRO A 38 -7.34 -3.89 11.39
CA PRO A 38 -6.72 -3.02 10.39
C PRO A 38 -7.41 -3.13 9.04
N GLY A 39 -7.32 -2.05 8.28
CA GLY A 39 -7.88 -2.01 6.95
C GLY A 39 -7.81 -0.63 6.32
N PHE A 40 -7.43 -0.58 5.04
CA PHE A 40 -7.27 0.68 4.31
C PHE A 40 -8.47 1.04 3.46
N CYS A 41 -9.08 0.05 2.80
CA CYS A 41 -9.94 0.29 1.65
C CYS A 41 -11.43 0.18 1.99
N TYR A 42 -11.83 0.53 3.21
CA TYR A 42 -13.24 0.50 3.55
C TYR A 42 -13.72 1.88 3.98
N THR A 43 -14.90 2.24 3.48
CA THR A 43 -15.65 3.39 3.94
C THR A 43 -17.12 3.15 3.62
N GLU A 44 -18.00 3.76 4.41
CA GLU A 44 -19.43 3.53 4.26
C GLU A 44 -19.97 4.13 2.97
N ALA A 45 -19.27 5.12 2.40
CA ALA A 45 -19.79 5.84 1.25
C ALA A 45 -19.90 4.96 0.02
N PHE A 46 -18.99 4.00 -0.15
CA PHE A 46 -19.00 3.12 -1.30
C PHE A 46 -19.22 1.68 -0.84
N ASP A 47 -19.37 0.79 -1.82
CA ASP A 47 -19.53 -0.62 -1.53
C ASP A 47 -18.24 -1.19 -0.94
N PRO A 48 -18.32 -2.32 -0.24
CA PRO A 48 -17.10 -2.93 0.31
C PRO A 48 -16.08 -3.22 -0.78
N TYR A 49 -14.82 -3.00 -0.44
CA TYR A 49 -13.68 -3.17 -1.34
C TYR A 49 -12.72 -4.16 -0.68
N GLY A 50 -12.22 -5.11 -1.46
CA GLY A 50 -11.31 -6.10 -0.92
C GLY A 50 -9.88 -5.97 -1.42
N SER A 51 -9.37 -4.74 -1.48
CA SER A 51 -8.08 -4.49 -2.11
C SER A 51 -6.91 -4.46 -1.15
N CYS A 52 -7.15 -4.52 0.17
CA CYS A 52 -6.04 -4.50 1.12
C CYS A 52 -5.90 -5.80 1.90
N ARG A 53 -6.98 -6.54 2.11
CA ARG A 53 -6.96 -7.88 2.72
C ARG A 53 -6.36 -7.87 4.11
N LEU A 54 -6.60 -6.79 4.87
CA LEU A 54 -6.04 -6.65 6.21
C LEU A 54 -7.04 -6.87 7.32
N CYS A 55 -8.33 -6.91 7.01
CA CYS A 55 -9.39 -7.06 8.02
C CYS A 55 -9.76 -8.51 8.27
N LEU A 56 -8.80 -9.42 8.11
CA LEU A 56 -9.09 -10.85 8.17
C LEU A 56 -9.57 -11.26 9.56
N VAL A 57 -10.52 -12.19 9.58
CA VAL A 57 -10.98 -12.82 10.80
C VAL A 57 -11.05 -14.32 10.55
N GLN A 58 -11.08 -15.09 11.64
CA GLN A 58 -11.18 -16.54 11.55
C GLN A 58 -12.64 -16.94 11.73
N THR A 59 -13.20 -17.56 10.71
CA THR A 59 -14.57 -18.05 10.67
C THR A 59 -14.57 -19.57 10.63
N PRO A 60 -15.72 -20.20 10.86
CA PRO A 60 -15.80 -21.66 10.68
C PRO A 60 -15.44 -22.12 9.27
N ARG A 61 -15.75 -21.34 8.25
CA ARG A 61 -15.41 -21.72 6.88
C ARG A 61 -13.97 -21.41 6.51
N GLY A 62 -13.22 -20.72 7.37
CA GLY A 62 -11.84 -20.38 7.10
C GLY A 62 -11.61 -18.92 7.42
N ILE A 63 -10.54 -18.38 6.85
CA ILE A 63 -10.15 -16.99 7.08
C ILE A 63 -10.73 -16.14 5.97
N THR A 64 -11.45 -15.08 6.34
CA THR A 64 -12.08 -14.22 5.36
C THR A 64 -12.19 -12.80 5.91
N THR A 65 -12.35 -11.84 5.01
CA THR A 65 -12.31 -10.44 5.38
C THR A 65 -13.62 -9.98 6.01
N SER A 66 -13.50 -9.19 7.08
CA SER A 66 -14.67 -8.77 7.84
C SER A 66 -15.46 -7.67 7.16
N CYS A 67 -14.85 -6.91 6.24
CA CYS A 67 -15.61 -5.88 5.55
C CYS A 67 -16.63 -6.46 4.59
N THR A 68 -16.35 -7.62 4.02
CA THR A 68 -17.28 -8.30 3.15
C THR A 68 -18.21 -9.24 3.90
N LEU A 69 -18.01 -9.39 5.22
CA LEU A 69 -18.83 -10.28 6.02
C LEU A 69 -20.02 -9.51 6.59
N LYS A 70 -21.16 -9.90 6.22
CA LYS A 70 -22.24 -9.37 7.03
C LYS A 70 -22.58 -10.36 8.14
N PRO A 71 -22.98 -9.86 9.31
CA PRO A 71 -23.22 -10.75 10.45
C PRO A 71 -24.27 -11.79 10.15
N MET A 72 -23.98 -13.02 10.57
CA MET A 72 -24.90 -14.15 10.43
C MET A 72 -25.04 -14.80 11.80
N GLU A 73 -26.21 -15.39 12.04
CA GLU A 73 -26.53 -15.95 13.34
C GLU A 73 -25.53 -17.04 13.73
N GLY A 74 -25.01 -16.95 14.94
CA GLY A 74 -24.14 -17.97 15.48
C GLY A 74 -22.73 -17.98 14.94
N LEU A 75 -22.31 -16.93 14.24
CA LEU A 75 -20.99 -16.91 13.64
C LEU A 75 -19.93 -16.67 14.71
N SER A 76 -18.85 -17.44 14.66
CA SER A 76 -17.74 -17.31 15.58
C SER A 76 -16.58 -16.60 14.89
N ILE A 77 -16.11 -15.52 15.50
CA ILE A 77 -15.07 -14.67 14.93
C ILE A 77 -13.87 -14.67 15.86
N GLU A 78 -12.72 -15.06 15.33
CA GLU A 78 -11.44 -14.96 16.05
C GLU A 78 -10.61 -13.88 15.38
N THR A 79 -10.42 -12.76 16.09
CA THR A 79 -9.75 -11.61 15.52
C THR A 79 -8.24 -11.64 15.71
N LEU A 80 -7.74 -12.34 16.73
CA LEU A 80 -6.30 -12.31 17.03
C LEU A 80 -5.78 -13.73 17.29
N SER A 81 -6.11 -14.66 16.41
CA SER A 81 -5.44 -15.95 16.46
C SER A 81 -4.02 -15.82 15.92
N ASP A 82 -3.23 -16.88 16.13
CA ASP A 82 -1.85 -16.87 15.65
C ASP A 82 -1.80 -16.78 14.13
N GLU A 83 -2.68 -17.50 13.45
CA GLU A 83 -2.72 -17.44 11.99
C GLU A 83 -3.15 -16.07 11.49
N ILE A 84 -4.11 -15.43 12.19
CA ILE A 84 -4.56 -14.10 11.77
C ILE A 84 -3.43 -13.09 11.93
N ILE A 85 -2.71 -13.13 13.05
CA ILE A 85 -1.56 -12.25 13.25
C ILE A 85 -0.51 -12.51 12.19
N GLU A 86 -0.25 -13.79 11.88
CA GLU A 86 0.76 -14.10 10.87
C GLU A 86 0.35 -13.57 9.50
N MET A 87 -0.92 -13.73 9.14
CA MET A 87 -1.40 -13.23 7.85
C MET A 87 -1.35 -11.71 7.77
N ARG A 88 -1.77 -11.02 8.83
CA ARG A 88 -1.74 -9.56 8.82
C ARG A 88 -0.31 -9.04 8.80
N LYS A 89 0.59 -9.67 9.56
CA LYS A 89 1.99 -9.27 9.53
C LYS A 89 2.59 -9.47 8.16
N THR A 90 2.29 -10.60 7.51
CA THR A 90 2.81 -10.85 6.18
C THR A 90 2.24 -9.87 5.17
N ALA A 91 0.96 -9.53 5.29
CA ALA A 91 0.35 -8.55 4.39
C ALA A 91 0.98 -7.17 4.57
N LEU A 92 1.21 -6.77 5.83
CA LEU A 92 1.88 -5.49 6.07
C LEU A 92 3.30 -5.49 5.55
N GLU A 93 4.02 -6.60 5.69
CA GLU A 93 5.37 -6.68 5.15
C GLU A 93 5.35 -6.62 3.63
N LEU A 94 4.36 -7.25 2.99
CA LEU A 94 4.20 -7.15 1.55
C LEU A 94 3.96 -5.71 1.12
N ILE A 95 3.11 -4.99 1.85
CA ILE A 95 2.83 -3.59 1.54
C ILE A 95 4.08 -2.74 1.73
N LEU A 96 4.82 -2.98 2.83
CA LEU A 96 6.03 -2.20 3.11
C LEU A 96 7.13 -2.49 2.11
N SER A 97 7.13 -3.68 1.51
CA SER A 97 8.08 -3.99 0.46
C SER A 97 7.91 -3.09 -0.75
N ASP A 98 6.74 -2.51 -0.94
CA ASP A 98 6.48 -1.60 -2.03
C ASP A 98 6.48 -0.14 -1.58
N HIS A 99 6.33 0.14 -0.29
CA HIS A 99 6.31 1.50 0.20
C HIS A 99 7.68 2.16 -0.01
N TYR A 100 7.65 3.44 -0.37
CA TYR A 100 8.86 4.22 -0.57
C TYR A 100 8.70 5.53 0.18
N GLY A 101 9.64 5.82 1.07
CA GLY A 101 9.61 7.08 1.78
C GLY A 101 10.24 6.94 3.16
N ASP A 102 10.38 8.08 3.81
CA ASP A 102 10.84 8.17 5.19
C ASP A 102 9.70 8.62 6.08
N CYS A 103 9.45 7.88 7.15
CA CYS A 103 8.49 8.35 8.15
C CYS A 103 9.02 9.59 8.85
N ILE A 104 10.24 9.52 9.34
CA ILE A 104 10.92 10.64 9.97
C ILE A 104 12.20 10.90 9.19
N GLY A 105 12.78 12.07 9.42
CA GLY A 105 14.06 12.39 8.84
C GLY A 105 15.19 11.69 9.58
N PRO A 106 16.31 11.45 8.90
CA PRO A 106 17.45 10.81 9.58
C PRO A 106 18.01 11.64 10.72
N CYS A 107 17.72 12.94 10.76
CA CYS A 107 18.13 13.77 11.87
C CYS A 107 17.49 13.31 13.18
N GLN A 108 16.25 12.84 13.13
CA GLN A 108 15.59 12.34 14.32
C GLN A 108 16.11 10.98 14.74
N ASN A 109 16.47 10.13 13.77
CA ASN A 109 17.02 8.82 14.10
C ASN A 109 18.43 8.95 14.69
N GLY A 110 19.22 9.89 14.18
CA GLY A 110 20.58 10.05 14.67
C GLY A 110 20.64 10.64 16.07
N CYS A 111 19.65 11.45 16.43
CA CYS A 111 19.61 12.02 17.77
C CYS A 111 19.36 10.91 18.78
N PRO A 112 20.22 10.73 19.79
CA PRO A 112 19.96 9.71 20.80
C PRO A 112 18.63 9.90 21.53
N ALA A 113 18.20 11.14 21.73
CA ALA A 113 16.88 11.37 22.31
C ALA A 113 15.76 11.22 21.30
N HIS A 114 16.07 11.20 20.01
CA HIS A 114 15.10 11.06 18.92
C HIS A 114 14.07 12.20 18.95
N SER A 115 14.58 13.42 18.79
CA SER A 115 13.75 14.61 18.85
C SER A 115 13.29 15.03 17.47
N ASP A 116 12.14 15.70 17.43
CA ASP A 116 11.51 16.11 16.17
C ASP A 116 12.28 17.31 15.62
N VAL A 117 13.41 17.01 14.99
CA VAL A 117 14.31 18.05 14.50
C VAL A 117 13.65 18.86 13.38
N GLN A 118 13.01 18.17 12.44
CA GLN A 118 12.40 18.83 11.29
C GLN A 118 11.30 19.80 11.71
N GLY A 119 10.49 19.41 12.69
CA GLY A 119 9.40 20.27 13.12
C GLY A 119 9.87 21.58 13.72
N TYR A 120 10.86 21.52 14.62
CA TYR A 120 11.30 22.77 15.21
C TYR A 120 12.22 23.56 14.29
N LEU A 121 12.86 22.92 13.31
CA LEU A 121 13.51 23.68 12.24
C LEU A 121 12.49 24.47 11.44
N ALA A 122 11.35 23.86 11.12
CA ALA A 122 10.28 24.58 10.45
C ALA A 122 9.74 25.72 11.30
N LEU A 123 9.59 25.49 12.60
CA LEU A 123 9.15 26.54 13.51
C LEU A 123 10.16 27.68 13.61
N ILE A 124 11.44 27.36 13.54
CA ILE A 124 12.49 28.39 13.53
C ILE A 124 12.43 29.19 12.24
N ALA A 125 12.17 28.51 11.12
CA ALA A 125 12.04 29.22 9.85
C ALA A 125 10.84 30.15 9.86
N MET A 126 9.75 29.74 10.50
CA MET A 126 8.59 30.62 10.59
C MET A 126 8.80 31.77 11.56
N GLY A 127 9.79 31.69 12.43
CA GLY A 127 10.09 32.75 13.37
C GLY A 127 9.50 32.58 14.75
N ARG A 128 8.96 31.41 15.08
CA ARG A 128 8.35 31.16 16.38
C ARG A 128 9.33 30.34 17.22
N TYR A 129 10.27 31.05 17.85
CA TYR A 129 11.35 30.39 18.57
C TYR A 129 10.87 29.71 19.84
N HIS A 130 9.89 30.30 20.52
CA HIS A 130 9.33 29.66 21.71
C HIS A 130 8.68 28.33 21.37
N GLU A 131 7.99 28.26 20.23
CA GLU A 131 7.37 27.00 19.81
C GLU A 131 8.42 25.96 19.42
N ALA A 132 9.51 26.41 18.81
CA ALA A 132 10.60 25.49 18.50
C ALA A 132 11.19 24.90 19.79
N VAL A 133 11.40 25.74 20.80
CA VAL A 133 11.92 25.25 22.07
C VAL A 133 10.92 24.31 22.73
N LYS A 134 9.62 24.61 22.61
CA LYS A 134 8.59 23.72 23.14
C LYS A 134 8.65 22.35 22.48
N LEU A 135 8.87 22.31 21.17
CA LEU A 135 9.04 21.02 20.51
C LEU A 135 10.33 20.32 20.93
N MET A 136 11.38 21.10 21.21
CA MET A 136 12.63 20.52 21.71
C MET A 136 12.44 19.87 23.08
N LYS A 137 11.62 20.48 23.94
CA LYS A 137 11.46 20.02 25.31
C LYS A 137 10.79 18.66 25.41
N GLU A 138 10.09 18.22 24.36
CA GLU A 138 9.38 16.95 24.41
C GLU A 138 10.32 15.75 24.47
N LYS A 139 11.54 15.89 23.99
CA LYS A 139 12.48 14.78 23.95
C LYS A 139 13.72 14.97 24.81
N TYR A 140 14.17 16.20 25.02
CA TYR A 140 15.33 16.41 25.87
C TYR A 140 15.22 17.74 26.61
N ILE A 141 15.87 17.79 27.77
CA ILE A 141 16.00 18.99 28.57
C ILE A 141 17.23 19.76 28.13
N LEU A 142 17.35 21.00 28.58
CA LEU A 142 18.52 21.84 28.41
C LEU A 142 18.89 22.02 26.95
N PRO A 143 18.06 22.69 26.14
CA PRO A 143 18.44 22.91 24.74
C PRO A 143 19.57 23.89 24.55
N ALA A 144 19.79 24.83 25.48
CA ALA A 144 20.92 25.74 25.36
C ALA A 144 22.24 25.02 25.65
N VAL A 145 22.26 24.19 26.69
CA VAL A 145 23.45 23.41 27.00
C VAL A 145 23.80 22.49 25.83
N LEU A 146 22.80 21.81 25.26
CA LEU A 146 23.05 20.93 24.14
C LEU A 146 23.43 21.71 22.88
N GLY A 147 22.85 22.90 22.68
CA GLY A 147 23.29 23.73 21.58
C GLY A 147 24.70 24.23 21.73
N ARG A 148 25.22 24.24 22.96
CA ARG A 148 26.61 24.61 23.15
C ARG A 148 27.57 23.43 23.13
N VAL A 149 27.18 22.26 23.63
CA VAL A 149 28.14 21.19 23.85
C VAL A 149 27.84 19.91 23.07
N CYS A 150 26.60 19.66 22.64
CA CYS A 150 26.26 18.33 22.13
C CYS A 150 27.08 17.99 20.89
N PRO A 151 27.56 16.74 20.78
CA PRO A 151 28.40 16.36 19.63
C PRO A 151 27.68 16.41 18.28
N ALA A 152 26.39 16.72 18.29
CA ALA A 152 25.57 16.86 17.09
C ALA A 152 25.52 15.56 16.29
N PHE A 153 24.93 14.54 16.91
CA PHE A 153 24.68 13.27 16.24
C PHE A 153 23.67 13.41 15.12
N CYS A 154 22.79 14.41 15.19
CA CYS A 154 21.76 14.59 14.18
C CYS A 154 22.35 15.06 12.86
N GLU A 155 23.45 15.81 12.90
CA GLU A 155 24.09 16.28 11.69
C GLU A 155 25.01 15.25 11.07
N GLU A 156 25.24 14.13 11.73
CA GLU A 156 26.10 13.09 11.15
C GLU A 156 25.44 12.39 9.97
N GLU A 157 24.12 12.20 10.02
CA GLU A 157 23.41 11.48 8.96
C GLU A 157 22.30 12.31 8.33
N CYS A 158 22.37 13.62 8.45
CA CYS A 158 21.38 14.49 7.82
C CYS A 158 21.41 14.31 6.30
N ARG A 159 20.25 14.47 5.67
CA ARG A 159 20.15 14.31 4.23
C ARG A 159 20.75 15.48 3.46
N ARG A 160 21.08 16.58 4.14
CA ARG A 160 21.86 17.65 3.55
C ARG A 160 23.33 17.32 3.43
N ASN A 161 23.80 16.29 4.15
CA ASN A 161 25.15 15.78 3.90
C ASN A 161 25.27 15.23 2.48
N LEU A 162 24.17 14.77 1.91
CA LEU A 162 24.13 14.28 0.54
C LEU A 162 24.01 15.41 -0.48
N VAL A 163 23.83 16.65 -0.04
CA VAL A 163 23.75 17.75 -0.99
C VAL A 163 24.97 18.66 -0.86
N GLU A 164 25.02 19.44 0.21
CA GLU A 164 26.19 20.28 0.44
C GLU A 164 26.79 20.08 1.83
N GLU A 165 25.96 20.28 2.86
CA GLU A 165 26.43 20.44 4.23
C GLU A 165 25.25 20.26 5.16
N PRO A 166 25.41 19.54 6.28
CA PRO A 166 24.27 19.29 7.17
C PRO A 166 23.74 20.58 7.77
N LEU A 167 22.45 20.57 8.07
CA LEU A 167 21.80 21.75 8.60
C LEU A 167 22.35 22.10 9.97
N ALA A 168 22.47 23.39 10.25
CA ALA A 168 22.99 23.85 11.54
C ALA A 168 21.96 23.65 12.63
N ILE A 169 21.65 22.40 12.93
CA ILE A 169 20.60 22.10 13.90
C ILE A 169 21.03 22.54 15.31
N ARG A 170 22.29 22.28 15.66
CA ARG A 170 22.77 22.68 16.98
C ARG A 170 22.82 24.20 17.13
N GLN A 171 23.25 24.91 16.08
CA GLN A 171 23.36 26.36 16.17
C GLN A 171 21.99 27.04 16.17
N LEU A 172 21.07 26.57 15.33
CA LEU A 172 19.72 27.11 15.34
C LEU A 172 19.01 26.78 16.65
N LYS A 173 19.25 25.58 17.19
CA LYS A 173 18.71 25.23 18.50
C LYS A 173 19.28 26.13 19.59
N ARG A 174 20.57 26.45 19.50
CA ARG A 174 21.16 27.38 20.46
C ARG A 174 20.53 28.76 20.35
N PHE A 175 20.31 29.24 19.13
CA PHE A 175 19.69 30.55 18.95
C PHE A 175 18.28 30.57 19.53
N ALA A 176 17.49 29.53 19.23
CA ALA A 176 16.12 29.48 19.72
C ALA A 176 16.09 29.35 21.24
N ALA A 177 16.99 28.55 21.81
CA ALA A 177 17.05 28.39 23.26
C ALA A 177 17.47 29.68 23.95
N ASP A 178 18.43 30.41 23.37
CA ASP A 178 18.81 31.70 23.93
C ASP A 178 17.68 32.71 23.84
N TYR A 179 16.98 32.73 22.71
CA TYR A 179 15.82 33.61 22.56
C TYR A 179 14.74 33.29 23.61
N ASP A 180 14.53 32.00 23.86
CA ASP A 180 13.55 31.61 24.86
C ASP A 180 14.01 31.94 26.28
N LEU A 181 15.31 31.80 26.54
CA LEU A 181 15.83 32.12 27.86
C LEU A 181 15.74 33.61 28.15
N GLU A 182 15.99 34.45 27.14
CA GLU A 182 16.01 35.89 27.37
C GLU A 182 14.62 36.51 27.31
N ASN A 183 13.77 36.06 26.40
CA ASN A 183 12.48 36.69 26.14
C ASN A 183 11.34 35.96 26.83
N GLY A 184 11.58 35.42 28.02
CA GLY A 184 10.56 34.72 28.76
C GLY A 184 10.63 33.24 28.51
N PRO A 185 11.05 32.48 29.53
CA PRO A 185 11.23 31.04 29.35
C PRO A 185 9.89 30.33 29.10
N TRP A 186 9.97 29.23 28.37
CA TRP A 186 8.80 28.38 28.17
C TRP A 186 8.79 27.30 29.24
N MET A 187 7.71 27.27 30.02
CA MET A 187 7.57 26.28 31.07
C MET A 187 6.41 25.35 30.75
N PRO A 188 6.59 24.04 30.87
CA PRO A 188 5.50 23.12 30.52
C PRO A 188 4.38 23.12 31.54
N GLU A 189 3.32 22.38 31.25
CA GLU A 189 2.18 22.23 32.15
C GLU A 189 2.35 20.95 32.95
N ILE A 190 2.20 21.05 34.26
CA ILE A 190 2.39 19.93 35.17
C ILE A 190 1.03 19.29 35.44
N PRO A 191 0.83 18.03 35.10
CA PRO A 191 -0.45 17.36 35.37
C PRO A 191 -0.68 17.23 36.87
N PRO A 192 -1.93 17.00 37.29
CA PRO A 192 -2.22 16.88 38.72
C PRO A 192 -1.43 15.77 39.38
N SER A 193 -1.25 15.91 40.69
CA SER A 193 -0.36 15.03 41.44
C SER A 193 -0.84 13.59 41.39
N THR A 194 0.09 12.69 41.07
CA THR A 194 -0.16 11.26 41.07
C THR A 194 0.03 10.63 42.44
N GLY A 195 0.45 11.41 43.43
CA GLY A 195 0.62 10.91 44.78
C GLY A 195 1.87 10.11 45.03
N LYS A 196 2.75 10.00 44.04
CA LYS A 196 4.00 9.26 44.17
C LYS A 196 5.18 10.21 44.16
N ARG A 197 6.15 9.95 45.02
CA ARG A 197 7.37 10.73 45.08
C ARG A 197 8.55 9.89 44.61
N ILE A 198 9.44 10.50 43.83
CA ILE A 198 10.58 9.81 43.25
C ILE A 198 11.86 10.44 43.77
N ALA A 199 12.84 9.60 44.10
CA ALA A 199 14.15 10.05 44.55
C ALA A 199 15.16 9.82 43.43
N VAL A 200 15.96 10.85 43.15
CA VAL A 200 17.00 10.77 42.14
C VAL A 200 18.33 11.05 42.82
N VAL A 201 19.30 10.16 42.64
CA VAL A 201 20.62 10.29 43.22
C VAL A 201 21.57 10.68 42.10
N GLY A 202 21.91 11.97 42.04
CA GLY A 202 22.75 12.48 40.98
C GLY A 202 22.14 13.70 40.32
N GLY A 203 22.87 14.80 40.30
CA GLY A 203 22.34 16.06 39.79
C GLY A 203 22.79 16.38 38.38
N GLY A 204 23.28 15.38 37.66
CA GLY A 204 23.77 15.58 36.32
C GLY A 204 22.67 15.61 35.29
N PRO A 205 23.04 15.56 34.01
CA PRO A 205 22.03 15.52 32.94
C PRO A 205 21.05 14.37 33.06
N ALA A 206 21.50 13.18 33.45
CA ALA A 206 20.60 12.05 33.57
C ALA A 206 19.60 12.25 34.70
N GLY A 207 20.09 12.69 35.86
CA GLY A 207 19.18 12.97 36.97
C GLY A 207 18.21 14.08 36.66
N LEU A 208 18.69 15.15 36.02
CA LEU A 208 17.82 16.25 35.65
C LEU A 208 16.76 15.81 34.64
N ALA A 209 17.14 14.97 33.68
CA ALA A 209 16.18 14.48 32.70
C ALA A 209 15.13 13.58 33.34
N CYS A 210 15.57 12.66 34.21
CA CYS A 210 14.62 11.80 34.91
C CYS A 210 13.67 12.63 35.77
N ALA A 211 14.20 13.64 36.47
CA ALA A 211 13.37 14.49 37.31
C ALA A 211 12.38 15.30 36.49
N TYR A 212 12.84 15.88 35.37
CA TYR A 212 11.96 16.69 34.54
C TYR A 212 10.83 15.84 33.95
N TYR A 213 11.16 14.64 33.47
CA TYR A 213 10.12 13.85 32.81
C TYR A 213 9.26 13.07 33.79
N LEU A 214 9.67 12.94 35.06
CA LEU A 214 8.74 12.46 36.08
C LEU A 214 7.93 13.58 36.70
N ARG A 215 8.42 14.82 36.64
CA ARG A 215 7.64 15.97 37.08
C ARG A 215 6.57 16.32 36.05
N THR A 216 6.88 16.17 34.76
CA THR A 216 5.89 16.42 33.72
C THR A 216 4.85 15.32 33.61
N MET A 217 5.02 14.21 34.33
CA MET A 217 4.00 13.19 34.41
C MET A 217 3.14 13.28 35.66
N GLY A 218 3.64 13.91 36.72
CA GLY A 218 2.84 14.13 37.91
C GLY A 218 3.57 13.84 39.21
N HIS A 219 4.47 12.88 39.19
CA HIS A 219 5.16 12.46 40.41
C HIS A 219 6.17 13.52 40.85
N ASP A 220 6.11 13.89 42.12
CA ASP A 220 7.08 14.83 42.67
C ASP A 220 8.44 14.16 42.77
N VAL A 221 9.49 14.91 42.42
CA VAL A 221 10.83 14.37 42.33
C VAL A 221 11.74 15.09 43.31
N THR A 222 12.60 14.33 43.97
CA THR A 222 13.63 14.86 44.85
C THR A 222 14.99 14.45 44.31
N ILE A 223 15.88 15.42 44.11
CA ILE A 223 17.20 15.18 43.55
C ILE A 223 18.22 15.18 44.68
N PHE A 224 19.03 14.12 44.75
CA PHE A 224 20.12 14.02 45.72
C PHE A 224 21.44 14.20 44.98
N ASP A 225 22.21 15.20 45.38
CA ASP A 225 23.49 15.49 44.76
C ASP A 225 24.52 15.77 45.84
N ALA A 226 25.71 15.21 45.69
CA ALA A 226 26.78 15.43 46.66
C ALA A 226 27.28 16.87 46.63
N MET A 227 27.55 17.38 45.42
CA MET A 227 28.08 18.72 45.28
C MET A 227 27.00 19.76 45.58
N PRO A 228 27.40 20.96 45.99
CA PRO A 228 26.41 21.98 46.36
C PRO A 228 25.58 22.50 45.19
N HIS A 229 26.02 22.31 43.95
CA HIS A 229 25.32 22.83 42.78
C HIS A 229 24.81 21.69 41.93
N LEU A 230 23.90 22.03 41.02
CA LEU A 230 23.35 21.07 40.07
C LEU A 230 24.13 21.10 38.77
N GLY A 231 23.86 20.11 37.93
CA GLY A 231 24.55 19.93 36.67
C GLY A 231 25.62 18.87 36.70
N GLY A 232 26.17 18.58 37.88
CA GLY A 232 27.21 17.59 38.01
C GLY A 232 28.45 17.93 37.20
N MET A 233 28.72 17.13 36.17
CA MET A 233 29.86 17.39 35.30
C MET A 233 29.56 18.42 34.23
N MET A 234 28.34 18.98 34.20
CA MET A 234 28.12 20.18 33.41
C MET A 234 28.68 21.41 34.10
N ARG A 235 28.73 21.39 35.44
CA ARG A 235 29.26 22.48 36.24
C ARG A 235 30.71 22.26 36.65
N TYR A 236 31.06 21.06 37.08
CA TYR A 236 32.41 20.75 37.56
C TYR A 236 33.23 19.99 36.53
N GLY A 237 32.69 19.80 35.34
CA GLY A 237 33.37 19.10 34.27
C GLY A 237 33.69 20.04 33.13
N ILE A 238 32.80 20.09 32.14
CA ILE A 238 32.85 20.97 30.98
C ILE A 238 33.28 22.37 31.41
N PRO A 239 34.39 22.88 30.88
CA PRO A 239 34.95 24.15 31.34
C PRO A 239 34.11 25.33 30.89
N PRO A 240 34.27 26.49 31.52
CA PRO A 240 33.37 27.62 31.24
C PRO A 240 33.57 28.29 29.89
N TYR A 241 34.68 28.06 29.19
CA TYR A 241 34.82 28.65 27.86
C TYR A 241 34.00 27.92 26.81
N ARG A 242 33.49 26.73 27.13
CA ARG A 242 32.55 26.03 26.27
C ARG A 242 31.11 26.17 26.75
N LEU A 243 30.91 26.17 28.07
CA LEU A 243 29.59 26.27 28.67
C LEU A 243 29.67 27.29 29.81
N PRO A 244 29.29 28.53 29.55
CA PRO A 244 29.25 29.53 30.63
C PRO A 244 28.27 29.11 31.72
N LYS A 245 28.62 29.42 32.97
CA LYS A 245 27.85 28.92 34.09
C LYS A 245 26.59 29.74 34.35
N ASP A 246 26.48 30.95 33.81
CA ASP A 246 25.22 31.67 33.89
C ASP A 246 24.19 31.07 32.95
N VAL A 247 24.64 30.63 31.77
CA VAL A 247 23.76 29.88 30.87
C VAL A 247 23.29 28.59 31.53
N LEU A 248 24.21 27.90 32.21
CA LEU A 248 23.84 26.68 32.92
C LEU A 248 22.87 26.97 34.05
N ASP A 249 23.08 28.08 34.77
CA ASP A 249 22.15 28.43 35.83
C ASP A 249 20.76 28.71 35.28
N LYS A 250 20.68 29.41 34.15
CA LYS A 250 19.38 29.68 33.53
C LYS A 250 18.71 28.40 33.04
N ASP A 251 19.48 27.49 32.43
CA ASP A 251 18.89 26.25 31.92
C ASP A 251 18.46 25.31 33.05
N ILE A 252 19.30 25.15 34.07
CA ILE A 252 18.92 24.35 35.22
C ILE A 252 17.77 25.01 35.96
N ALA A 253 17.68 26.35 35.95
CA ALA A 253 16.51 27.00 36.50
C ALA A 253 15.27 26.63 35.71
N THR A 254 15.38 26.58 34.39
CA THR A 254 14.26 26.14 33.57
C THR A 254 13.79 24.75 33.97
N VAL A 255 14.73 23.85 34.23
CA VAL A 255 14.36 22.49 34.66
C VAL A 255 13.75 22.51 36.06
N ILE A 256 14.39 23.21 37.00
CA ILE A 256 14.07 23.09 38.42
C ILE A 256 12.82 23.89 38.80
N ASN A 257 12.46 24.92 38.05
CA ASN A 257 11.25 25.68 38.33
C ASN A 257 9.99 24.87 38.12
N THR A 258 10.09 23.70 37.49
CA THR A 258 8.94 22.80 37.34
C THR A 258 8.48 22.22 38.68
N GLY A 259 9.30 22.29 39.73
CA GLY A 259 8.86 21.88 41.04
C GLY A 259 9.67 20.75 41.65
N ILE A 260 10.94 20.63 41.24
CA ILE A 260 11.81 19.56 41.71
C ILE A 260 12.58 20.08 42.91
N GLU A 261 12.37 19.45 44.07
CA GLU A 261 13.11 19.85 45.26
C GLU A 261 14.53 19.33 45.18
N VAL A 262 15.49 20.21 45.40
CA VAL A 262 16.90 19.90 45.21
C VAL A 262 17.55 19.72 46.57
N LYS A 263 18.14 18.56 46.79
CA LYS A 263 18.88 18.27 48.00
C LYS A 263 20.35 18.16 47.62
N THR A 264 21.14 19.15 48.00
CA THR A 264 22.58 19.16 47.77
C THR A 264 23.31 18.96 49.07
N ASN A 265 24.56 18.48 48.96
CA ASN A 265 25.36 18.05 50.11
C ASN A 265 24.64 16.97 50.91
N THR A 266 23.85 16.15 50.22
CA THR A 266 23.16 15.00 50.81
C THR A 266 23.48 13.81 49.91
N ALA A 267 24.56 13.10 50.23
CA ALA A 267 25.10 12.07 49.36
C ALA A 267 24.64 10.68 49.81
N LEU A 268 24.44 9.79 48.84
CA LEU A 268 24.14 8.40 49.11
C LEU A 268 25.42 7.68 49.52
N GLY A 269 25.36 6.93 50.62
CA GLY A 269 26.51 6.28 51.18
C GLY A 269 27.18 7.02 52.32
N LYS A 270 26.92 8.33 52.44
CA LYS A 270 27.45 9.13 53.51
C LYS A 270 26.38 9.76 54.39
N ASP A 271 25.22 10.09 53.85
CA ASP A 271 24.13 10.66 54.63
C ASP A 271 22.97 9.70 54.80
N ILE A 272 22.50 9.08 53.72
CA ILE A 272 21.42 8.11 53.78
C ILE A 272 21.86 6.85 53.04
N ALA A 273 21.22 5.74 53.39
CA ALA A 273 21.53 4.45 52.79
C ALA A 273 20.49 4.10 51.72
N LEU A 274 20.91 3.23 50.80
CA LEU A 274 20.03 2.87 49.69
C LEU A 274 18.82 2.05 50.16
N GLU A 275 18.99 1.24 51.21
CA GLU A 275 17.85 0.53 51.76
C GLU A 275 16.83 1.49 52.35
N GLU A 276 17.30 2.45 53.15
CA GLU A 276 16.41 3.49 53.65
C GLU A 276 15.88 4.36 52.52
N LEU A 277 16.68 4.57 51.47
CA LEU A 277 16.21 5.35 50.33
C LEU A 277 15.04 4.66 49.65
N ARG A 278 15.11 3.35 49.47
CA ARG A 278 13.98 2.61 48.91
C ARG A 278 12.80 2.58 49.86
N GLU A 279 13.07 2.47 51.17
CA GLU A 279 11.98 2.41 52.15
C GLU A 279 11.23 3.72 52.23
N GLN A 280 11.89 4.85 51.97
CA GLN A 280 11.29 6.16 52.12
C GLN A 280 10.84 6.77 50.80
N TYR A 281 10.94 6.04 49.69
CA TYR A 281 10.58 6.59 48.39
C TYR A 281 9.96 5.51 47.52
N ASP A 282 9.16 5.95 46.54
CA ASP A 282 8.47 5.02 45.66
C ASP A 282 9.40 4.42 44.61
N ALA A 283 10.31 5.21 44.06
CA ALA A 283 11.27 4.71 43.08
C ALA A 283 12.55 5.53 43.18
N VAL A 284 13.64 4.95 42.70
CA VAL A 284 14.96 5.56 42.81
C VAL A 284 15.72 5.37 41.50
N PHE A 285 16.37 6.44 41.04
CA PHE A 285 17.22 6.44 39.86
C PHE A 285 18.63 6.77 40.29
N LEU A 286 19.60 5.98 39.85
CA LEU A 286 21.01 6.16 40.21
C LEU A 286 21.72 6.83 39.04
N GLY A 287 21.74 8.16 39.06
CA GLY A 287 22.49 8.92 38.09
C GLY A 287 23.73 9.52 38.72
N VAL A 288 24.42 8.73 39.54
CA VAL A 288 25.55 9.20 40.33
C VAL A 288 26.78 9.39 39.44
N GLY A 289 26.63 9.12 38.15
CA GLY A 289 27.74 9.33 37.26
C GLY A 289 28.85 8.32 37.49
N ALA A 290 30.04 8.72 37.08
CA ALA A 290 31.23 7.88 37.13
C ALA A 290 32.40 8.68 37.69
N TRP A 291 32.17 9.32 38.84
CA TRP A 291 33.06 10.37 39.33
C TRP A 291 34.46 9.87 39.68
N LYS A 292 34.66 8.56 39.79
CA LYS A 292 35.99 8.03 40.09
C LYS A 292 36.76 7.84 38.80
N SER A 293 38.01 8.30 38.78
CA SER A 293 38.85 8.20 37.60
C SER A 293 39.62 6.87 37.62
N ARG A 294 39.68 6.23 36.46
CA ARG A 294 40.31 4.93 36.35
C ARG A 294 41.82 5.09 36.27
N LYS A 295 42.53 4.46 37.21
CA LYS A 295 43.98 4.49 37.20
C LYS A 295 44.52 3.70 36.02
N MET A 296 45.61 4.21 35.43
CA MET A 296 46.15 3.59 34.22
C MET A 296 46.65 2.18 34.48
N GLY A 297 47.32 1.98 35.61
CA GLY A 297 47.78 0.65 35.98
C GLY A 297 49.19 0.37 35.53
N ILE A 298 50.12 1.30 35.81
CA ILE A 298 51.53 1.13 35.50
C ILE A 298 52.33 1.43 36.75
N GLU A 299 53.61 1.05 36.72
CA GLU A 299 54.48 1.25 37.86
C GLU A 299 54.86 2.73 37.99
N GLY A 300 54.87 3.21 39.22
CA GLY A 300 55.25 4.59 39.49
C GLY A 300 54.15 5.61 39.38
N GLU A 301 52.89 5.19 39.45
CA GLU A 301 51.78 6.13 39.36
C GLU A 301 51.62 6.98 40.62
N ASP A 302 52.27 6.62 41.71
CA ASP A 302 52.12 7.33 42.98
C ASP A 302 53.05 8.54 43.09
N LEU A 303 53.86 8.81 42.08
CA LEU A 303 54.80 9.92 42.14
C LEU A 303 54.07 11.25 42.22
N ASP A 304 54.68 12.20 42.93
CA ASP A 304 54.14 13.55 43.00
C ASP A 304 54.15 14.19 41.62
N GLY A 305 53.06 14.86 41.27
CA GLY A 305 52.88 15.38 39.94
C GLY A 305 52.08 14.49 39.02
N VAL A 306 51.43 13.46 39.55
CA VAL A 306 50.48 12.65 38.80
C VAL A 306 49.11 12.93 39.38
N ILE A 307 48.24 13.56 38.60
CA ILE A 307 46.92 13.96 39.03
C ILE A 307 45.91 13.43 38.02
N HIS A 308 44.67 13.32 38.46
CA HIS A 308 43.60 12.82 37.61
C HIS A 308 42.95 13.98 36.85
N GLY A 309 42.48 13.68 35.65
CA GLY A 309 41.91 14.73 34.80
C GLY A 309 40.65 15.32 35.38
N THR A 310 39.75 14.47 35.89
CA THR A 310 38.51 14.97 36.47
C THR A 310 38.77 15.79 37.72
N GLU A 311 39.73 15.36 38.55
CA GLU A 311 40.08 16.13 39.74
C GLU A 311 40.66 17.49 39.37
N PHE A 312 41.51 17.51 38.35
CA PHE A 312 42.06 18.77 37.85
C PHE A 312 40.96 19.70 37.35
N LEU A 313 40.01 19.16 36.58
CA LEU A 313 38.93 19.98 36.04
C LEU A 313 38.02 20.51 37.14
N ARG A 314 37.69 19.69 38.13
CA ARG A 314 36.83 20.18 39.19
C ARG A 314 37.56 21.17 40.09
N LYS A 315 38.89 21.03 40.23
CA LYS A 315 39.65 22.04 40.95
C LYS A 315 39.64 23.37 40.20
N VAL A 316 39.76 23.33 38.87
CA VAL A 316 39.78 24.57 38.09
C VAL A 316 38.40 25.22 38.08
N ASN A 317 37.34 24.42 37.91
CA ASN A 317 35.99 24.98 37.84
C ASN A 317 35.55 25.57 39.19
N MET A 318 35.87 24.89 40.29
CA MET A 318 35.38 25.33 41.59
C MET A 318 36.07 26.59 42.10
N GLY A 319 37.16 27.01 41.48
CA GLY A 319 37.84 28.21 41.91
C GLY A 319 38.92 27.94 42.93
N GLU A 320 39.71 26.90 42.68
CA GLU A 320 40.80 26.53 43.57
C GLU A 320 42.13 26.61 42.82
N LYS A 321 43.21 26.57 43.59
CA LYS A 321 44.56 26.69 43.03
C LYS A 321 45.11 25.31 42.76
N VAL A 322 45.48 25.05 41.51
CA VAL A 322 46.10 23.80 41.10
C VAL A 322 47.49 24.12 40.59
N GLU A 323 48.50 23.49 41.19
CA GLU A 323 49.89 23.77 40.83
C GLU A 323 50.22 23.02 39.55
N LEU A 324 50.35 23.75 38.45
CA LEU A 324 50.58 23.16 37.15
C LEU A 324 51.89 23.70 36.57
N GLY A 325 52.75 22.80 36.12
CA GLY A 325 54.02 23.18 35.55
C GLY A 325 53.90 23.56 34.09
N LYS A 326 55.06 23.81 33.49
CA LYS A 326 55.09 24.24 32.09
C LYS A 326 54.76 23.09 31.14
N ARG A 327 55.32 21.90 31.40
CA ARG A 327 55.19 20.76 30.50
C ARG A 327 54.20 19.77 31.11
N VAL A 328 53.05 19.61 30.46
CA VAL A 328 51.99 18.73 30.93
C VAL A 328 51.71 17.70 29.86
N ILE A 329 51.67 16.43 30.26
CA ILE A 329 51.23 15.35 29.40
C ILE A 329 49.89 14.86 29.91
N VAL A 330 48.94 14.67 29.00
CA VAL A 330 47.61 14.21 29.31
C VAL A 330 47.38 12.87 28.62
N VAL A 331 46.89 11.89 29.36
CA VAL A 331 46.60 10.57 28.83
C VAL A 331 45.09 10.43 28.68
N GLY A 332 44.64 10.10 27.49
CA GLY A 332 43.23 9.94 27.23
C GLY A 332 42.87 10.37 25.83
N GLY A 333 41.68 9.97 25.42
CA GLY A 333 41.17 10.32 24.11
C GLY A 333 39.74 10.81 24.14
N GLY A 334 39.13 10.78 25.32
CA GLY A 334 37.75 11.20 25.47
C GLY A 334 37.62 12.71 25.52
N ASN A 335 36.40 13.15 25.81
CA ASN A 335 36.17 14.59 26.00
C ASN A 335 36.91 15.11 27.22
N THR A 336 37.16 14.25 28.21
CA THR A 336 37.90 14.67 29.40
C THR A 336 39.30 15.12 29.05
N ALA A 337 39.99 14.37 28.18
CA ALA A 337 41.33 14.74 27.78
C ALA A 337 41.34 16.07 27.05
N MET A 338 40.35 16.30 26.19
CA MET A 338 40.27 17.56 25.47
C MET A 338 40.04 18.73 26.42
N ASP A 339 39.15 18.55 27.40
CA ASP A 339 38.87 19.65 28.30
C ASP A 339 40.05 19.93 29.24
N VAL A 340 40.73 18.88 29.72
CA VAL A 340 41.91 19.14 30.54
C VAL A 340 43.00 19.78 29.70
N ALA A 341 43.13 19.41 28.41
CA ALA A 341 44.15 20.00 27.56
C ALA A 341 43.89 21.47 27.31
N ARG A 342 42.66 21.82 26.91
CA ARG A 342 42.37 23.21 26.61
C ARG A 342 42.21 24.07 27.87
N THR A 343 42.02 23.45 29.03
CA THR A 343 42.03 24.20 30.29
C THR A 343 43.44 24.41 30.83
N ALA A 344 44.30 23.41 30.66
CA ALA A 344 45.70 23.57 31.06
C ALA A 344 46.45 24.50 30.13
N LEU A 345 46.03 24.57 28.87
CA LEU A 345 46.62 25.53 27.93
C LEU A 345 46.33 26.96 28.36
N ARG A 346 45.13 27.22 28.86
CA ARG A 346 44.78 28.56 29.33
C ARG A 346 45.47 28.92 30.63
N LEU A 347 45.88 27.94 31.42
CA LEU A 347 46.57 28.20 32.68
C LEU A 347 48.06 28.49 32.47
N GLY A 348 48.58 28.30 31.27
CA GLY A 348 49.97 28.63 31.01
C GLY A 348 50.89 27.44 30.92
N ALA A 349 50.44 26.37 30.26
CA ALA A 349 51.22 25.15 30.12
C ALA A 349 51.38 24.78 28.66
N ASP A 350 52.27 23.83 28.41
CA ASP A 350 52.48 23.24 27.09
C ASP A 350 51.99 21.81 27.18
N VAL A 351 50.75 21.57 26.73
CA VAL A 351 50.02 20.36 27.04
C VAL A 351 50.03 19.42 25.84
N THR A 352 50.38 18.16 26.09
CA THR A 352 50.33 17.10 25.09
C THR A 352 49.28 16.08 25.52
N VAL A 353 48.59 15.51 24.54
CA VAL A 353 47.53 14.54 24.78
C VAL A 353 47.92 13.22 24.14
N VAL A 354 47.83 12.14 24.92
CA VAL A 354 48.26 10.81 24.50
C VAL A 354 47.05 9.91 24.43
N TYR A 355 46.95 9.14 23.34
CA TYR A 355 45.81 8.29 23.07
C TYR A 355 46.27 7.00 22.44
N ARG A 356 45.61 5.89 22.80
CA ARG A 356 46.01 4.58 22.29
C ARG A 356 45.68 4.40 20.81
N ARG A 357 44.58 4.99 20.34
CA ARG A 357 44.05 4.71 19.01
C ARG A 357 44.32 5.88 18.07
N SER A 358 43.78 5.78 16.85
CA SER A 358 44.02 6.76 15.81
C SER A 358 43.11 7.98 16.01
N LYS A 359 43.16 8.91 15.05
CA LYS A 359 42.38 10.14 15.17
C LYS A 359 40.89 9.88 14.97
N SER A 360 40.54 9.07 13.98
CA SER A 360 39.13 8.84 13.66
C SER A 360 38.40 8.09 14.76
N GLU A 361 39.11 7.31 15.57
CA GLU A 361 38.50 6.54 16.64
C GLU A 361 38.42 7.33 17.95
N MET A 362 38.77 8.61 17.92
CA MET A 362 38.75 9.43 19.12
C MET A 362 37.32 9.68 19.56
N PRO A 363 36.93 9.28 20.77
CA PRO A 363 35.55 9.50 21.21
C PRO A 363 35.23 10.96 21.47
N ALA A 364 36.21 11.85 21.41
CA ALA A 364 35.99 13.25 21.71
C ALA A 364 35.20 13.94 20.61
N ASN A 365 34.56 15.04 20.99
CA ASN A 365 33.87 15.88 20.02
C ASN A 365 34.86 16.42 18.99
N SER A 366 34.53 16.27 17.71
CA SER A 366 35.49 16.55 16.65
C SER A 366 35.78 18.03 16.52
N ARG A 367 34.76 18.88 16.65
CA ARG A 367 34.99 20.31 16.58
C ARG A 367 35.87 20.80 17.71
N GLU A 368 35.77 20.18 18.89
CA GLU A 368 36.65 20.56 19.99
C GLU A 368 38.08 20.14 19.72
N VAL A 369 38.28 19.00 19.04
CA VAL A 369 39.63 18.61 18.63
C VAL A 369 40.21 19.61 17.63
N GLU A 370 39.40 20.03 16.66
CA GLU A 370 39.87 21.03 15.69
C GLU A 370 40.18 22.36 16.37
N GLU A 371 39.32 22.79 17.30
CA GLU A 371 39.57 24.03 18.03
C GLU A 371 40.84 23.93 18.86
N ALA A 372 41.07 22.79 19.51
CA ALA A 372 42.28 22.61 20.29
C ALA A 372 43.52 22.65 19.40
N GLU A 373 43.42 22.10 18.19
CA GLU A 373 44.50 22.25 17.22
C GLU A 373 44.72 23.72 16.88
N GLU A 374 43.64 24.49 16.78
CA GLU A 374 43.78 25.93 16.55
C GLU A 374 44.41 26.65 17.74
N GLU A 375 44.12 26.21 18.96
CA GLU A 375 44.64 26.87 20.14
C GLU A 375 46.05 26.45 20.51
N GLY A 376 46.56 25.36 19.93
CA GLY A 376 47.93 24.96 20.18
C GLY A 376 48.08 23.82 21.16
N VAL A 377 47.25 22.78 21.01
CA VAL A 377 47.35 21.58 21.82
C VAL A 377 48.01 20.50 20.98
N LYS A 378 49.10 19.94 21.49
CA LYS A 378 49.84 18.89 20.79
C LYS A 378 49.21 17.54 21.05
N PHE A 379 48.95 16.78 19.99
CA PHE A 379 48.28 15.49 20.10
C PHE A 379 49.25 14.37 19.77
N MET A 380 49.31 13.39 20.66
CA MET A 380 50.00 12.14 20.42
C MET A 380 48.95 11.05 20.30
N PHE A 381 48.87 10.44 19.12
CA PHE A 381 47.97 9.31 18.89
C PHE A 381 48.78 8.05 18.68
N LEU A 382 48.16 6.91 18.99
CA LEU A 382 48.80 5.59 18.90
C LEU A 382 50.05 5.52 19.79
N THR A 383 49.90 5.95 21.04
CA THR A 383 50.96 5.85 22.03
C THR A 383 50.31 5.67 23.40
N ASN A 384 51.07 5.09 24.34
CA ASN A 384 50.54 4.86 25.68
C ASN A 384 51.68 4.79 26.68
N PRO A 385 51.48 5.25 27.90
CA PRO A 385 52.55 5.22 28.91
C PRO A 385 52.86 3.83 29.44
N VAL A 386 54.12 3.66 29.85
CA VAL A 386 54.62 2.39 30.38
C VAL A 386 54.99 2.50 31.85
N LYS A 387 55.75 3.54 32.20
CA LYS A 387 56.06 3.81 33.60
C LYS A 387 56.42 5.28 33.74
N ILE A 388 56.30 5.77 34.97
CA ILE A 388 56.53 7.17 35.28
C ILE A 388 57.82 7.24 36.10
N ILE A 389 58.82 7.93 35.55
CA ILE A 389 60.18 7.88 36.08
C ILE A 389 60.45 9.16 36.86
N GLY A 390 61.02 9.00 38.06
CA GLY A 390 61.36 10.12 38.90
C GLY A 390 61.63 9.67 40.32
N LYS A 391 62.48 10.43 41.04
CA LYS A 391 62.77 10.08 42.43
C LYS A 391 61.52 10.17 43.29
N GLU A 392 60.98 11.35 43.42
CA GLU A 392 59.73 11.57 44.14
C GLU A 392 58.71 12.33 43.32
N LYS A 393 59.15 13.27 42.49
CA LYS A 393 58.28 13.96 41.55
C LYS A 393 58.49 13.40 40.15
N VAL A 394 57.50 13.62 39.29
CA VAL A 394 57.56 13.11 37.93
C VAL A 394 58.49 13.99 37.10
N GLU A 395 59.43 13.37 36.41
CA GLU A 395 60.35 14.08 35.54
C GLU A 395 60.31 13.58 34.10
N GLU A 396 60.13 12.28 33.89
CA GLU A 396 59.94 11.74 32.55
C GLU A 396 59.05 10.52 32.63
N VAL A 397 58.36 10.25 31.53
CA VAL A 397 57.48 9.09 31.41
C VAL A 397 57.81 8.39 30.10
N GLU A 398 57.98 7.08 30.17
CA GLU A 398 58.33 6.29 28.99
C GLU A 398 57.06 5.73 28.37
N LEU A 399 56.90 5.95 27.07
CA LEU A 399 55.77 5.44 26.33
C LEU A 399 56.26 4.47 25.27
N ILE A 400 55.31 3.76 24.67
CA ILE A 400 55.57 2.87 23.55
C ILE A 400 54.57 3.19 22.45
N LYS A 401 55.07 3.34 21.23
CA LYS A 401 54.17 3.53 20.09
C LYS A 401 53.29 2.30 19.91
N MET A 402 52.03 2.54 19.57
CA MET A 402 51.05 1.46 19.46
C MET A 402 50.59 1.28 18.02
N LYS A 403 50.20 0.04 17.70
CA LYS A 403 49.63 -0.29 16.40
C LYS A 403 48.62 -1.39 16.59
N LEU A 404 47.36 -1.10 16.29
CA LEU A 404 46.26 -2.05 16.49
C LEU A 404 46.05 -2.84 15.21
N GLY A 405 46.29 -4.15 15.28
CA GLY A 405 46.08 -5.02 14.15
C GLY A 405 44.67 -5.57 14.08
N GLU A 406 44.41 -6.33 13.02
CA GLU A 406 43.11 -6.95 12.85
C GLU A 406 42.91 -8.05 13.88
N PRO A 407 41.65 -8.28 14.33
CA PRO A 407 41.34 -9.34 15.30
C PRO A 407 41.68 -10.73 14.80
N ARG A 412 37.26 -5.34 15.81
CA ARG A 412 37.50 -4.65 17.07
C ARG A 412 38.81 -3.84 17.01
N ARG A 413 39.87 -4.51 16.58
CA ARG A 413 41.20 -3.90 16.45
C ARG A 413 41.66 -3.30 17.77
N ARG A 414 41.67 -4.12 18.81
CA ARG A 414 42.14 -3.66 20.12
C ARG A 414 43.62 -3.32 20.04
N PRO A 415 44.06 -2.19 20.60
CA PRO A 415 45.45 -1.78 20.46
C PRO A 415 46.40 -2.74 21.16
N MET A 416 47.51 -3.04 20.48
CA MET A 416 48.58 -3.87 21.03
C MET A 416 49.88 -3.14 20.75
N PRO A 417 50.70 -2.87 21.77
CA PRO A 417 51.90 -2.06 21.54
C PRO A 417 52.95 -2.77 20.70
N ILE A 418 53.76 -1.97 20.01
CA ILE A 418 54.91 -2.52 19.32
C ILE A 418 55.94 -3.00 20.33
N GLU A 419 56.88 -3.82 19.86
CA GLU A 419 57.80 -4.51 20.76
C GLU A 419 58.65 -3.52 21.55
N GLY A 420 59.16 -2.48 20.89
CA GLY A 420 59.91 -1.48 21.61
C GLY A 420 60.24 -0.22 20.83
N SER A 421 59.94 0.93 21.42
CA SER A 421 60.30 2.22 20.84
C SER A 421 60.87 3.20 21.85
N GLU A 422 60.59 3.05 23.15
CA GLU A 422 61.14 3.89 24.21
C GLU A 422 60.83 5.37 23.98
N PHE A 423 59.53 5.67 23.98
CA PHE A 423 59.06 7.06 23.89
C PHE A 423 59.22 7.71 25.26
N ARG A 424 60.43 8.17 25.52
CA ARG A 424 60.74 8.84 26.79
C ARG A 424 60.72 10.35 26.56
N VAL A 425 59.90 11.05 27.32
CA VAL A 425 59.74 12.49 27.19
C VAL A 425 59.86 13.10 28.58
N LYS A 426 60.63 14.19 28.70
CA LYS A 426 60.80 14.88 29.97
C LYS A 426 59.63 15.84 30.18
N VAL A 427 58.80 15.55 31.18
CA VAL A 427 57.59 16.32 31.44
C VAL A 427 57.51 16.64 32.92
N ASP A 428 56.74 17.68 33.23
CA ASP A 428 56.62 18.15 34.61
C ASP A 428 55.39 17.61 35.33
N ASN A 429 54.29 17.43 34.63
CA ASN A 429 53.07 16.89 35.21
C ASN A 429 52.49 15.83 34.30
N VAL A 430 51.87 14.82 34.92
CA VAL A 430 51.12 13.78 34.22
C VAL A 430 49.67 13.86 34.69
N ILE A 431 48.75 13.89 33.75
CA ILE A 431 47.32 13.98 34.04
C ILE A 431 46.64 12.78 33.39
N LEU A 432 45.91 12.01 34.20
CA LEU A 432 45.28 10.77 33.76
C LEU A 432 43.80 11.00 33.49
N ALA A 433 43.37 10.72 32.26
CA ALA A 433 41.98 10.77 31.86
C ALA A 433 41.64 9.52 31.05
N ILE A 434 42.04 8.36 31.58
CA ILE A 434 41.85 7.10 30.87
C ILE A 434 40.36 6.84 30.65
N GLY A 435 39.56 7.05 31.68
CA GLY A 435 38.13 6.87 31.58
C GLY A 435 37.44 7.30 32.86
N GLN A 436 36.37 6.59 33.22
CA GLN A 436 35.64 6.90 34.43
C GLN A 436 34.89 5.65 34.87
N TYR A 437 34.60 5.59 36.18
CA TYR A 437 33.73 4.57 36.74
C TYR A 437 33.24 5.06 38.09
N CYS A 438 32.28 4.33 38.65
CA CYS A 438 31.83 4.57 40.02
C CYS A 438 32.51 3.57 40.94
N ASP A 439 32.77 4.01 42.18
CA ASP A 439 33.59 3.25 43.11
C ASP A 439 33.04 1.86 43.34
N GLU A 440 33.89 0.84 43.14
CA GLU A 440 33.44 -0.53 43.32
C GLU A 440 33.11 -0.83 44.77
N GLU A 441 33.84 -0.22 45.71
CA GLU A 441 33.51 -0.40 47.13
C GLU A 441 32.13 0.17 47.44
N PHE A 442 31.84 1.36 46.91
CA PHE A 442 30.52 1.96 47.11
C PHE A 442 29.44 1.16 46.40
N LEU A 443 29.73 0.66 45.20
CA LEU A 443 28.74 -0.15 44.49
C LEU A 443 28.48 -1.47 45.22
N ARG A 444 29.49 -2.03 45.86
CA ARG A 444 29.31 -3.27 46.60
C ARG A 444 28.57 -3.03 47.91
N THR A 445 28.86 -1.93 48.59
CA THR A 445 28.28 -1.71 49.91
C THR A 445 26.82 -1.31 49.85
N ILE A 446 26.32 -0.90 48.68
CA ILE A 446 24.92 -0.56 48.51
C ILE A 446 24.11 -1.71 47.94
N GLY A 447 24.75 -2.84 47.63
CA GLY A 447 24.06 -3.98 47.08
C GLY A 447 23.51 -3.76 45.69
N ILE A 448 24.21 -2.99 44.87
CA ILE A 448 23.84 -2.77 43.47
C ILE A 448 24.92 -3.41 42.61
N GLU A 449 24.50 -4.33 41.75
CA GLU A 449 25.46 -5.09 40.95
C GLU A 449 26.04 -4.23 39.85
N ALA A 450 27.32 -4.46 39.57
CA ALA A 450 28.04 -3.73 38.54
C ALA A 450 29.24 -4.55 38.10
N LYS A 451 29.80 -4.18 36.96
CA LYS A 451 30.98 -4.85 36.43
C LYS A 451 31.94 -3.80 35.91
N ARG A 452 33.16 -3.78 36.46
CA ARG A 452 34.17 -2.76 36.17
C ARG A 452 33.68 -1.37 36.55
N GLY A 453 32.80 -1.29 37.54
CA GLY A 453 32.24 -0.03 37.98
C GLY A 453 31.01 0.42 37.23
N ARG A 454 30.70 -0.20 36.10
CA ARG A 454 29.52 0.14 35.31
C ARG A 454 28.35 -0.72 35.76
N VAL A 455 27.24 -0.06 36.14
CA VAL A 455 26.11 -0.76 36.73
C VAL A 455 25.47 -1.70 35.71
N LEU A 456 25.19 -2.93 36.15
CA LEU A 456 24.57 -3.93 35.30
C LEU A 456 23.05 -3.82 35.39
N VAL A 457 22.41 -3.50 34.26
CA VAL A 457 20.96 -3.38 34.18
C VAL A 457 20.45 -4.06 32.92
N ASP A 458 19.17 -4.37 32.93
CA ASP A 458 18.49 -4.78 31.71
C ASP A 458 18.54 -3.65 30.70
N GLU A 459 18.72 -3.99 29.42
CA GLU A 459 18.89 -2.96 28.42
C GLU A 459 17.61 -2.15 28.23
N VAL A 460 16.46 -2.82 28.21
CA VAL A 460 15.21 -2.11 27.98
C VAL A 460 14.78 -1.33 29.22
N THR A 461 14.56 -2.04 30.33
CA THR A 461 14.00 -1.42 31.52
C THR A 461 15.01 -0.59 32.29
N LEU A 462 16.32 -0.84 32.11
CA LEU A 462 17.39 -0.16 32.84
C LEU A 462 17.24 -0.33 34.35
N GLN A 463 16.73 -1.48 34.78
CA GLN A 463 16.45 -1.74 36.18
C GLN A 463 17.53 -2.64 36.77
N THR A 464 18.00 -2.29 37.96
CA THR A 464 19.10 -3.00 38.59
C THR A 464 18.61 -4.29 39.24
N ASN A 465 19.53 -4.97 39.92
CA ASN A 465 19.19 -6.19 40.66
C ASN A 465 18.40 -5.90 41.92
N LYS A 466 18.30 -4.65 42.34
CA LYS A 466 17.47 -4.23 43.46
C LYS A 466 16.19 -3.63 42.91
N GLU A 467 15.05 -4.16 43.36
CA GLU A 467 13.77 -3.76 42.81
C GLU A 467 13.45 -2.31 43.16
N GLY A 468 12.95 -1.56 42.19
CA GLY A 468 12.70 -0.15 42.34
C GLY A 468 13.86 0.74 41.99
N VAL A 469 15.02 0.18 41.66
CA VAL A 469 16.24 0.95 41.39
C VAL A 469 16.51 0.89 39.90
N PHE A 470 16.55 2.06 39.26
CA PHE A 470 16.94 2.21 37.87
C PHE A 470 18.25 2.99 37.81
N ALA A 471 18.91 2.93 36.66
CA ALA A 471 20.20 3.60 36.53
C ALA A 471 20.43 3.97 35.08
N GLY A 472 21.35 4.91 34.89
CA GLY A 472 21.67 5.40 33.57
C GLY A 472 22.72 6.49 33.66
N GLY A 473 23.07 7.02 32.49
CA GLY A 473 24.10 8.04 32.42
C GLY A 473 25.49 7.45 32.32
N ASP A 474 26.50 8.15 32.84
CA ASP A 474 27.86 7.62 32.85
C ASP A 474 28.00 6.43 33.80
N LEU A 475 27.08 6.27 34.75
CA LEU A 475 27.12 5.11 35.64
C LEU A 475 26.91 3.81 34.86
N VAL A 476 26.01 3.81 33.89
CA VAL A 476 25.73 2.61 33.11
C VAL A 476 26.54 2.60 31.82
N LEU A 477 26.51 3.69 31.07
CA LEU A 477 27.12 3.74 29.74
C LEU A 477 28.60 4.09 29.76
N GLY A 478 29.16 4.42 30.92
CA GLY A 478 30.56 4.76 31.02
C GLY A 478 30.88 6.10 30.43
N PRO A 479 31.68 6.12 29.36
CA PRO A 479 32.00 7.39 28.68
C PRO A 479 30.91 7.84 27.71
N SER A 480 29.86 8.45 28.25
CA SER A 480 28.72 8.90 27.47
C SER A 480 28.74 10.41 27.33
N THR A 481 27.73 10.94 26.65
CA THR A 481 27.57 12.37 26.42
C THR A 481 26.39 12.89 27.23
N VAL A 482 26.14 14.20 27.11
CA VAL A 482 25.00 14.79 27.79
C VAL A 482 23.69 14.28 27.20
N ILE A 483 23.61 14.21 25.87
CA ILE A 483 22.36 13.84 25.24
C ILE A 483 22.06 12.36 25.47
N GLU A 484 23.07 11.50 25.47
CA GLU A 484 22.85 10.08 25.76
C GLU A 484 22.39 9.88 27.19
N SER A 485 22.95 10.65 28.13
CA SER A 485 22.50 10.56 29.52
C SER A 485 21.08 11.07 29.68
N ILE A 486 20.72 12.14 28.97
CA ILE A 486 19.35 12.65 29.01
C ILE A 486 18.39 11.61 28.41
N ALA A 487 18.81 10.93 27.34
CA ALA A 487 17.98 9.89 26.75
C ALA A 487 17.77 8.73 27.71
N THR A 488 18.83 8.31 28.39
CA THR A 488 18.69 7.24 29.39
C THR A 488 17.81 7.69 30.55
N GLY A 489 17.91 8.97 30.95
CA GLY A 489 17.05 9.47 32.00
C GLY A 489 15.58 9.53 31.60
N ARG A 490 15.31 9.92 30.36
CA ARG A 490 13.93 9.92 29.87
C ARG A 490 13.37 8.51 29.79
N ARG A 491 14.18 7.57 29.31
CA ARG A 491 13.77 6.17 29.27
C ARG A 491 13.51 5.65 30.69
N ALA A 492 14.34 6.06 31.65
CA ALA A 492 14.14 5.66 33.02
C ALA A 492 12.89 6.30 33.63
N ALA A 493 12.55 7.51 33.22
CA ALA A 493 11.29 8.10 33.67
C ALA A 493 10.10 7.34 33.12
N ILE A 494 10.18 6.94 31.84
CA ILE A 494 9.13 6.10 31.25
C ILE A 494 8.99 4.80 32.02
N MET A 495 10.12 4.16 32.33
CA MET A 495 10.08 2.87 33.02
C MET A 495 9.67 3.02 34.48
N ILE A 496 9.99 4.16 35.11
CA ILE A 496 9.57 4.39 36.49
C ILE A 496 8.06 4.62 36.54
N ASP A 497 7.52 5.34 35.56
CA ASP A 497 6.07 5.47 35.49
C ASP A 497 5.41 4.12 35.25
N LEU A 498 6.01 3.29 34.38
CA LEU A 498 5.45 1.96 34.13
C LEU A 498 5.52 1.07 35.36
N TYR A 499 6.62 1.13 36.10
CA TYR A 499 6.77 0.33 37.32
C TYR A 499 5.88 0.83 38.44
N LEU A 500 5.54 2.13 38.43
CA LEU A 500 4.69 2.67 39.47
C LEU A 500 3.24 2.22 39.33
N LYS A 501 2.78 1.98 38.11
CA LYS A 501 1.43 1.49 37.89
C LYS A 501 1.39 -0.02 37.64
N GLY A 502 2.49 -0.72 37.93
CA GLY A 502 2.51 -2.16 37.88
C GLY A 502 2.54 -2.77 36.49
N LYS A 503 3.00 -2.04 35.49
CA LYS A 503 2.96 -2.52 34.11
C LYS A 503 4.35 -2.78 33.53
N LEU A 504 5.36 -2.96 34.37
CA LEU A 504 6.73 -3.03 33.87
C LEU A 504 7.02 -4.36 33.16
N GLU A 505 6.48 -5.46 33.67
CA GLU A 505 6.78 -6.76 33.08
C GLU A 505 6.11 -6.92 31.72
N LYS A 506 4.82 -6.58 31.64
CA LYS A 506 4.13 -6.64 30.35
C LYS A 506 4.73 -5.66 29.36
N ALA A 507 5.16 -4.49 29.84
CA ALA A 507 5.81 -3.53 28.97
C ALA A 507 7.13 -4.06 28.45
N ARG A 508 7.90 -4.73 29.31
CA ARG A 508 9.15 -5.34 28.85
C ARG A 508 8.90 -6.38 27.77
N GLU A 509 7.91 -7.23 27.99
CA GLU A 509 7.59 -8.26 26.99
C GLU A 509 7.10 -7.64 25.69
N VAL A 510 6.28 -6.59 25.78
CA VAL A 510 5.75 -5.92 24.59
C VAL A 510 6.87 -5.23 23.82
N LEU A 511 7.77 -4.55 24.52
CA LEU A 511 8.89 -3.89 23.87
C LEU A 511 9.85 -4.90 23.28
N LEU A 512 9.91 -6.11 23.84
CA LEU A 512 10.69 -7.16 23.22
C LEU A 512 10.02 -7.64 21.93
N ASP A 513 8.71 -7.93 21.99
CA ASP A 513 7.96 -8.25 20.79
C ASP A 513 6.47 -7.96 20.99
N PRO A 514 5.93 -6.94 20.31
CA PRO A 514 4.52 -6.59 20.50
C PRO A 514 3.54 -7.40 19.67
N SER A 515 4.01 -8.12 18.65
CA SER A 515 3.13 -8.92 17.82
C SER A 515 2.57 -10.14 18.53
N LYS A 516 3.05 -10.44 19.73
CA LYS A 516 2.47 -11.51 20.55
C LYS A 516 1.44 -11.00 21.56
N HIS A 517 1.43 -9.70 21.87
CA HIS A 517 0.55 -9.13 22.88
C HIS A 517 -0.23 -7.96 22.32
N ILE A 518 -0.79 -8.11 21.11
CA ILE A 518 -1.42 -6.98 20.43
C ILE A 518 -2.67 -6.54 21.15
N GLU A 519 -3.44 -7.48 21.69
CA GLU A 519 -4.64 -7.13 22.44
C GLU A 519 -4.30 -6.32 23.68
N GLU A 520 -3.22 -6.70 24.39
CA GLU A 520 -2.81 -5.94 25.56
C GLU A 520 -2.31 -4.55 25.18
N VAL A 521 -1.63 -4.43 24.03
CA VAL A 521 -1.19 -3.13 23.55
C VAL A 521 -2.39 -2.22 23.27
N ILE A 522 -3.42 -2.77 22.61
CA ILE A 522 -4.60 -1.97 22.31
C ILE A 522 -5.35 -1.61 23.59
N TYR A 523 -5.46 -2.56 24.52
CA TYR A 523 -6.29 -2.36 25.70
C TYR A 523 -5.75 -1.26 26.60
N ASP A 524 -4.44 -1.21 26.81
CA ASP A 524 -3.83 -0.24 27.70
C ASP A 524 -3.26 0.92 26.89
N GLU A 525 -3.68 2.14 27.22
CA GLU A 525 -3.14 3.30 26.54
C GLU A 525 -1.67 3.53 26.86
N ASP A 526 -1.25 3.14 28.07
CA ASP A 526 0.15 3.30 28.45
C ASP A 526 1.06 2.44 27.60
N LEU A 527 0.67 1.19 27.34
CA LEU A 527 1.48 0.31 26.50
C LEU A 527 1.52 0.82 25.07
N TYR A 528 0.40 1.32 24.56
CA TYR A 528 0.38 1.92 23.23
C TYR A 528 1.34 3.09 23.14
N ARG A 529 1.29 3.98 24.13
CA ARG A 529 2.18 5.14 24.13
C ARG A 529 3.64 4.74 24.23
N VAL A 530 3.96 3.78 25.10
CA VAL A 530 5.33 3.33 25.26
C VAL A 530 5.84 2.68 23.98
N LEU A 531 5.00 1.88 23.34
CA LEU A 531 5.38 1.25 22.08
C LEU A 531 5.64 2.28 21.00
N PHE A 532 4.80 3.30 20.91
CA PHE A 532 4.98 4.29 19.85
C PHE A 532 6.03 5.35 20.18
N ASP A 533 6.44 5.46 21.44
CA ASP A 533 7.52 6.38 21.82
C ASP A 533 8.88 5.72 21.73
N LEU A 534 9.00 4.47 22.17
CA LEU A 534 10.28 3.80 22.26
C LEU A 534 10.58 2.91 21.07
N ARG A 535 9.59 2.22 20.52
CA ARG A 535 9.78 1.27 19.44
C ARG A 535 8.82 1.53 18.28
N PRO A 536 8.93 2.68 17.63
CA PRO A 536 8.02 2.97 16.51
C PRO A 536 8.58 2.48 15.19
N TYR A 537 7.66 2.11 14.29
CA TYR A 537 8.08 1.68 12.96
C TYR A 537 8.43 2.91 12.14
N ASN A 538 9.68 3.02 11.73
CA ASN A 538 10.12 4.09 10.85
C ASN A 538 10.53 3.48 9.52
N HIS A 539 9.82 3.84 8.46
CA HIS A 539 10.17 3.41 7.12
C HIS A 539 11.38 4.24 6.65
N TRP A 540 12.35 3.57 6.05
CA TRP A 540 13.60 4.20 5.67
C TRP A 540 13.83 4.10 4.17
N LYS A 541 14.38 5.17 3.62
CA LYS A 541 14.72 5.25 2.21
C LYS A 541 16.22 5.01 2.05
N LYS A 542 16.58 4.04 1.22
CA LYS A 542 18.00 3.80 0.94
C LYS A 542 18.43 4.80 -0.12
N VAL A 543 18.94 5.94 0.35
CA VAL A 543 19.26 7.06 -0.53
C VAL A 543 20.77 7.22 -0.61
N THR A 544 21.20 7.85 -1.69
CA THR A 544 22.60 8.19 -1.91
C THR A 544 22.64 9.57 -2.54
N GLU A 545 23.82 9.95 -3.07
CA GLU A 545 24.00 11.29 -3.61
C GLU A 545 23.12 11.55 -4.82
N LYS A 546 22.73 10.50 -5.54
CA LYS A 546 22.01 10.68 -6.80
C LYS A 546 20.56 11.08 -6.60
N ASP A 547 20.03 10.92 -5.39
CA ASP A 547 18.62 11.20 -5.14
C ASP A 547 18.35 12.66 -4.80
N TYR A 548 19.38 13.47 -4.61
CA TYR A 548 19.22 14.87 -4.27
C TYR A 548 20.01 15.76 -5.22
N GLU A 549 20.02 15.40 -6.51
CA GLU A 549 20.68 16.21 -7.52
C GLU A 549 19.83 17.39 -7.99
N HIS A 550 18.56 17.43 -7.62
CA HIS A 550 17.65 18.45 -8.11
C HIS A 550 17.50 19.64 -7.17
N VAL A 551 17.93 19.52 -5.91
CA VAL A 551 17.77 20.60 -4.96
C VAL A 551 18.81 21.68 -5.23
N GLU A 552 18.49 22.91 -4.83
CA GLU A 552 19.40 24.03 -5.03
C GLU A 552 20.40 24.08 -3.89
N ARG A 553 21.68 24.16 -4.23
CA ARG A 553 22.74 24.23 -3.22
C ARG A 553 22.66 25.54 -2.47
N LYS A 554 22.66 25.46 -1.14
CA LYS A 554 22.63 26.65 -0.29
C LYS A 554 23.76 26.54 0.72
N PRO A 555 24.59 27.58 0.87
CA PRO A 555 25.72 27.49 1.80
C PRO A 555 25.29 27.45 3.24
N ARG A 556 26.06 26.74 4.05
CA ARG A 556 25.81 26.69 5.48
C ARG A 556 26.42 27.91 6.16
N VAL A 557 25.65 28.52 7.06
CA VAL A 557 26.08 29.75 7.69
C VAL A 557 27.22 29.47 8.67
N LYS A 558 28.20 30.37 8.71
CA LYS A 558 29.35 30.24 9.58
C LYS A 558 29.27 31.28 10.69
N VAL A 559 29.47 30.83 11.93
CA VAL A 559 29.53 31.71 13.08
C VAL A 559 30.99 31.95 13.42
N LYS A 560 31.35 33.22 13.63
CA LYS A 560 32.74 33.59 13.83
C LYS A 560 33.16 33.29 15.27
N LEU A 561 34.19 32.47 15.42
CA LEU A 561 34.73 32.18 16.74
C LEU A 561 35.60 33.33 17.22
N LEU A 562 35.90 33.32 18.51
CA LEU A 562 36.93 34.20 19.04
C LEU A 562 38.29 33.81 18.46
N ASP A 563 39.15 34.81 18.30
CA ASP A 563 40.43 34.58 17.65
C ASP A 563 41.26 33.57 18.44
N PRO A 564 41.87 32.58 17.79
CA PRO A 564 42.62 31.56 18.53
C PRO A 564 43.70 32.11 19.43
N GLU A 565 44.44 33.12 18.96
CA GLU A 565 45.52 33.68 19.76
C GLU A 565 44.99 34.35 21.02
N ILE A 566 43.88 35.07 20.92
CA ILE A 566 43.25 35.62 22.11
C ILE A 566 42.42 34.56 22.83
N ARG A 567 42.08 33.47 22.15
CA ARG A 567 41.30 32.40 22.78
C ARG A 567 42.14 31.59 23.76
N LYS A 568 43.42 31.40 23.47
CA LYS A 568 44.25 30.54 24.29
C LYS A 568 44.78 31.21 25.56
N SER A 569 44.18 32.32 26.00
CA SER A 569 44.64 33.00 27.20
C SER A 569 43.51 33.54 28.06
N ASN A 570 42.28 33.08 27.85
CA ASN A 570 41.15 33.54 28.64
C ASN A 570 40.09 32.46 28.70
N PHE A 571 39.33 32.47 29.79
CA PHE A 571 38.19 31.56 29.95
C PHE A 571 36.89 32.19 29.48
N LYS A 572 36.88 32.71 28.25
CA LYS A 572 35.71 33.33 27.67
C LYS A 572 35.18 32.51 26.51
N GLU A 573 33.90 32.71 26.19
CA GLU A 573 33.17 31.80 25.33
C GLU A 573 33.71 31.85 23.91
N VAL A 574 34.08 30.69 23.38
CA VAL A 574 34.72 30.61 22.07
C VAL A 574 33.71 30.90 20.97
N GLU A 575 32.53 30.31 21.05
CA GLU A 575 31.55 30.37 19.98
C GLU A 575 30.32 31.17 20.41
N PRO A 576 29.95 32.20 19.67
CA PRO A 576 28.76 32.99 20.02
C PRO A 576 27.51 32.49 19.32
N THR A 577 26.38 33.05 19.73
CA THR A 577 25.09 32.73 19.13
C THR A 577 24.95 33.45 17.80
N MET A 578 24.42 32.74 16.80
CA MET A 578 24.35 33.25 15.44
C MET A 578 23.40 34.44 15.36
N ASP A 579 23.59 35.25 14.32
CA ASP A 579 22.81 36.46 14.14
C ASP A 579 21.36 36.11 13.78
N GLU A 580 20.45 37.00 14.18
CA GLU A 580 19.03 36.80 13.89
C GLU A 580 18.72 36.87 12.40
N GLU A 581 19.57 37.54 11.61
CA GLU A 581 19.32 37.67 10.19
C GLU A 581 19.57 36.36 9.44
N THR A 582 20.55 35.57 9.87
CA THR A 582 20.90 34.34 9.19
C THR A 582 20.10 33.14 9.69
N VAL A 583 19.28 33.32 10.73
CA VAL A 583 18.52 32.21 11.29
C VAL A 583 17.51 31.68 10.28
N LEU A 584 16.74 32.58 9.65
CA LEU A 584 15.75 32.14 8.68
C LEU A 584 16.41 31.52 7.46
N THR A 585 17.52 32.11 7.00
CA THR A 585 18.22 31.56 5.84
C THR A 585 18.73 30.15 6.12
N GLU A 586 19.28 29.93 7.32
CA GLU A 586 19.77 28.59 7.64
C GLU A 586 18.63 27.61 7.85
N ALA A 587 17.53 28.05 8.45
CA ALA A 587 16.41 27.15 8.69
C ALA A 587 15.59 26.88 7.43
N GLN A 588 15.80 27.63 6.35
CA GLN A 588 15.09 27.38 5.11
C GLN A 588 15.86 26.50 4.14
N ARG A 589 17.01 25.97 4.56
CA ARG A 589 17.73 24.98 3.77
C ARG A 589 17.24 23.56 4.01
N CYS A 590 16.27 23.37 4.91
CA CYS A 590 15.77 22.05 5.22
C CYS A 590 14.99 21.48 4.02
N MET A 591 15.20 20.21 3.75
CA MET A 591 14.57 19.54 2.62
C MET A 591 13.28 18.82 2.98
N SER A 592 12.91 18.78 4.26
CA SER A 592 11.68 18.16 4.74
C SER A 592 11.59 16.70 4.31
N CYS A 593 12.53 15.90 4.81
CA CYS A 593 12.62 14.50 4.41
C CYS A 593 11.51 13.66 5.03
N GLY A 594 11.05 14.02 6.23
CA GLY A 594 10.02 13.24 6.88
C GLY A 594 8.70 13.30 6.15
N CYS A 595 7.92 12.23 6.28
CA CYS A 595 6.62 12.14 5.63
C CYS A 595 5.67 13.17 6.22
N MET A 596 4.93 13.86 5.36
CA MET A 596 3.99 14.87 5.82
C MET A 596 2.82 14.29 6.59
N GLU A 597 2.54 13.00 6.40
CA GLU A 597 1.47 12.31 7.10
C GLU A 597 2.00 11.29 8.10
N VAL A 598 3.14 11.59 8.71
CA VAL A 598 3.75 10.65 9.65
C VAL A 598 2.87 10.47 10.89
N PHE A 599 2.16 11.51 11.30
CA PHE A 599 1.31 11.43 12.48
C PHE A 599 -0.08 10.86 12.18
N ARG A 600 -0.41 10.66 10.90
CA ARG A 600 -1.71 10.13 10.53
C ARG A 600 -1.66 8.88 9.65
N CYS A 601 -0.48 8.49 9.16
CA CYS A 601 -0.38 7.33 8.28
C CYS A 601 -0.74 6.06 9.04
N LYS A 602 -1.68 5.29 8.49
CA LYS A 602 -2.14 4.08 9.14
C LYS A 602 -1.24 2.88 8.85
N LEU A 603 -0.49 2.91 7.75
CA LEU A 603 0.51 1.89 7.50
C LEU A 603 1.55 1.87 8.62
N ARG A 604 2.00 3.06 9.04
CA ARG A 604 2.98 3.13 10.11
C ARG A 604 2.42 2.60 11.42
N GLU A 605 1.17 2.94 11.73
CA GLU A 605 0.54 2.45 12.95
C GLU A 605 0.41 0.94 12.94
N TYR A 606 -0.03 0.38 11.82
CA TYR A 606 -0.21 -1.07 11.73
C TYR A 606 1.12 -1.80 11.76
N ALA A 607 2.16 -1.21 11.16
CA ALA A 607 3.47 -1.85 11.18
C ALA A 607 4.13 -1.74 12.54
N THR A 608 3.77 -0.71 13.32
CA THR A 608 4.23 -0.65 14.70
C THR A 608 3.52 -1.70 15.56
N LEU A 609 2.21 -1.85 15.37
CA LEU A 609 1.45 -2.79 16.20
C LEU A 609 1.76 -4.24 15.87
N TYR A 610 2.03 -4.55 14.59
CA TYR A 610 2.21 -5.93 14.17
C TYR A 610 3.68 -6.31 13.98
N ASP A 611 4.61 -5.44 14.39
CA ASP A 611 6.04 -5.74 14.35
C ASP A 611 6.48 -6.12 12.93
N ALA A 612 6.09 -5.30 11.97
CA ALA A 612 6.43 -5.54 10.58
C ALA A 612 7.84 -5.07 10.29
N LYS A 613 8.58 -5.86 9.52
CA LYS A 613 9.93 -5.54 9.13
C LYS A 613 9.95 -5.11 7.67
N GLN A 614 10.70 -4.05 7.38
CA GLN A 614 10.83 -3.60 6.00
C GLN A 614 11.64 -4.58 5.17
N ASP A 615 12.56 -5.31 5.78
CA ASP A 615 13.47 -6.19 5.05
C ASP A 615 12.94 -7.61 4.90
N ALA A 616 11.71 -7.88 5.34
CA ALA A 616 11.20 -9.25 5.31
C ALA A 616 11.05 -9.76 3.88
N PHE A 617 10.39 -8.98 3.03
CA PHE A 617 10.30 -9.26 1.61
C PHE A 617 10.93 -8.09 0.86
N VAL A 618 11.94 -8.38 0.06
CA VAL A 618 12.72 -7.35 -0.64
C VAL A 618 12.72 -7.68 -2.12
N GLY A 619 12.60 -6.66 -2.96
CA GLY A 619 12.61 -6.88 -4.39
C GLY A 619 12.31 -5.60 -5.14
N GLU A 620 11.79 -5.78 -6.35
CA GLU A 620 11.45 -4.63 -7.18
C GLU A 620 10.31 -3.83 -6.57
N GLN A 621 10.45 -2.52 -6.60
CA GLN A 621 9.35 -1.62 -6.26
C GLN A 621 9.27 -0.54 -7.32
N ASN A 622 8.05 -0.08 -7.58
CA ASN A 622 7.85 0.90 -8.63
C ASN A 622 8.30 2.28 -8.18
N LYS A 623 9.01 2.98 -9.05
CA LYS A 623 9.48 4.33 -8.77
C LYS A 623 8.62 5.32 -9.54
N PHE A 624 7.93 6.18 -8.80
CA PHE A 624 7.06 7.19 -9.38
C PHE A 624 7.60 8.57 -9.06
N GLU A 625 7.55 9.46 -10.05
CA GLU A 625 7.85 10.87 -9.79
C GLU A 625 6.67 11.52 -9.09
N ILE A 626 6.97 12.55 -8.33
CA ILE A 626 5.98 13.22 -7.51
C ILE A 626 5.26 14.28 -8.33
N ASP A 627 3.93 14.35 -8.17
CA ASP A 627 3.10 15.27 -8.93
C ASP A 627 2.81 16.49 -8.06
N GLU A 628 3.75 17.43 -8.06
CA GLU A 628 3.62 18.67 -7.32
C GLU A 628 3.13 19.82 -8.20
N THR A 629 2.76 19.53 -9.45
CA THR A 629 2.39 20.58 -10.39
C THR A 629 1.11 21.29 -9.99
N HIS A 630 0.25 20.66 -9.20
CA HIS A 630 -0.97 21.31 -8.75
C HIS A 630 -0.64 22.48 -7.82
N PRO A 631 -1.45 23.53 -7.83
CA PRO A 631 -1.20 24.66 -6.91
C PRO A 631 -1.25 24.28 -5.44
N ASN A 632 -2.09 23.31 -5.04
CA ASN A 632 -2.28 23.07 -3.62
C ASN A 632 -2.37 21.60 -3.22
N VAL A 633 -2.15 20.65 -4.13
CA VAL A 633 -2.25 19.23 -3.81
C VAL A 633 -1.05 18.49 -4.42
N VAL A 634 -0.45 17.61 -3.64
CA VAL A 634 0.66 16.78 -4.07
C VAL A 634 0.18 15.34 -4.17
N LEU A 635 0.60 14.64 -5.23
CA LEU A 635 0.27 13.24 -5.43
C LEU A 635 1.56 12.44 -5.55
N ASP A 636 1.86 11.63 -4.53
CA ASP A 636 3.07 10.83 -4.46
C ASP A 636 2.67 9.36 -4.53
N ASN A 637 2.80 8.77 -5.72
CA ASN A 637 2.41 7.38 -5.91
C ASN A 637 3.37 6.39 -5.27
N ASN A 638 4.56 6.83 -4.86
CA ASN A 638 5.50 5.94 -4.17
C ASN A 638 4.99 5.50 -2.81
N LYS A 639 4.06 6.26 -2.21
CA LYS A 639 3.48 5.92 -0.92
C LYS A 639 2.06 5.39 -1.05
N CYS A 640 1.66 5.01 -2.26
CA CYS A 640 0.32 4.51 -2.52
C CYS A 640 0.22 3.03 -2.18
N VAL A 641 -0.79 2.67 -1.38
CA VAL A 641 -1.05 1.27 -1.06
C VAL A 641 -2.16 0.68 -1.90
N LEU A 642 -2.72 1.45 -2.83
CA LEU A 642 -3.77 1.01 -3.76
C LEU A 642 -5.00 0.48 -3.01
N CYS A 643 -5.62 1.37 -2.24
CA CYS A 643 -6.90 1.07 -1.62
C CYS A 643 -8.08 1.52 -2.47
N GLY A 644 -7.85 2.41 -3.44
CA GLY A 644 -8.88 2.81 -4.36
C GLY A 644 -9.89 3.79 -3.83
N GLN A 645 -9.71 4.30 -2.61
CA GLN A 645 -10.72 5.18 -2.02
C GLN A 645 -10.79 6.51 -2.76
N CYS A 646 -9.66 7.03 -3.23
CA CYS A 646 -9.68 8.27 -4.01
C CYS A 646 -10.39 8.06 -5.34
N VAL A 647 -10.12 6.95 -6.02
CA VAL A 647 -10.80 6.64 -7.28
C VAL A 647 -12.29 6.47 -7.05
N ASN A 648 -12.65 5.75 -5.99
CA ASN A 648 -14.06 5.53 -5.69
C ASN A 648 -14.76 6.85 -5.38
N PHE A 649 -14.11 7.73 -4.63
CA PHE A 649 -14.68 9.06 -4.37
C PHE A 649 -14.88 9.83 -5.66
N THR A 650 -13.80 10.06 -6.42
CA THR A 650 -13.86 10.92 -7.58
C THR A 650 -14.73 10.35 -8.70
N HIS A 651 -15.01 9.05 -8.70
CA HIS A 651 -15.83 8.47 -9.74
C HIS A 651 -17.23 8.08 -9.26
N GLU A 652 -17.52 8.15 -7.97
CA GLU A 652 -18.84 7.81 -7.48
C GLU A 652 -19.57 8.97 -6.83
N ILE A 653 -18.88 9.79 -6.03
CA ILE A 653 -19.53 10.86 -5.30
C ILE A 653 -19.28 12.22 -5.96
N ALA A 654 -18.02 12.56 -6.23
CA ALA A 654 -17.72 13.80 -6.93
C ALA A 654 -18.20 13.73 -8.37
N ARG A 655 -18.09 12.56 -9.00
CA ARG A 655 -18.39 12.37 -10.41
C ARG A 655 -17.62 13.35 -11.28
N GLU A 656 -16.35 13.56 -10.93
CA GLU A 656 -15.46 14.41 -11.69
C GLU A 656 -14.41 13.65 -12.48
N GLY A 657 -14.06 12.44 -12.07
CA GLY A 657 -13.06 11.66 -12.77
C GLY A 657 -11.67 12.25 -12.74
N ILE A 658 -11.26 12.80 -11.59
CA ILE A 658 -9.94 13.41 -11.48
C ILE A 658 -8.85 12.37 -11.72
N VAL A 659 -8.93 11.24 -11.01
CA VAL A 659 -7.93 10.18 -11.09
C VAL A 659 -8.64 8.85 -11.26
N ASP A 660 -7.88 7.86 -11.72
CA ASP A 660 -8.40 6.51 -11.84
C ASP A 660 -7.23 5.54 -11.86
N TYR A 661 -7.56 4.25 -11.73
CA TYR A 661 -6.57 3.20 -11.88
C TYR A 661 -5.96 3.25 -13.28
N LEU A 662 -4.64 3.08 -13.35
CA LEU A 662 -3.94 2.99 -14.63
C LEU A 662 -3.09 1.73 -14.64
N PHE A 663 -3.24 0.94 -15.69
CA PHE A 663 -2.56 -0.35 -15.88
C PHE A 663 -2.95 -1.35 -14.80
N ARG A 664 -2.47 -2.59 -14.89
CA ARG A 664 -2.89 -3.63 -13.96
C ARG A 664 -1.70 -4.43 -13.48
N GLY A 665 -1.87 -5.06 -12.33
CA GLY A 665 -0.86 -5.94 -11.78
C GLY A 665 0.02 -5.26 -10.75
N PHE A 666 1.32 -5.52 -10.82
CA PHE A 666 2.27 -4.83 -9.97
C PHE A 666 2.53 -3.41 -10.43
N LYS A 667 2.16 -3.07 -11.67
CA LYS A 667 2.43 -1.77 -12.26
C LYS A 667 1.27 -0.80 -12.09
N THR A 668 0.27 -1.14 -11.27
CA THR A 668 -0.90 -0.30 -11.12
C THR A 668 -0.58 0.94 -10.31
N TYR A 669 -1.14 2.07 -10.72
CA TYR A 669 -1.06 3.30 -9.93
C TYR A 669 -2.32 4.11 -10.13
N ILE A 670 -2.45 5.18 -9.36
CA ILE A 670 -3.61 6.05 -9.39
C ILE A 670 -3.17 7.40 -9.93
N GLY A 671 -3.57 7.70 -11.16
CA GLY A 671 -3.17 8.92 -11.81
C GLY A 671 -4.31 9.57 -12.56
N PRO A 672 -4.15 10.83 -12.96
CA PRO A 672 -5.23 11.54 -13.65
C PRO A 672 -5.61 10.91 -14.98
N GLN A 673 -4.64 10.86 -15.90
CA GLN A 673 -4.79 10.31 -17.23
C GLN A 673 -3.42 10.40 -17.88
N LEU A 674 -3.26 9.72 -19.00
CA LEU A 674 -1.98 9.75 -19.70
C LEU A 674 -1.81 11.09 -20.41
N GLY A 675 -0.67 11.74 -20.17
CA GLY A 675 -0.39 13.01 -20.80
C GLY A 675 -0.85 14.23 -20.05
N GLU A 676 -1.52 14.07 -18.91
CA GLU A 676 -1.96 15.20 -18.11
C GLU A 676 -1.63 14.94 -16.64
N ARG A 677 -1.48 16.02 -15.89
CA ARG A 677 -1.23 15.96 -14.46
C ARG A 677 -2.39 16.62 -13.72
N LEU A 678 -2.26 16.69 -12.40
CA LEU A 678 -3.38 17.10 -11.56
C LEU A 678 -3.72 18.58 -11.70
N GLU A 679 -2.79 19.39 -12.21
CA GLU A 679 -3.07 20.82 -12.37
C GLU A 679 -4.07 21.07 -13.49
N ASP A 680 -4.05 20.25 -14.54
CA ASP A 680 -4.94 20.45 -15.68
C ASP A 680 -6.37 20.04 -15.39
N GLN A 681 -6.63 19.35 -14.28
CA GLN A 681 -7.96 18.86 -14.00
C GLN A 681 -8.85 19.98 -13.45
N LYS A 682 -10.08 20.02 -13.93
CA LYS A 682 -11.02 21.10 -13.62
C LYS A 682 -11.99 20.73 -12.50
N GLY A 683 -11.54 19.95 -11.53
CA GLY A 683 -12.40 19.55 -10.45
C GLY A 683 -12.40 20.52 -9.28
N VAL A 684 -13.48 20.50 -8.52
CA VAL A 684 -13.63 21.33 -7.33
C VAL A 684 -13.52 20.51 -6.05
N PHE A 685 -13.38 19.18 -6.17
CA PHE A 685 -13.15 18.33 -5.01
C PHE A 685 -11.83 17.59 -5.16
N ILE A 686 -10.77 18.31 -5.52
CA ILE A 686 -9.44 17.70 -5.56
C ILE A 686 -8.81 17.72 -4.17
N GLY A 687 -9.18 18.69 -3.32
CA GLY A 687 -8.64 18.76 -1.99
C GLY A 687 -9.23 17.77 -1.00
N GLU A 688 -10.31 17.10 -1.37
CA GLU A 688 -10.88 16.07 -0.49
C GLU A 688 -10.03 14.81 -0.49
N LEU A 689 -9.31 14.56 -1.59
CA LEU A 689 -8.48 13.37 -1.68
C LEU A 689 -7.35 13.35 -0.67
N THR A 690 -6.97 14.51 -0.13
CA THR A 690 -5.96 14.54 0.93
C THR A 690 -6.51 13.98 2.23
N ASP A 691 -7.80 14.17 2.51
CA ASP A 691 -8.44 13.52 3.64
C ASP A 691 -8.85 12.09 3.33
N ILE A 692 -9.06 11.77 2.05
CA ILE A 692 -9.45 10.41 1.68
C ILE A 692 -8.29 9.45 1.84
N CYS A 693 -7.09 9.85 1.42
CA CYS A 693 -5.95 8.95 1.41
C CYS A 693 -5.53 8.59 2.83
N PRO A 694 -5.30 7.31 3.14
CA PRO A 694 -4.89 6.93 4.49
C PRO A 694 -3.40 6.86 4.73
N VAL A 695 -2.57 6.84 3.68
CA VAL A 695 -1.15 6.57 3.84
C VAL A 695 -0.30 7.66 3.21
N GLY A 696 -0.80 8.89 3.18
CA GLY A 696 0.04 10.00 2.77
C GLY A 696 0.54 9.96 1.34
N ALA A 697 -0.26 9.44 0.42
CA ALA A 697 0.09 9.52 -1.00
C ALA A 697 -0.43 10.80 -1.64
N ILE A 698 -1.62 11.25 -1.23
CA ILE A 698 -2.18 12.52 -1.65
C ILE A 698 -2.10 13.45 -0.45
N THR A 699 -1.30 14.51 -0.56
CA THR A 699 -1.08 15.45 0.52
C THR A 699 -1.35 16.86 0.05
N GLU A 700 -1.45 17.78 1.01
CA GLU A 700 -1.78 19.17 0.77
C GLU A 700 -0.55 20.05 0.95
N LYS A 701 -0.36 20.99 0.04
CA LYS A 701 0.70 21.99 0.16
C LYS A 701 0.28 23.03 1.19
N LEU A 702 0.92 23.02 2.35
CA LEU A 702 0.67 24.04 3.35
C LEU A 702 1.28 25.37 2.89
N PRO A 703 0.64 26.49 3.24
CA PRO A 703 1.12 27.80 2.73
C PRO A 703 2.40 28.29 3.38
N PHE A 704 2.89 27.64 4.43
CA PHE A 704 4.06 28.13 5.14
C PHE A 704 5.32 27.88 4.33
N VAL A 705 6.42 28.54 4.74
CA VAL A 705 7.70 28.36 4.07
C VAL A 705 8.19 26.94 4.27
N LYS A 706 8.17 26.47 5.51
CA LYS A 706 8.55 25.09 5.83
C LYS A 706 7.36 24.41 6.48
N PRO A 707 6.77 23.41 5.84
CA PRO A 707 5.57 22.76 6.38
C PRO A 707 5.83 21.63 7.36
N GLY A 708 7.07 21.48 7.85
CA GLY A 708 7.50 20.35 8.64
C GLY A 708 6.47 19.85 9.62
N PRO A 709 6.13 18.56 9.54
CA PRO A 709 4.92 18.07 10.20
C PRO A 709 4.94 18.33 11.69
N TRP A 710 3.80 18.78 12.20
CA TRP A 710 3.61 19.03 13.62
C TRP A 710 2.40 18.24 14.11
N LYS A 711 2.44 17.84 15.38
CA LYS A 711 1.35 17.06 15.97
C LYS A 711 0.19 18.01 16.23
N THR A 712 -0.60 18.23 15.19
CA THR A 712 -1.68 19.20 15.24
C THR A 712 -2.91 18.62 15.92
N GLN A 713 -3.77 19.52 16.39
CA GLN A 713 -5.04 19.17 17.01
C GLN A 713 -6.18 19.75 16.17
N PRO A 714 -7.12 18.94 15.73
CA PRO A 714 -8.27 19.49 14.99
C PRO A 714 -9.30 20.12 15.93
N VAL A 715 -9.93 21.17 15.43
CA VAL A 715 -10.97 21.89 16.15
C VAL A 715 -12.22 21.90 15.28
N LYS A 716 -13.38 21.75 15.92
CA LYS A 716 -14.65 21.63 15.21
C LYS A 716 -15.24 23.01 14.94
N THR A 717 -15.35 23.36 13.66
CA THR A 717 -15.90 24.64 13.25
C THR A 717 -16.62 24.45 11.91
N VAL A 718 -17.08 25.54 11.31
CA VAL A 718 -17.77 25.51 10.04
C VAL A 718 -17.09 26.46 9.07
N CYS A 719 -17.39 26.27 7.78
CA CYS A 719 -16.86 27.13 6.73
C CYS A 719 -17.78 28.33 6.50
N ASN A 720 -17.21 29.37 5.91
CA ASN A 720 -17.95 30.59 5.61
C ASN A 720 -17.89 30.94 4.13
N GLY A 721 -17.57 29.97 3.27
CA GLY A 721 -17.51 30.25 1.84
C GLY A 721 -18.85 30.58 1.24
N CYS A 722 -19.89 29.85 1.65
CA CYS A 722 -21.24 30.11 1.18
C CYS A 722 -22.21 29.78 2.31
N SER A 723 -23.51 29.73 1.99
CA SER A 723 -24.53 29.53 3.01
C SER A 723 -24.65 28.08 3.44
N PHE A 724 -23.97 27.15 2.77
CA PHE A 724 -23.99 25.75 3.22
C PHE A 724 -23.37 25.60 4.59
N ALA A 725 -22.28 26.33 4.85
CA ALA A 725 -21.58 26.31 6.13
C ALA A 725 -21.16 24.89 6.50
N CYS A 726 -20.36 24.29 5.63
CA CYS A 726 -19.94 22.91 5.82
C CYS A 726 -19.07 22.76 7.06
N GLU A 727 -19.35 21.74 7.85
CA GLU A 727 -18.53 21.45 9.02
C GLU A 727 -17.15 20.96 8.59
N MET A 728 -16.13 21.41 9.31
CA MET A 728 -14.76 21.06 8.98
C MET A 728 -13.91 21.11 10.23
N ASN A 729 -12.75 20.47 10.16
CA ASN A 729 -11.74 20.53 11.21
C ASN A 729 -10.59 21.41 10.75
N ILE A 730 -10.26 22.41 11.55
CA ILE A 730 -9.08 23.23 11.33
C ILE A 730 -7.94 22.63 12.13
N GLU A 731 -6.84 22.31 11.47
CA GLU A 731 -5.69 21.70 12.13
C GLU A 731 -4.79 22.81 12.67
N VAL A 732 -4.60 22.82 13.98
CA VAL A 732 -3.91 23.90 14.68
C VAL A 732 -2.71 23.31 15.42
N TYR A 733 -1.60 24.04 15.40
CA TYR A 733 -0.41 23.69 16.18
C TYR A 733 0.02 24.92 16.96
N ASN A 734 -0.56 25.10 18.14
CA ASN A 734 -0.23 26.19 19.06
C ASN A 734 -0.33 27.55 18.35
N ASP A 735 -1.57 27.88 17.98
CA ASP A 735 -2.02 29.14 17.38
C ASP A 735 -1.63 29.28 15.91
N ILE A 736 -1.01 28.27 15.31
CA ILE A 736 -0.78 28.25 13.87
C ILE A 736 -1.98 27.61 13.19
N LEU A 737 -2.58 28.32 12.24
CA LEU A 737 -3.68 27.78 11.43
C LEU A 737 -3.06 27.06 10.24
N VAL A 738 -3.04 25.73 10.29
CA VAL A 738 -2.31 24.95 9.30
C VAL A 738 -3.19 24.62 8.10
N ARG A 739 -4.26 23.87 8.31
CA ARG A 739 -5.05 23.40 7.18
C ARG A 739 -6.47 23.10 7.63
N ALA A 740 -7.35 22.91 6.66
CA ALA A 740 -8.73 22.53 6.88
C ALA A 740 -8.91 21.07 6.45
N SER A 741 -9.53 20.28 7.32
CA SER A 741 -9.78 18.87 7.03
C SER A 741 -11.24 18.56 7.23
N SER A 742 -11.65 17.38 6.77
CA SER A 742 -13.03 16.96 6.81
C SER A 742 -13.28 16.03 7.98
N ARG A 743 -14.41 16.23 8.64
CA ARG A 743 -14.84 15.37 9.75
C ARG A 743 -15.73 14.26 9.23
N LYS A 744 -15.66 13.10 9.90
CA LYS A 744 -16.56 12.01 9.55
C LYS A 744 -17.97 12.23 10.08
N ASP A 745 -18.11 12.92 11.21
CA ASP A 745 -19.40 13.17 11.83
C ASP A 745 -20.07 14.44 11.30
N SER A 746 -19.70 14.89 10.10
CA SER A 746 -20.28 16.06 9.49
C SER A 746 -21.32 15.64 8.46
N TRP A 747 -22.42 16.38 8.38
CA TRP A 747 -23.50 16.00 7.47
C TRP A 747 -23.06 16.10 6.02
N ASN A 748 -22.22 17.07 5.68
CA ASN A 748 -21.69 17.14 4.32
C ASN A 748 -20.62 16.09 4.09
N GLY A 749 -19.74 15.88 5.07
CA GLY A 749 -18.66 14.92 4.96
C GLY A 749 -17.47 15.40 4.16
N TYR A 750 -17.63 16.42 3.33
CA TYR A 750 -16.56 16.90 2.46
C TYR A 750 -16.58 18.42 2.43
N ILE A 751 -15.44 19.01 2.11
CA ILE A 751 -15.33 20.45 1.92
C ILE A 751 -14.67 20.71 0.57
N CYS A 752 -15.00 21.85 -0.02
CA CYS A 752 -14.59 22.15 -1.39
C CYS A 752 -13.21 22.81 -1.41
N ASP A 753 -12.63 22.86 -2.61
CA ASP A 753 -11.28 23.39 -2.77
C ASP A 753 -11.21 24.89 -2.53
N TYR A 754 -12.31 25.61 -2.76
CA TYR A 754 -12.33 27.04 -2.43
C TYR A 754 -12.10 27.26 -0.95
N CYS A 755 -12.84 26.53 -0.11
CA CYS A 755 -12.69 26.68 1.33
C CYS A 755 -11.29 26.27 1.77
N ARG A 756 -10.77 25.17 1.24
CA ARG A 756 -9.46 24.67 1.66
C ARG A 756 -8.35 25.63 1.27
N PHE A 757 -8.36 26.12 0.02
CA PHE A 757 -7.19 26.76 -0.56
C PHE A 757 -7.30 28.28 -0.62
N GLU A 758 -8.48 28.82 -0.94
CA GLU A 758 -8.65 30.26 -0.87
C GLU A 758 -8.78 30.74 0.57
N ARG A 759 -9.16 29.86 1.48
CA ARG A 759 -9.18 30.07 2.92
C ARG A 759 -10.00 31.29 3.34
N PRO A 760 -11.32 31.29 3.14
CA PRO A 760 -12.14 32.38 3.68
C PRO A 760 -12.18 32.41 5.19
N TRP A 761 -11.84 31.30 5.84
CA TRP A 761 -11.82 31.23 7.30
C TRP A 761 -10.54 31.82 7.91
N ALA A 762 -9.51 32.03 7.11
CA ALA A 762 -8.21 32.49 7.62
C ALA A 762 -7.86 33.88 7.11
N GLN A 763 -8.85 34.72 6.82
CA GLN A 763 -8.57 36.06 6.37
C GLN A 763 -9.73 36.98 6.74
N ASP A 764 -9.43 38.28 6.79
CA ASP A 764 -10.39 39.33 7.10
C ASP A 764 -9.79 40.65 6.62
N ILE A 765 -10.41 41.75 7.01
CA ILE A 765 -9.91 43.09 6.69
C ILE A 765 -9.24 43.66 7.94
N ALA A 766 -8.01 44.17 7.76
CA ALA A 766 -7.20 44.58 8.90
C ALA A 766 -7.69 45.89 9.50
N GLN A 767 -8.05 46.86 8.66
CA GLN A 767 -8.43 48.18 9.17
C GLN A 767 -9.82 48.56 8.67
N PRO A 768 -10.56 49.35 9.44
CA PRO A 768 -11.89 49.78 8.99
C PRO A 768 -11.78 50.65 7.74
N ILE A 769 -12.77 50.49 6.86
CA ILE A 769 -12.76 51.13 5.54
C ILE A 769 -13.68 52.32 5.57
N LEU A 770 -13.15 53.48 5.18
CA LEU A 770 -13.91 54.73 5.09
C LEU A 770 -13.61 55.33 3.72
N LYS A 771 -14.45 55.00 2.73
CA LYS A 771 -14.30 55.46 1.36
C LYS A 771 -12.92 55.08 0.80
N GLY A 772 -12.55 53.82 1.00
CA GLY A 772 -11.29 53.33 0.49
C GLY A 772 -10.06 53.73 1.28
N ASN A 773 -10.25 54.33 2.46
CA ASN A 773 -9.15 54.78 3.30
C ASN A 773 -9.02 53.87 4.50
N ALA A 774 -7.80 53.38 4.74
CA ALA A 774 -7.53 52.49 5.87
C ALA A 774 -7.31 53.34 7.12
N VAL A 775 -8.41 53.93 7.61
CA VAL A 775 -8.33 54.78 8.78
C VAL A 775 -8.17 53.94 10.03
N SER A 776 -7.70 54.58 11.09
CA SER A 776 -7.57 53.93 12.38
C SER A 776 -8.94 53.84 13.06
N TRP A 777 -8.98 53.19 14.22
CA TRP A 777 -10.24 53.03 14.93
C TRP A 777 -10.71 54.31 15.61
N GLU A 778 -9.80 55.25 15.90
CA GLU A 778 -10.22 56.52 16.46
C GLU A 778 -11.02 57.32 15.45
N ASP A 779 -10.55 57.37 14.19
CA ASP A 779 -11.28 58.06 13.14
C ASP A 779 -12.60 57.37 12.84
N ALA A 780 -12.61 56.03 12.86
CA ALA A 780 -13.85 55.29 12.66
C ALA A 780 -14.84 55.57 13.78
N GLU A 781 -14.36 55.64 15.02
CA GLU A 781 -15.24 55.97 16.13
C GLU A 781 -15.78 57.39 16.01
N LYS A 782 -14.94 58.32 15.57
CA LYS A 782 -15.41 59.69 15.35
C LYS A 782 -16.49 59.73 14.27
N PHE A 783 -16.30 58.98 13.19
CA PHE A 783 -17.32 58.91 12.14
C PHE A 783 -18.61 58.30 12.67
N LEU A 784 -18.50 57.24 13.47
CA LEU A 784 -19.70 56.56 13.98
C LEU A 784 -20.46 57.45 14.96
N GLU A 785 -19.76 58.17 15.83
CA GLU A 785 -20.44 59.00 16.81
C GLU A 785 -20.99 60.27 16.20
N GLU A 786 -20.28 60.86 15.23
CA GLU A 786 -20.70 62.13 14.65
C GLU A 786 -22.02 61.98 13.89
N LYS A 787 -22.18 60.89 13.14
CA LYS A 787 -23.34 60.70 12.30
C LYS A 787 -24.27 59.64 12.88
N GLU A 788 -25.55 59.75 12.56
CA GLU A 788 -26.54 58.75 12.97
C GLU A 788 -26.74 57.72 11.85
N CYS A 789 -25.67 56.98 11.58
CA CYS A 789 -25.69 55.99 10.51
C CYS A 789 -26.56 54.80 10.89
N ALA A 790 -27.07 54.12 9.87
CA ALA A 790 -27.82 52.89 10.09
C ALA A 790 -26.86 51.71 10.25
N LEU A 791 -27.37 50.63 10.83
CA LEU A 791 -26.56 49.46 11.13
C LEU A 791 -26.87 48.37 10.11
N ILE A 792 -25.90 48.10 9.22
CA ILE A 792 -26.03 47.10 8.18
C ILE A 792 -25.13 45.93 8.53
N LEU A 793 -25.67 44.72 8.47
CA LEU A 793 -24.99 43.51 8.92
C LEU A 793 -24.74 42.59 7.74
N THR A 794 -23.47 42.21 7.54
CA THR A 794 -23.15 41.17 6.58
C THR A 794 -23.40 39.79 7.22
N PRO A 795 -23.64 38.76 6.41
CA PRO A 795 -24.04 37.46 6.98
C PRO A 795 -22.86 36.64 7.46
N SER A 796 -21.70 37.27 7.66
CA SER A 796 -20.50 36.58 8.12
C SER A 796 -20.30 36.73 9.62
N LEU A 797 -21.39 36.78 10.38
CA LEU A 797 -21.34 36.93 11.83
C LEU A 797 -22.20 35.86 12.48
N THR A 798 -21.74 35.34 13.61
CA THR A 798 -22.47 34.29 14.31
C THR A 798 -23.75 34.85 14.94
N ASN A 799 -24.57 33.94 15.47
CA ASN A 799 -25.87 34.33 16.00
C ASN A 799 -25.73 35.23 17.22
N GLU A 800 -24.74 34.97 18.07
CA GLU A 800 -24.56 35.81 19.26
C GLU A 800 -24.18 37.24 18.88
N GLU A 801 -23.33 37.40 17.86
CA GLU A 801 -22.99 38.73 17.39
C GLU A 801 -24.20 39.45 16.83
N ILE A 802 -25.04 38.74 16.07
CA ILE A 802 -26.25 39.35 15.52
C ILE A 802 -27.18 39.80 16.64
N MET A 803 -27.37 38.94 17.66
CA MET A 803 -28.23 39.30 18.77
C MET A 803 -27.67 40.49 19.54
N PHE A 804 -26.34 40.54 19.72
CA PHE A 804 -25.74 41.66 20.45
C PHE A 804 -25.92 42.97 19.69
N LEU A 805 -25.68 42.95 18.38
CA LEU A 805 -25.86 44.16 17.58
C LEU A 805 -27.32 44.60 17.55
N LYS A 806 -28.25 43.65 17.45
CA LYS A 806 -29.67 43.99 17.45
C LYS A 806 -30.11 44.58 18.78
N GLU A 807 -29.66 44.00 19.89
CA GLU A 807 -30.02 44.52 21.20
C GLU A 807 -29.41 45.91 21.43
N LEU A 808 -28.18 46.12 20.97
CA LEU A 808 -27.58 47.46 21.06
C LEU A 808 -28.37 48.47 20.25
N ALA A 809 -28.79 48.10 19.04
CA ALA A 809 -29.57 49.01 18.21
C ALA A 809 -30.92 49.30 18.85
N GLU A 810 -31.52 48.30 19.49
CA GLU A 810 -32.81 48.49 20.15
C GLU A 810 -32.69 49.44 21.33
N ARG A 811 -31.72 49.21 22.21
CA ARG A 811 -31.61 50.04 23.40
C ARG A 811 -31.00 51.41 23.11
N LYS A 812 -30.31 51.57 21.98
CA LYS A 812 -29.76 52.85 21.58
C LYS A 812 -30.60 53.55 20.52
N GLY A 813 -31.65 52.91 20.03
CA GLY A 813 -32.54 53.53 19.06
C GLY A 813 -31.92 53.84 17.71
N ILE A 814 -31.17 52.91 17.15
CA ILE A 814 -30.56 53.04 15.83
C ILE A 814 -31.24 52.06 14.89
N PRO A 815 -31.64 52.48 13.70
CA PRO A 815 -32.19 51.52 12.72
C PRO A 815 -31.18 50.45 12.36
N ILE A 816 -31.67 49.23 12.17
CA ILE A 816 -30.85 48.04 12.00
C ILE A 816 -31.23 47.36 10.70
N GLY A 817 -30.22 46.98 9.91
CA GLY A 817 -30.45 46.33 8.64
C GLY A 817 -29.36 45.35 8.24
N SER A 818 -29.45 44.80 7.03
CA SER A 818 -28.48 43.82 6.57
C SER A 818 -28.30 43.97 5.07
N THR A 819 -27.21 43.39 4.56
CA THR A 819 -26.90 43.47 3.13
C THR A 819 -27.81 42.60 2.27
N ILE A 820 -28.54 41.67 2.87
CA ILE A 820 -29.40 40.76 2.11
C ILE A 820 -30.78 40.74 2.76
N ASP A 821 -31.82 40.69 1.92
CA ASP A 821 -33.20 40.60 2.37
C ASP A 821 -33.88 39.42 1.69
N GLY A 822 -34.86 38.85 2.38
CA GLY A 822 -35.59 37.74 1.82
C GLY A 822 -36.15 36.86 2.94
N GLU A 823 -36.64 35.69 2.52
CA GLU A 823 -37.20 34.72 3.44
C GLU A 823 -37.31 33.38 2.72
N GLY A 824 -37.45 32.32 3.49
CA GLY A 824 -37.71 31.01 2.91
C GLY A 824 -36.84 29.88 3.44
N SER A 825 -36.27 29.11 2.51
CA SER A 825 -35.47 27.93 2.82
C SER A 825 -36.28 26.92 3.65
N THR A 826 -37.34 26.41 3.03
CA THR A 826 -38.22 25.43 3.64
C THR A 826 -37.79 24.00 3.37
N ALA A 827 -36.65 23.79 2.70
CA ALA A 827 -36.18 22.46 2.35
C ALA A 827 -35.10 22.01 3.33
N THR A 828 -35.31 20.85 3.94
CA THR A 828 -34.30 20.24 4.78
C THR A 828 -33.37 19.37 3.94
N LEU A 829 -32.29 18.90 4.55
CA LEU A 829 -31.37 18.00 3.86
C LEU A 829 -32.05 16.67 3.53
N GLU A 830 -32.89 16.18 4.44
CA GLU A 830 -33.59 14.93 4.20
C GLU A 830 -34.51 15.04 3.00
N ASP A 831 -35.13 16.21 2.80
CA ASP A 831 -35.97 16.41 1.63
C ASP A 831 -35.15 16.36 0.35
N ILE A 832 -33.97 16.99 0.35
CA ILE A 832 -33.12 16.96 -0.83
C ILE A 832 -32.65 15.53 -1.11
N ARG A 833 -32.44 14.75 -0.05
CA ARG A 833 -31.99 13.37 -0.24
C ARG A 833 -33.11 12.47 -0.76
N ASN A 834 -34.33 12.65 -0.25
CA ASN A 834 -35.44 11.75 -0.59
C ASN A 834 -36.13 12.15 -1.89
N ALA A 835 -36.17 13.43 -2.22
CA ALA A 835 -36.85 13.88 -3.42
C ALA A 835 -36.13 13.37 -4.67
N LYS A 836 -36.91 13.13 -5.72
CA LYS A 836 -36.37 12.58 -6.96
C LYS A 836 -36.25 13.62 -8.07
N ARG A 837 -37.09 14.65 -8.08
CA ARG A 837 -37.11 15.65 -9.13
C ARG A 837 -36.73 17.00 -8.55
N VAL A 838 -35.82 17.71 -9.21
CA VAL A 838 -35.33 19.00 -8.76
C VAL A 838 -35.47 20.02 -9.89
N LEU A 839 -35.57 21.29 -9.49
CA LEU A 839 -35.56 22.42 -10.42
C LEU A 839 -34.32 23.24 -10.17
N LEU A 840 -33.50 23.40 -11.21
CA LEU A 840 -32.17 23.98 -11.09
C LEU A 840 -32.16 25.35 -11.75
N LYS A 841 -32.11 26.41 -10.93
CA LYS A 841 -31.96 27.76 -11.42
C LYS A 841 -30.61 28.38 -11.07
N VAL A 842 -30.10 28.10 -9.86
CA VAL A 842 -28.78 28.61 -9.49
C VAL A 842 -27.72 27.93 -10.34
N ASN A 843 -26.61 28.64 -10.54
CA ASN A 843 -25.47 28.03 -11.22
C ASN A 843 -24.86 26.97 -10.33
N ILE A 844 -24.70 25.76 -10.89
CA ILE A 844 -24.14 24.65 -10.12
C ILE A 844 -22.70 24.93 -9.72
N GLU A 845 -21.91 25.49 -10.64
CA GLU A 845 -20.49 25.69 -10.39
C GLU A 845 -20.23 26.64 -9.23
N LYS A 846 -21.14 27.59 -8.98
CA LYS A 846 -20.92 28.55 -7.90
C LYS A 846 -21.03 27.89 -6.53
N TYR A 847 -21.91 26.91 -6.37
CA TYR A 847 -22.08 26.21 -5.09
C TYR A 847 -21.68 24.76 -5.28
N PRO A 848 -20.46 24.38 -4.88
CA PRO A 848 -19.95 23.05 -5.23
C PRO A 848 -20.54 21.89 -4.45
N LEU A 849 -21.15 22.13 -3.28
CA LEU A 849 -21.73 21.02 -2.55
C LEU A 849 -22.97 20.48 -3.23
N LEU A 850 -23.67 21.33 -3.99
CA LEU A 850 -24.81 20.87 -4.78
C LEU A 850 -24.42 19.82 -5.80
N LYS A 851 -23.14 19.77 -6.19
CA LYS A 851 -22.66 18.71 -7.06
C LYS A 851 -22.79 17.34 -6.40
N LEU A 852 -22.42 17.27 -5.11
CA LEU A 852 -22.54 16.01 -4.37
C LEU A 852 -23.97 15.74 -3.95
N LEU A 853 -24.71 16.78 -3.56
CA LEU A 853 -26.05 16.57 -3.02
C LEU A 853 -27.06 16.20 -4.11
N LEU A 854 -26.89 16.73 -5.32
CA LEU A 854 -27.82 16.51 -6.41
C LEU A 854 -27.31 15.49 -7.42
N LYS A 855 -26.32 14.69 -7.06
CA LYS A 855 -25.82 13.66 -7.96
C LYS A 855 -26.86 12.58 -8.15
N GLY A 856 -27.14 12.25 -9.41
CA GLY A 856 -28.11 11.21 -9.71
C GLY A 856 -29.53 11.52 -9.32
N LYS A 857 -30.00 12.74 -9.60
CA LYS A 857 -31.39 13.10 -9.35
C LYS A 857 -31.92 13.87 -10.55
N GLU A 858 -33.23 13.79 -10.75
CA GLU A 858 -33.86 14.29 -11.97
C GLU A 858 -33.93 15.81 -11.94
N ILE A 859 -33.39 16.44 -12.96
CA ILE A 859 -33.44 17.90 -13.12
C ILE A 859 -34.50 18.20 -14.17
N VAL A 860 -35.65 18.71 -13.73
CA VAL A 860 -36.79 18.94 -14.61
C VAL A 860 -37.28 20.37 -14.44
N GLU A 861 -38.00 20.84 -15.45
CA GLU A 861 -38.53 22.20 -15.44
C GLU A 861 -39.93 22.30 -14.84
N GLU A 862 -40.71 21.22 -14.92
CA GLU A 862 -42.08 21.22 -14.41
C GLU A 862 -42.31 19.94 -13.62
N GLY A 863 -43.26 20.00 -12.68
CA GLY A 863 -43.52 18.87 -11.82
C GLY A 863 -42.47 18.63 -10.77
N TYR A 864 -41.60 19.60 -10.53
CA TYR A 864 -40.48 19.43 -9.61
C TYR A 864 -40.97 19.27 -8.18
N GLU A 865 -40.34 18.35 -7.45
CA GLU A 865 -40.65 18.19 -6.03
C GLU A 865 -39.92 19.24 -5.19
N VAL A 866 -38.67 19.56 -5.53
CA VAL A 866 -37.88 20.55 -4.82
C VAL A 866 -37.20 21.46 -5.83
N ALA A 867 -36.80 22.64 -5.37
CA ALA A 867 -36.19 23.64 -6.23
C ALA A 867 -35.04 24.32 -5.51
N ILE A 868 -34.10 24.83 -6.30
CA ILE A 868 -32.99 25.64 -5.80
C ILE A 868 -33.02 26.99 -6.49
N ILE A 869 -33.11 28.06 -5.70
CA ILE A 869 -33.23 29.41 -6.22
C ILE A 869 -32.24 30.31 -5.49
N GLU A 870 -31.96 31.46 -6.11
CA GLU A 870 -30.92 32.36 -5.65
C GLU A 870 -31.54 33.55 -4.93
N GLY A 871 -30.97 33.89 -3.77
CA GLY A 871 -31.44 35.03 -3.01
C GLY A 871 -31.22 36.33 -3.74
N PRO A 872 -32.12 37.29 -3.56
CA PRO A 872 -33.34 37.24 -2.74
C PRO A 872 -34.44 36.43 -3.42
N ALA A 873 -35.27 35.71 -2.66
CA ALA A 873 -36.28 34.86 -3.25
C ALA A 873 -37.40 34.62 -2.25
N GLU A 874 -38.54 34.18 -2.78
CA GLU A 874 -39.72 33.90 -1.98
C GLU A 874 -39.95 32.40 -1.91
N PRO A 875 -40.21 31.84 -0.73
CA PRO A 875 -40.42 30.39 -0.64
C PRO A 875 -41.63 29.93 -1.44
N MET A 876 -41.50 28.75 -2.04
CA MET A 876 -42.54 28.16 -2.86
C MET A 876 -43.34 27.13 -2.06
N ASP A 877 -44.43 26.66 -2.66
CA ASP A 877 -45.20 25.59 -2.04
C ASP A 877 -44.39 24.31 -1.93
N VAL A 878 -43.64 23.97 -2.97
CA VAL A 878 -42.71 22.85 -2.96
C VAL A 878 -41.56 23.19 -2.03
N PRO A 879 -40.89 22.21 -1.42
CA PRO A 879 -39.71 22.51 -0.59
C PRO A 879 -38.62 23.17 -1.42
N THR A 880 -38.31 24.41 -1.07
CA THR A 880 -37.40 25.24 -1.85
C THR A 880 -36.11 25.48 -1.09
N LEU A 881 -35.02 25.55 -1.84
CA LEU A 881 -33.71 25.89 -1.31
C LEU A 881 -33.30 27.25 -1.88
N ILE A 882 -33.06 28.21 -1.00
CA ILE A 882 -32.58 29.52 -1.39
C ILE A 882 -31.15 29.67 -0.87
N LEU A 883 -30.22 29.92 -1.78
CA LEU A 883 -28.80 30.01 -1.44
C LEU A 883 -28.36 31.45 -1.55
N HIS A 884 -27.94 32.02 -0.43
CA HIS A 884 -27.28 33.32 -0.42
C HIS A 884 -25.77 33.09 -0.52
N ASP A 885 -24.98 34.14 -0.26
CA ASP A 885 -23.53 34.03 -0.28
C ASP A 885 -22.93 34.26 1.10
N GLY A 886 -23.74 34.23 2.16
CA GLY A 886 -23.27 34.44 3.52
C GLY A 886 -23.49 33.21 4.37
N VAL A 887 -22.53 32.94 5.27
CA VAL A 887 -22.58 31.73 6.07
C VAL A 887 -23.79 31.74 7.00
N ASN A 888 -24.03 32.86 7.67
CA ASN A 888 -25.16 33.02 8.57
C ASN A 888 -26.24 33.87 7.93
N ALA A 889 -26.45 33.71 6.62
CA ALA A 889 -27.50 34.43 5.92
C ALA A 889 -28.89 34.04 6.41
N THR A 890 -29.01 32.89 7.06
CA THR A 890 -30.26 32.49 7.70
C THR A 890 -30.38 33.05 9.12
N GLY A 891 -29.61 34.10 9.45
CA GLY A 891 -29.78 34.81 10.70
C GLY A 891 -30.98 35.73 10.74
N LEU A 892 -31.65 35.91 9.61
CA LEU A 892 -32.90 36.65 9.55
C LEU A 892 -34.12 35.82 9.89
N ILE A 893 -33.96 34.50 10.07
CA ILE A 893 -35.11 33.64 10.37
C ILE A 893 -35.62 33.86 11.78
N LYS A 894 -34.81 34.45 12.66
CA LYS A 894 -35.24 34.76 14.02
C LYS A 894 -35.18 36.24 14.35
N ALA A 895 -34.14 36.95 13.90
CA ALA A 895 -34.02 38.37 14.19
C ALA A 895 -34.96 39.20 13.32
N GLY A 896 -35.16 38.78 12.07
CA GLY A 896 -35.93 39.60 11.14
C GLY A 896 -35.23 40.92 10.87
N VAL A 897 -33.92 40.84 10.62
CA VAL A 897 -33.08 42.03 10.57
C VAL A 897 -33.41 42.94 9.39
N THR A 898 -34.17 42.46 8.41
CA THR A 898 -34.59 43.22 7.24
C THR A 898 -33.40 43.76 6.43
N GLY A 899 -33.68 44.63 5.47
CA GLY A 899 -32.69 45.14 4.56
C GLY A 899 -32.24 46.55 4.89
N ILE A 900 -31.66 47.21 3.89
CA ILE A 900 -31.14 48.56 4.03
C ILE A 900 -32.30 49.52 4.29
N PRO A 901 -32.28 50.27 5.39
CA PRO A 901 -33.39 51.18 5.70
C PRO A 901 -33.32 52.53 5.00
N GLU A 902 -32.39 52.71 4.06
CA GLU A 902 -32.28 53.94 3.27
C GLU A 902 -32.07 55.17 4.15
N ALA A 903 -30.95 55.18 4.85
CA ALA A 903 -30.56 56.28 5.72
C ALA A 903 -29.38 57.02 5.13
N LYS A 904 -28.90 58.03 5.86
CA LYS A 904 -27.76 58.85 5.45
C LYS A 904 -26.50 58.31 6.11
N ALA A 905 -25.61 57.73 5.29
CA ALA A 905 -24.37 57.09 5.71
C ALA A 905 -24.63 55.83 6.52
N TYR A 906 -23.73 54.86 6.44
CA TYR A 906 -23.96 53.57 7.07
C TYR A 906 -22.67 53.05 7.68
N VAL A 907 -22.83 52.23 8.73
CA VAL A 907 -21.75 51.41 9.25
C VAL A 907 -22.12 49.96 8.97
N VAL A 908 -21.29 49.27 8.21
CA VAL A 908 -21.54 47.90 7.78
C VAL A 908 -20.41 47.02 8.28
N ILE A 909 -20.77 45.93 8.95
CA ILE A 909 -19.80 45.05 9.62
C ILE A 909 -19.51 43.90 8.67
N GLY A 910 -18.39 43.99 7.96
CA GLY A 910 -18.03 43.02 6.95
C GLY A 910 -18.09 43.63 5.55
N ASN A 911 -17.35 43.01 4.63
CA ASN A 911 -17.26 43.49 3.26
C ASN A 911 -18.09 42.59 2.34
N SER A 912 -18.94 43.20 1.54
CA SER A 912 -19.81 42.51 0.60
C SER A 912 -19.88 43.30 -0.69
N PRO A 913 -20.16 42.65 -1.82
CA PRO A 913 -20.33 43.39 -3.07
C PRO A 913 -21.47 44.38 -3.05
N ALA A 914 -22.47 44.17 -2.20
CA ALA A 914 -23.62 45.05 -2.14
C ALA A 914 -23.33 46.37 -1.44
N ILE A 915 -22.11 46.55 -0.91
CA ILE A 915 -21.75 47.81 -0.30
C ILE A 915 -21.74 48.94 -1.34
N SER A 916 -21.36 48.63 -2.58
CA SER A 916 -21.36 49.62 -3.63
C SER A 916 -22.76 50.18 -3.90
N LYS A 917 -23.79 49.38 -3.61
CA LYS A 917 -25.16 49.83 -3.79
C LYS A 917 -25.59 50.87 -2.76
N LEU A 918 -24.82 51.06 -1.70
CA LEU A 918 -25.18 52.02 -0.66
C LEU A 918 -25.06 53.45 -1.18
N LYS A 919 -25.93 54.32 -0.68
CA LYS A 919 -25.92 55.73 -1.02
C LYS A 919 -25.32 56.50 0.16
N GLY A 920 -24.23 57.22 -0.10
CA GLY A 920 -23.53 57.95 0.93
C GLY A 920 -22.25 57.24 1.37
N GLU A 921 -21.47 57.95 2.18
CA GLU A 921 -20.23 57.41 2.69
C GLU A 921 -20.51 56.28 3.67
N TYR A 922 -19.71 55.21 3.59
CA TYR A 922 -19.92 54.01 4.39
C TYR A 922 -18.65 53.69 5.17
N LEU A 923 -18.84 53.28 6.42
CA LEU A 923 -17.75 52.83 7.28
C LEU A 923 -17.87 51.31 7.41
N ILE A 924 -16.94 50.59 6.78
CA ILE A 924 -16.93 49.14 6.84
C ILE A 924 -16.15 48.72 8.08
N LEU A 925 -16.86 48.30 9.11
CA LEU A 925 -16.14 47.73 10.24
C LEU A 925 -15.68 46.31 9.90
N PRO A 926 -14.48 45.92 10.32
CA PRO A 926 -14.05 44.54 10.10
C PRO A 926 -14.92 43.57 10.88
N SER A 927 -15.24 42.44 10.23
CA SER A 927 -16.08 41.41 10.83
C SER A 927 -15.26 40.40 11.64
N GLY A 928 -13.94 40.57 11.70
CA GLY A 928 -13.10 39.68 12.47
C GLY A 928 -12.69 38.44 11.70
N LEU A 929 -11.69 37.76 12.24
CA LEU A 929 -11.26 36.49 11.67
C LEU A 929 -12.26 35.39 12.00
N TRP A 930 -12.67 34.64 10.98
CA TRP A 930 -13.70 33.64 11.17
C TRP A 930 -13.23 32.50 12.08
N ALA A 931 -11.98 32.08 11.94
CA ALA A 931 -11.44 30.98 12.72
C ALA A 931 -11.28 31.31 14.20
N GLU A 932 -11.37 32.59 14.57
CA GLU A 932 -11.18 33.03 15.95
C GLU A 932 -12.50 33.29 16.66
N LYS A 933 -13.61 32.84 16.10
CA LYS A 933 -14.93 33.15 16.62
C LYS A 933 -15.60 31.90 17.17
N GLU A 934 -16.31 32.05 18.29
CA GLU A 934 -17.09 30.98 18.88
C GLU A 934 -18.56 31.37 18.86
N GLY A 935 -19.40 30.49 18.36
CA GLY A 935 -20.81 30.76 18.28
C GLY A 935 -21.51 29.69 17.49
N THR A 936 -22.81 29.91 17.28
CA THR A 936 -23.64 29.02 16.50
C THR A 936 -24.12 29.74 15.24
N VAL A 937 -24.16 29.00 14.13
CA VAL A 937 -24.63 29.57 12.87
C VAL A 937 -25.75 28.69 12.32
N THR A 938 -26.59 29.28 11.49
CA THR A 938 -27.67 28.59 10.81
C THR A 938 -27.37 28.61 9.31
N ASN A 939 -27.34 27.42 8.70
CA ASN A 939 -27.00 27.29 7.30
C ASN A 939 -28.27 27.33 6.45
N ALA A 940 -28.16 26.95 5.17
CA ALA A 940 -29.31 26.94 4.29
C ALA A 940 -30.37 25.94 4.76
N PHE A 941 -29.94 24.77 5.23
CA PHE A 941 -30.87 23.73 5.63
C PHE A 941 -31.47 23.95 7.00
N GLY A 942 -31.20 25.09 7.63
CA GLY A 942 -31.78 25.40 8.92
C GLY A 942 -31.35 24.48 10.05
N MET A 943 -30.06 24.16 10.13
CA MET A 943 -29.50 23.40 11.24
C MET A 943 -28.47 24.26 11.95
N ASP A 944 -28.53 24.27 13.27
CA ASP A 944 -27.63 25.10 14.08
C ASP A 944 -26.31 24.37 14.26
N LEU A 945 -25.24 24.93 13.70
CA LEU A 945 -23.92 24.32 13.73
C LEU A 945 -22.98 25.14 14.60
N LYS A 946 -22.22 24.46 15.45
CA LYS A 946 -21.34 25.13 16.38
C LYS A 946 -20.06 25.58 15.69
N VAL A 947 -19.60 26.77 16.07
CA VAL A 947 -18.31 27.31 15.65
C VAL A 947 -17.44 27.44 16.88
N LYS A 948 -16.21 26.94 16.81
CA LYS A 948 -15.28 26.99 17.92
C LYS A 948 -14.00 27.70 17.49
N LYS A 949 -13.34 28.31 18.47
CA LYS A 949 -12.14 29.09 18.20
C LYS A 949 -10.92 28.19 18.09
N ALA A 950 -10.15 28.37 17.02
CA ALA A 950 -8.86 27.70 16.94
C ALA A 950 -7.83 28.39 17.84
N ARG A 951 -7.83 29.72 17.86
CA ARG A 951 -6.90 30.51 18.65
C ARG A 951 -7.69 31.52 19.48
N LYS A 952 -6.96 32.30 20.27
CA LYS A 952 -7.58 33.37 21.05
C LYS A 952 -7.88 34.56 20.14
N ALA A 953 -9.03 35.19 20.38
CA ALA A 953 -9.46 36.29 19.53
C ALA A 953 -8.62 37.53 19.82
N HIS A 954 -7.95 38.05 18.79
CA HIS A 954 -7.12 39.23 18.96
C HIS A 954 -7.98 40.47 19.19
N TYR A 955 -9.01 40.67 18.37
CA TYR A 955 -9.93 41.76 18.56
C TYR A 955 -11.35 41.26 18.35
N ASP A 956 -12.28 41.84 19.10
CA ASP A 956 -13.66 41.37 19.15
C ASP A 956 -14.56 42.36 18.41
N VAL A 957 -15.52 41.81 17.66
CA VAL A 957 -16.45 42.64 16.91
C VAL A 957 -17.41 43.37 17.84
N LYS A 958 -17.87 42.68 18.90
CA LYS A 958 -18.86 43.27 19.80
C LYS A 958 -18.30 44.47 20.56
N SER A 959 -16.99 44.51 20.78
CA SER A 959 -16.36 45.59 21.54
C SER A 959 -15.89 46.73 20.66
N LEU A 960 -16.18 46.69 19.36
CA LEU A 960 -15.76 47.75 18.45
C LEU A 960 -16.56 49.03 18.68
N SER B 2 -23.10 -46.87 -48.77
CA SER B 2 -23.61 -46.54 -50.09
C SER B 2 -22.62 -45.67 -50.86
N GLU B 3 -23.13 -44.92 -51.83
CA GLU B 3 -22.27 -44.04 -52.61
C GLU B 3 -21.80 -42.86 -51.75
N ILE B 4 -20.62 -42.35 -52.09
CA ILE B 4 -20.01 -41.28 -51.31
C ILE B 4 -20.81 -40.00 -51.51
N LYS B 5 -21.35 -39.48 -50.41
CA LYS B 5 -22.25 -38.34 -50.46
C LYS B 5 -21.59 -37.01 -50.10
N ALA B 6 -20.53 -37.03 -49.29
CA ALA B 6 -19.94 -35.79 -48.83
C ALA B 6 -18.47 -35.99 -48.52
N ILE B 7 -17.70 -34.92 -48.72
CA ILE B 7 -16.31 -34.84 -48.29
C ILE B 7 -16.21 -33.70 -47.30
N ALA B 8 -15.68 -33.98 -46.12
CA ALA B 8 -15.70 -33.04 -45.02
C ALA B 8 -14.31 -32.88 -44.43
N VAL B 9 -13.99 -31.65 -44.04
CA VAL B 9 -12.69 -31.32 -43.45
C VAL B 9 -12.93 -30.50 -42.18
N GLY B 10 -12.21 -30.86 -41.11
CA GLY B 10 -12.37 -30.17 -39.85
C GLY B 10 -11.79 -28.77 -39.91
N MET B 11 -12.65 -27.76 -39.73
CA MET B 11 -12.27 -26.36 -39.92
C MET B 11 -12.44 -25.56 -38.63
N ASN B 12 -12.02 -26.12 -37.51
CA ASN B 12 -11.92 -25.35 -36.28
C ASN B 12 -10.59 -24.60 -36.28
N SER B 13 -10.29 -23.92 -35.18
CA SER B 13 -9.04 -23.16 -35.11
C SER B 13 -7.84 -24.10 -35.16
N CYS B 14 -7.93 -25.25 -34.50
CA CYS B 14 -6.84 -26.22 -34.55
C CYS B 14 -6.63 -26.75 -35.96
N GLY B 15 -7.71 -27.02 -36.69
CA GLY B 15 -7.58 -27.48 -38.05
C GLY B 15 -6.98 -26.42 -38.97
N ILE B 16 -7.43 -25.18 -38.82
CA ILE B 16 -6.91 -24.08 -39.64
C ILE B 16 -5.42 -23.88 -39.37
N ALA B 17 -5.03 -23.92 -38.10
CA ALA B 17 -3.61 -23.75 -37.75
C ALA B 17 -2.75 -24.85 -38.37
N ALA B 18 -3.28 -26.07 -38.47
CA ALA B 18 -2.55 -27.15 -39.09
C ALA B 18 -2.55 -27.07 -40.62
N GLY B 19 -3.52 -26.36 -41.21
CA GLY B 19 -3.57 -26.25 -42.65
C GLY B 19 -4.81 -26.85 -43.29
N ALA B 20 -5.95 -26.79 -42.58
CA ALA B 20 -7.19 -27.30 -43.16
C ALA B 20 -7.75 -26.38 -44.24
N ARG B 21 -7.37 -25.11 -44.26
CA ARG B 21 -7.80 -24.23 -45.34
C ARG B 21 -7.22 -24.67 -46.67
N GLU B 22 -5.93 -24.99 -46.69
CA GLU B 22 -5.30 -25.50 -47.91
C GLU B 22 -5.92 -26.82 -48.34
N THR B 23 -6.22 -27.69 -47.38
CA THR B 23 -6.87 -28.96 -47.70
C THR B 23 -8.26 -28.72 -48.31
N TYR B 24 -9.03 -27.81 -47.73
CA TYR B 24 -10.35 -27.47 -48.24
C TYR B 24 -10.28 -26.94 -49.67
N GLU B 25 -9.34 -26.02 -49.92
CA GLU B 25 -9.19 -25.47 -51.26
C GLU B 25 -8.73 -26.54 -52.25
N ALA B 26 -7.83 -27.42 -51.82
CA ALA B 26 -7.36 -28.49 -52.69
C ALA B 26 -8.49 -29.45 -53.04
N VAL B 27 -9.33 -29.78 -52.06
CA VAL B 27 -10.47 -30.66 -52.32
C VAL B 27 -11.45 -30.01 -53.28
N LYS B 28 -11.72 -28.71 -53.10
CA LYS B 28 -12.62 -28.00 -54.01
C LYS B 28 -12.05 -27.98 -55.42
N GLU B 29 -10.75 -27.70 -55.55
CA GLU B 29 -10.11 -27.71 -56.86
C GLU B 29 -10.15 -29.08 -57.51
N GLU B 30 -9.94 -30.13 -56.72
CA GLU B 30 -9.94 -31.49 -57.29
C GLU B 30 -11.34 -31.91 -57.70
N LEU B 31 -12.36 -31.53 -56.93
CA LEU B 31 -13.74 -31.81 -57.32
C LEU B 31 -14.12 -31.02 -58.57
N GLU B 32 -13.52 -29.84 -58.76
CA GLU B 32 -13.76 -29.10 -59.99
C GLU B 32 -13.06 -29.75 -61.18
N LYS B 33 -11.79 -30.13 -61.01
CA LYS B 33 -11.00 -30.64 -62.12
C LYS B 33 -11.50 -32.00 -62.58
N ARG B 34 -11.70 -32.92 -61.65
CA ARG B 34 -12.39 -34.17 -61.93
C ARG B 34 -13.86 -33.93 -61.60
N ASN B 35 -14.69 -33.73 -62.62
CA ASN B 35 -16.02 -33.22 -62.43
C ASN B 35 -16.89 -34.18 -61.63
N LEU B 36 -17.11 -33.85 -60.36
CA LEU B 36 -17.88 -34.69 -59.45
C LEU B 36 -18.86 -33.81 -58.69
N ASP B 37 -20.11 -34.26 -58.61
CA ASP B 37 -21.14 -33.53 -57.87
C ASP B 37 -21.29 -34.12 -56.47
N ILE B 38 -20.22 -33.97 -55.68
CA ILE B 38 -20.19 -34.45 -54.31
C ILE B 38 -20.07 -33.24 -53.39
N LYS B 39 -20.93 -33.19 -52.38
CA LYS B 39 -20.98 -32.05 -51.48
C LYS B 39 -19.67 -31.91 -50.70
N LEU B 40 -19.25 -30.67 -50.49
CA LEU B 40 -18.00 -30.37 -49.78
C LEU B 40 -18.34 -29.44 -48.63
N LYS B 41 -18.44 -29.99 -47.43
CA LYS B 41 -18.78 -29.22 -46.24
C LYS B 41 -17.60 -29.17 -45.30
N ILE B 42 -17.67 -28.28 -44.33
CA ILE B 42 -16.68 -28.18 -43.28
C ILE B 42 -17.32 -28.63 -41.97
N VAL B 43 -16.52 -29.29 -41.14
CA VAL B 43 -16.97 -29.75 -39.83
C VAL B 43 -16.05 -29.19 -38.77
N GLY B 44 -16.33 -29.49 -37.52
CA GLY B 44 -15.50 -29.05 -36.42
C GLY B 44 -14.32 -29.99 -36.21
N CYS B 45 -13.66 -29.81 -35.07
CA CYS B 45 -12.58 -30.70 -34.68
C CYS B 45 -13.14 -31.95 -34.04
N VAL B 46 -12.77 -33.11 -34.58
CA VAL B 46 -13.29 -34.38 -34.06
C VAL B 46 -12.78 -34.63 -32.66
N GLY B 47 -11.52 -34.31 -32.40
CA GLY B 47 -10.90 -34.57 -31.11
C GLY B 47 -9.47 -35.02 -31.27
N MET B 48 -9.15 -35.60 -32.42
CA MET B 48 -7.80 -36.07 -32.71
C MET B 48 -6.98 -34.89 -33.22
N CYS B 49 -6.56 -34.04 -32.27
CA CYS B 49 -5.78 -32.86 -32.62
C CYS B 49 -4.36 -33.18 -33.07
N TYR B 50 -3.91 -34.42 -32.89
CA TYR B 50 -2.55 -34.81 -33.22
C TYR B 50 -2.41 -35.37 -34.62
N ARG B 51 -3.47 -35.33 -35.43
CA ARG B 51 -3.43 -35.84 -36.80
C ARG B 51 -4.04 -34.87 -37.80
N GLU B 52 -4.18 -33.60 -37.43
CA GLU B 52 -4.79 -32.62 -38.32
C GLU B 52 -3.90 -32.34 -39.52
N PRO B 53 -4.48 -32.06 -40.69
CA PRO B 53 -5.91 -31.97 -41.02
C PRO B 53 -6.60 -33.32 -41.17
N LEU B 54 -7.91 -33.36 -40.96
CA LEU B 54 -8.70 -34.57 -41.07
C LEU B 54 -9.68 -34.44 -42.23
N LEU B 55 -9.69 -35.42 -43.12
CA LEU B 55 -10.60 -35.45 -44.26
C LEU B 55 -11.54 -36.63 -44.10
N ASP B 56 -12.83 -36.37 -44.24
CA ASP B 56 -13.85 -37.38 -44.04
C ASP B 56 -14.49 -37.77 -45.38
N ILE B 57 -14.65 -39.07 -45.59
CA ILE B 57 -15.43 -39.60 -46.69
C ILE B 57 -16.69 -40.19 -46.10
N ILE B 58 -17.84 -39.64 -46.47
CA ILE B 58 -19.12 -39.96 -45.83
C ILE B 58 -19.97 -40.75 -46.82
N THR B 59 -20.41 -41.92 -46.40
CA THR B 59 -21.42 -42.68 -47.10
C THR B 59 -22.66 -42.78 -46.20
N ASP B 60 -23.66 -43.52 -46.67
CA ASP B 60 -24.89 -43.65 -45.90
C ASP B 60 -24.71 -44.51 -44.66
N ASN B 61 -23.67 -45.33 -44.62
CA ASN B 61 -23.49 -46.29 -43.52
C ASN B 61 -22.14 -46.22 -42.84
N GLU B 62 -21.11 -45.64 -43.46
CA GLU B 62 -19.80 -45.59 -42.84
C GLU B 62 -19.12 -44.26 -43.13
N ILE B 63 -18.25 -43.86 -42.22
CA ILE B 63 -17.42 -42.66 -42.36
C ILE B 63 -15.98 -43.10 -42.21
N ILE B 64 -15.15 -42.79 -43.20
CA ILE B 64 -13.75 -43.17 -43.21
C ILE B 64 -12.94 -41.88 -43.16
N THR B 65 -12.23 -41.69 -42.04
CA THR B 65 -11.48 -40.45 -41.79
C THR B 65 -10.00 -40.68 -42.04
N TYR B 66 -9.40 -39.77 -42.78
CA TYR B 66 -7.97 -39.82 -43.10
C TYR B 66 -7.26 -38.70 -42.34
N GLY B 67 -6.12 -39.04 -41.73
CA GLY B 67 -5.34 -38.08 -40.99
C GLY B 67 -4.11 -37.59 -41.73
N HIS B 68 -3.60 -36.44 -41.30
CA HIS B 68 -2.43 -35.79 -41.91
C HIS B 68 -2.65 -35.53 -43.40
N VAL B 69 -3.82 -35.02 -43.77
CA VAL B 69 -4.19 -34.86 -45.17
C VAL B 69 -3.70 -33.48 -45.62
N THR B 70 -2.49 -33.44 -46.13
CA THR B 70 -1.94 -32.25 -46.76
C THR B 70 -2.51 -32.13 -48.17
N PRO B 71 -2.34 -30.97 -48.82
CA PRO B 71 -2.81 -30.84 -50.21
C PRO B 71 -2.17 -31.83 -51.18
N ASP B 72 -0.99 -32.37 -50.87
CA ASP B 72 -0.32 -33.25 -51.82
C ASP B 72 -0.98 -34.62 -51.90
N ARG B 73 -1.54 -35.12 -50.81
CA ARG B 73 -2.18 -36.42 -50.79
C ARG B 73 -3.67 -36.37 -51.07
N VAL B 74 -4.24 -35.17 -51.22
CA VAL B 74 -5.65 -35.06 -51.62
C VAL B 74 -5.91 -35.68 -52.99
N PRO B 75 -5.07 -35.47 -54.03
CA PRO B 75 -5.35 -36.17 -55.30
C PRO B 75 -5.39 -37.68 -55.17
N ARG B 76 -4.50 -38.26 -54.36
CA ARG B 76 -4.47 -39.70 -54.21
C ARG B 76 -5.72 -40.22 -53.52
N ILE B 77 -6.17 -39.55 -52.45
CA ILE B 77 -7.36 -40.02 -51.74
C ILE B 77 -8.59 -39.84 -52.62
N ILE B 78 -8.65 -38.75 -53.39
CA ILE B 78 -9.77 -38.57 -54.32
C ILE B 78 -9.79 -39.72 -55.32
N GLU B 79 -8.68 -39.94 -56.02
CA GLU B 79 -8.63 -40.96 -57.06
C GLU B 79 -8.92 -42.36 -56.49
N GLU B 80 -8.35 -42.69 -55.34
CA GLU B 80 -8.48 -44.03 -54.82
C GLU B 80 -9.84 -44.30 -54.18
N HIS B 81 -10.46 -43.29 -53.55
CA HIS B 81 -11.66 -43.54 -52.79
C HIS B 81 -12.94 -43.13 -53.51
N VAL B 82 -12.99 -41.93 -54.10
CA VAL B 82 -14.24 -41.48 -54.68
C VAL B 82 -14.37 -41.86 -56.15
N ILE B 83 -13.28 -42.22 -56.81
CA ILE B 83 -13.31 -42.60 -58.22
C ILE B 83 -13.27 -44.11 -58.39
N ASN B 84 -12.32 -44.77 -57.74
CA ASN B 84 -12.20 -46.23 -57.86
C ASN B 84 -12.97 -46.96 -56.77
N GLY B 85 -12.94 -46.46 -55.53
CA GLY B 85 -13.63 -47.11 -54.44
C GLY B 85 -12.76 -48.06 -53.66
N LYS B 86 -11.62 -47.59 -53.19
CA LYS B 86 -10.73 -48.39 -52.36
C LYS B 86 -10.23 -47.56 -51.18
N PRO B 87 -10.51 -47.97 -49.95
CA PRO B 87 -9.89 -47.30 -48.79
C PRO B 87 -8.39 -47.50 -48.77
N ILE B 88 -7.67 -46.44 -48.40
CA ILE B 88 -6.22 -46.51 -48.23
C ILE B 88 -5.98 -46.78 -46.75
N GLU B 89 -5.85 -48.07 -46.41
CA GLU B 89 -5.82 -48.48 -45.01
C GLU B 89 -4.63 -47.92 -44.25
N ASP B 90 -3.56 -47.52 -44.94
CA ASP B 90 -2.43 -46.91 -44.25
C ASP B 90 -2.82 -45.58 -43.60
N TRP B 91 -3.58 -44.75 -44.32
CA TRP B 91 -3.92 -43.41 -43.85
C TRP B 91 -5.24 -43.36 -43.10
N VAL B 92 -5.99 -44.45 -43.05
CA VAL B 92 -7.25 -44.46 -42.32
C VAL B 92 -6.93 -44.43 -40.82
N VAL B 93 -7.15 -43.27 -40.20
CA VAL B 93 -6.91 -43.12 -38.77
C VAL B 93 -8.19 -43.29 -37.95
N LYS B 94 -9.34 -43.36 -38.59
CA LYS B 94 -10.61 -43.44 -37.88
C LYS B 94 -11.68 -43.98 -38.81
N LYS B 95 -12.46 -44.93 -38.32
CA LYS B 95 -13.58 -45.49 -39.08
C LYS B 95 -14.83 -45.41 -38.22
N ASP B 96 -15.91 -44.91 -38.81
CA ASP B 96 -17.14 -44.64 -38.08
C ASP B 96 -18.30 -45.26 -38.84
N TRP B 97 -19.02 -46.17 -38.19
CA TRP B 97 -20.19 -46.80 -38.78
C TRP B 97 -21.31 -46.81 -37.74
N TRP B 98 -22.49 -47.23 -38.17
CA TRP B 98 -23.68 -47.20 -37.33
C TRP B 98 -24.16 -48.63 -37.05
N GLU B 99 -24.49 -48.89 -35.79
CA GLU B 99 -24.99 -50.19 -35.36
C GLU B 99 -26.23 -49.97 -34.49
N ASN B 100 -27.40 -50.28 -35.05
CA ASN B 100 -28.67 -50.20 -34.32
C ASN B 100 -28.93 -48.80 -33.78
N GLY B 101 -28.68 -47.79 -34.61
CA GLY B 101 -28.99 -46.42 -34.24
C GLY B 101 -27.92 -45.70 -33.45
N GLN B 102 -26.85 -46.38 -33.07
CA GLN B 102 -25.74 -45.76 -32.35
C GLN B 102 -24.57 -45.53 -33.31
N ARG B 103 -23.51 -44.93 -32.78
CA ARG B 103 -22.33 -44.59 -33.57
C ARG B 103 -21.13 -45.37 -33.03
N LYS B 104 -20.52 -46.18 -33.89
CA LYS B 104 -19.41 -47.03 -33.51
C LYS B 104 -18.14 -46.52 -34.17
N THR B 105 -17.08 -46.37 -33.37
CA THR B 105 -15.83 -45.80 -33.84
C THR B 105 -14.70 -46.80 -33.63
N TRP B 106 -13.88 -46.97 -34.66
CA TRP B 106 -12.65 -47.74 -34.57
C TRP B 106 -11.48 -46.79 -34.79
N ASP B 107 -10.51 -46.83 -33.90
CA ASP B 107 -9.37 -45.92 -33.95
C ASP B 107 -8.08 -46.72 -34.10
N PHE B 108 -7.20 -46.21 -34.96
CA PHE B 108 -5.91 -46.86 -35.20
C PHE B 108 -5.06 -46.85 -33.95
N ASP B 109 -5.08 -45.75 -33.19
CA ASP B 109 -4.23 -45.57 -32.03
C ASP B 109 -4.95 -45.88 -30.72
N GLY B 110 -6.17 -46.39 -30.77
CA GLY B 110 -6.91 -46.68 -29.56
C GLY B 110 -7.33 -45.45 -28.78
N TYR B 111 -7.49 -44.31 -29.46
CA TYR B 111 -7.77 -43.05 -28.78
C TYR B 111 -9.16 -43.05 -28.16
N PHE B 112 -10.15 -43.64 -28.84
CA PHE B 112 -11.55 -43.49 -28.49
C PHE B 112 -12.09 -44.63 -27.63
N VAL B 113 -11.23 -45.55 -27.19
CA VAL B 113 -11.73 -46.75 -26.51
C VAL B 113 -12.39 -46.40 -25.19
N LYS B 114 -11.79 -45.51 -24.42
CA LYS B 114 -12.33 -45.12 -23.12
C LYS B 114 -13.01 -43.76 -23.14
N GLN B 115 -13.21 -43.17 -24.31
CA GLN B 115 -13.83 -41.87 -24.43
C GLN B 115 -15.34 -41.99 -24.50
N LYS B 116 -16.04 -41.08 -23.83
CA LYS B 116 -17.49 -40.99 -23.88
C LYS B 116 -17.84 -39.56 -24.30
N LYS B 117 -18.19 -39.38 -25.57
CA LYS B 117 -18.43 -38.05 -26.13
C LYS B 117 -19.86 -37.63 -25.84
N ILE B 118 -20.03 -36.69 -24.91
CA ILE B 118 -21.32 -36.09 -24.60
C ILE B 118 -21.39 -34.66 -25.12
N VAL B 119 -20.44 -33.82 -24.74
CA VAL B 119 -20.37 -32.45 -25.24
C VAL B 119 -19.96 -32.45 -26.71
N LEU B 120 -19.04 -33.33 -27.09
CA LEU B 120 -18.40 -33.29 -28.40
C LEU B 120 -18.89 -34.40 -29.32
N GLU B 121 -20.14 -34.84 -29.15
CA GLU B 121 -20.63 -35.96 -29.95
C GLU B 121 -20.85 -35.55 -31.41
N ASN B 122 -21.30 -34.32 -31.66
CA ASN B 122 -21.56 -33.86 -33.01
C ASN B 122 -20.38 -33.15 -33.66
N SER B 123 -19.32 -32.89 -32.91
CA SER B 123 -18.16 -32.20 -33.47
C SER B 123 -17.44 -33.11 -34.47
N GLY B 124 -17.16 -32.57 -35.64
CA GLY B 124 -16.54 -33.34 -36.70
C GLY B 124 -17.48 -34.17 -37.54
N TYR B 125 -18.78 -34.13 -37.26
CA TYR B 125 -19.76 -34.87 -38.04
C TYR B 125 -20.84 -33.99 -38.68
N ILE B 126 -21.05 -32.77 -38.19
CA ILE B 126 -22.05 -31.87 -38.72
C ILE B 126 -21.39 -30.58 -39.16
N ASP B 127 -22.05 -29.87 -40.06
CA ASP B 127 -21.58 -28.56 -40.49
C ASP B 127 -21.97 -27.52 -39.45
N PRO B 128 -21.01 -26.83 -38.84
CA PRO B 128 -21.37 -25.78 -37.86
C PRO B 128 -22.09 -24.60 -38.48
N GLU B 129 -21.98 -24.39 -39.79
CA GLU B 129 -22.58 -23.26 -40.46
C GLU B 129 -23.95 -23.58 -41.05
N ASN B 130 -24.46 -24.79 -40.83
CA ASN B 130 -25.75 -25.20 -41.37
C ASN B 130 -26.63 -25.69 -40.23
N ILE B 131 -27.80 -25.07 -40.08
CA ILE B 131 -28.73 -25.50 -39.05
C ILE B 131 -29.56 -26.68 -39.51
N GLU B 132 -29.66 -26.92 -40.82
CA GLU B 132 -30.36 -28.09 -41.33
C GLU B 132 -29.65 -29.38 -40.94
N GLU B 133 -28.31 -29.39 -40.99
CA GLU B 133 -27.58 -30.59 -40.62
C GLU B 133 -27.66 -30.85 -39.11
N TYR B 134 -27.61 -29.79 -38.30
CA TYR B 134 -27.79 -29.98 -36.86
C TYR B 134 -29.19 -30.45 -36.54
N ILE B 135 -30.20 -29.96 -37.29
CA ILE B 135 -31.57 -30.42 -37.10
C ILE B 135 -31.69 -31.89 -37.48
N ALA B 136 -31.10 -32.29 -38.61
CA ALA B 136 -31.22 -33.66 -39.07
C ALA B 136 -30.47 -34.63 -38.17
N ALA B 137 -29.44 -34.16 -37.48
CA ALA B 137 -28.67 -34.99 -36.55
C ALA B 137 -29.29 -35.05 -35.16
N GLY B 138 -30.58 -34.76 -35.04
CA GLY B 138 -31.28 -34.84 -33.77
C GLY B 138 -31.26 -33.57 -32.96
N GLY B 139 -30.66 -32.49 -33.46
CA GLY B 139 -30.56 -31.27 -32.69
C GLY B 139 -31.87 -30.52 -32.62
N TYR B 140 -31.97 -29.66 -31.60
CA TYR B 140 -33.12 -28.79 -31.34
C TYR B 140 -34.39 -29.58 -31.02
N GLU B 141 -34.31 -30.90 -30.96
CA GLU B 141 -35.43 -31.70 -30.46
C GLU B 141 -35.54 -31.56 -28.95
N ALA B 142 -34.39 -31.45 -28.27
CA ALA B 142 -34.40 -31.19 -26.84
C ALA B 142 -35.02 -29.83 -26.54
N LEU B 143 -34.83 -28.86 -27.43
CA LEU B 143 -35.46 -27.56 -27.24
C LEU B 143 -36.99 -27.67 -27.28
N LYS B 144 -37.53 -28.42 -28.22
CA LYS B 144 -38.98 -28.59 -28.30
C LYS B 144 -39.50 -29.39 -27.11
N LYS B 145 -38.77 -30.42 -26.69
CA LYS B 145 -39.19 -31.17 -25.50
C LYS B 145 -39.18 -30.28 -24.26
N ALA B 146 -38.16 -29.43 -24.13
CA ALA B 146 -38.09 -28.53 -22.97
C ALA B 146 -39.17 -27.46 -23.03
N PHE B 147 -39.54 -27.03 -24.24
CA PHE B 147 -40.66 -26.09 -24.37
C PHE B 147 -41.97 -26.76 -23.99
N LYS B 148 -42.08 -28.08 -24.18
CA LYS B 148 -43.26 -28.79 -23.69
C LYS B 148 -43.21 -29.07 -22.21
N MET B 149 -42.11 -28.75 -21.53
CA MET B 149 -41.98 -28.93 -20.09
C MET B 149 -42.10 -27.58 -19.38
N LYS B 150 -42.42 -27.66 -18.10
CA LYS B 150 -42.40 -26.45 -17.29
C LYS B 150 -40.96 -26.06 -16.94
N PRO B 151 -40.69 -24.77 -16.78
CA PRO B 151 -39.32 -24.35 -16.43
C PRO B 151 -38.80 -24.94 -15.13
N GLU B 152 -39.67 -25.06 -14.12
CA GLU B 152 -39.26 -25.68 -12.87
C GLU B 152 -38.88 -27.14 -13.07
N GLU B 153 -39.60 -27.83 -13.95
CA GLU B 153 -39.26 -29.21 -14.28
C GLU B 153 -37.91 -29.30 -14.97
N ILE B 154 -37.58 -28.31 -15.81
CA ILE B 154 -36.26 -28.29 -16.44
C ILE B 154 -35.17 -28.07 -15.40
N ILE B 155 -35.42 -27.19 -14.43
CA ILE B 155 -34.44 -26.93 -13.38
C ILE B 155 -34.20 -28.20 -12.56
N ASP B 156 -35.28 -28.89 -12.19
CA ASP B 156 -35.14 -30.14 -11.44
C ASP B 156 -34.44 -31.20 -12.28
N PHE B 157 -34.76 -31.25 -13.58
CA PHE B 157 -34.08 -32.14 -14.51
C PHE B 157 -32.57 -31.94 -14.46
N ILE B 158 -32.13 -30.70 -14.57
CA ILE B 158 -30.70 -30.40 -14.55
C ILE B 158 -30.10 -30.70 -13.18
N THR B 159 -30.86 -30.45 -12.12
CA THR B 159 -30.37 -30.72 -10.77
C THR B 159 -30.13 -32.20 -10.54
N LYS B 160 -31.02 -33.05 -11.04
CA LYS B 160 -30.91 -34.48 -10.80
C LYS B 160 -29.75 -35.13 -11.55
N SER B 161 -29.20 -34.46 -12.56
CA SER B 161 -28.13 -35.07 -13.36
C SER B 161 -26.78 -35.03 -12.66
N GLY B 162 -26.63 -34.21 -11.63
CA GLY B 162 -25.31 -34.00 -11.05
C GLY B 162 -24.38 -33.27 -11.99
N LEU B 163 -24.92 -32.44 -12.88
CA LEU B 163 -24.10 -31.65 -13.79
C LEU B 163 -23.44 -30.53 -13.02
N ARG B 164 -22.24 -30.78 -12.52
CA ARG B 164 -21.52 -29.76 -11.79
C ARG B 164 -20.85 -28.81 -12.77
N GLY B 165 -20.50 -27.63 -12.28
CA GLY B 165 -19.96 -26.59 -13.12
C GLY B 165 -18.70 -26.99 -13.84
N ARG B 166 -18.80 -27.16 -15.16
CA ARG B 166 -17.64 -27.46 -15.98
C ARG B 166 -16.73 -26.27 -16.16
N GLY B 167 -17.04 -25.14 -15.53
CA GLY B 167 -16.16 -23.99 -15.56
C GLY B 167 -14.95 -24.08 -14.68
N GLY B 168 -14.88 -25.10 -13.83
CA GLY B 168 -13.69 -25.35 -13.04
C GLY B 168 -13.94 -25.54 -11.56
N ALA B 169 -14.87 -24.77 -11.00
CA ALA B 169 -15.14 -24.84 -9.57
C ALA B 169 -16.08 -25.97 -9.20
N GLY B 170 -16.75 -26.58 -10.17
CA GLY B 170 -17.63 -27.70 -9.89
C GLY B 170 -18.86 -27.36 -9.07
N PHE B 171 -19.42 -26.18 -9.27
CA PHE B 171 -20.65 -25.86 -8.57
C PHE B 171 -21.83 -26.56 -9.24
N PRO B 172 -22.80 -27.03 -8.46
CA PRO B 172 -23.99 -27.66 -9.06
C PRO B 172 -24.78 -26.66 -9.90
N THR B 173 -24.84 -26.93 -11.21
CA THR B 173 -25.43 -25.99 -12.15
C THR B 173 -26.92 -25.79 -11.91
N GLY B 174 -27.63 -26.87 -11.56
CA GLY B 174 -29.05 -26.75 -11.27
C GLY B 174 -29.32 -25.80 -10.11
N LEU B 175 -28.46 -25.85 -9.08
CA LEU B 175 -28.58 -24.90 -7.97
C LEU B 175 -28.35 -23.47 -8.45
N LYS B 176 -27.41 -23.28 -9.37
CA LYS B 176 -27.17 -21.95 -9.92
C LYS B 176 -28.38 -21.41 -10.66
N TRP B 177 -28.99 -22.26 -11.51
CA TRP B 177 -30.19 -21.83 -12.23
C TRP B 177 -31.34 -21.58 -11.27
N LYS B 178 -31.47 -22.42 -10.24
CA LYS B 178 -32.53 -22.23 -9.25
C LYS B 178 -32.36 -20.92 -8.51
N PHE B 179 -31.11 -20.56 -8.16
CA PHE B 179 -30.86 -19.28 -7.53
C PHE B 179 -31.18 -18.12 -8.47
N THR B 180 -30.78 -18.22 -9.74
CA THR B 180 -31.01 -17.12 -10.67
C THR B 180 -32.50 -16.93 -10.94
N ARG B 181 -33.25 -18.03 -11.07
CA ARG B 181 -34.70 -17.92 -11.24
C ARG B 181 -35.37 -17.36 -10.00
N ASP B 182 -34.96 -17.84 -8.82
CA ASP B 182 -35.56 -17.37 -7.58
C ASP B 182 -35.13 -15.97 -7.19
N ALA B 183 -34.15 -15.39 -7.89
CA ALA B 183 -33.67 -14.06 -7.53
C ALA B 183 -34.76 -13.02 -7.75
N PRO B 184 -34.97 -12.11 -6.80
CA PRO B 184 -36.07 -11.14 -6.93
C PRO B 184 -35.81 -10.15 -8.05
N GLY B 185 -36.70 -10.16 -9.03
CA GLY B 185 -36.56 -9.27 -10.17
C GLY B 185 -37.50 -9.68 -11.27
N ASP B 186 -37.42 -8.94 -12.37
CA ASP B 186 -38.27 -9.21 -13.52
C ASP B 186 -37.48 -9.36 -14.81
N GLU B 187 -36.42 -8.59 -15.00
CA GLU B 187 -35.60 -8.66 -16.20
C GLU B 187 -34.28 -9.34 -15.82
N LYS B 188 -33.98 -10.45 -16.47
CA LYS B 188 -32.82 -11.26 -16.14
C LYS B 188 -31.99 -11.53 -17.38
N TYR B 189 -30.71 -11.80 -17.16
CA TYR B 189 -29.79 -12.10 -18.25
C TYR B 189 -29.09 -13.41 -17.94
N ILE B 190 -28.65 -14.08 -19.00
CA ILE B 190 -27.81 -15.26 -18.89
C ILE B 190 -26.57 -15.06 -19.74
N VAL B 191 -25.43 -15.46 -19.22
CA VAL B 191 -24.15 -15.23 -19.87
C VAL B 191 -23.49 -16.57 -20.12
N CYS B 192 -23.02 -16.78 -21.34
CA CYS B 192 -22.15 -17.89 -21.67
C CYS B 192 -20.71 -17.43 -21.45
N ASN B 193 -19.98 -18.15 -20.60
CA ASN B 193 -18.63 -17.77 -20.23
C ASN B 193 -17.66 -18.46 -21.17
N ALA B 194 -17.27 -17.76 -22.23
CA ALA B 194 -16.35 -18.30 -23.23
C ALA B 194 -15.01 -17.59 -23.22
N ASP B 195 -14.64 -16.97 -22.10
CA ASP B 195 -13.36 -16.27 -21.99
C ASP B 195 -12.28 -17.23 -21.50
N GLU B 196 -12.01 -18.24 -22.33
CA GLU B 196 -11.10 -19.31 -21.95
C GLU B 196 -9.67 -18.77 -21.91
N GLY B 197 -9.23 -18.36 -20.72
CA GLY B 197 -7.96 -17.69 -20.57
C GLY B 197 -6.74 -18.59 -20.48
N ASP B 198 -6.95 -19.89 -20.41
CA ASP B 198 -5.83 -20.82 -20.35
C ASP B 198 -5.19 -20.92 -21.73
N PRO B 199 -3.91 -20.59 -21.87
CA PRO B 199 -3.26 -20.72 -23.19
C PRO B 199 -3.15 -22.15 -23.69
N GLY B 200 -3.26 -23.14 -22.80
CA GLY B 200 -3.18 -24.54 -23.18
C GLY B 200 -4.50 -25.26 -23.29
N ALA B 201 -5.62 -24.61 -22.96
CA ALA B 201 -6.93 -25.22 -23.03
C ALA B 201 -7.78 -24.47 -24.06
N PHE B 202 -8.39 -25.23 -24.98
CA PHE B 202 -9.25 -24.64 -26.00
C PHE B 202 -10.53 -25.44 -26.18
N MET B 203 -11.03 -26.04 -25.10
CA MET B 203 -12.22 -26.89 -25.19
C MET B 203 -13.48 -26.07 -25.45
N ASP B 204 -13.66 -24.98 -24.69
CA ASP B 204 -14.86 -24.16 -24.83
C ASP B 204 -14.92 -23.51 -26.20
N ARG B 205 -13.79 -23.02 -26.70
CA ARG B 205 -13.75 -22.47 -28.05
C ARG B 205 -14.05 -23.56 -29.08
N ASN B 206 -13.59 -24.78 -28.83
CA ASN B 206 -13.89 -25.89 -29.74
C ASN B 206 -15.37 -26.18 -29.78
N VAL B 207 -16.05 -26.10 -28.64
CA VAL B 207 -17.50 -26.28 -28.62
C VAL B 207 -18.19 -25.14 -29.35
N LEU B 208 -17.73 -23.90 -29.13
CA LEU B 208 -18.35 -22.76 -29.79
C LEU B 208 -18.15 -22.78 -31.29
N GLU B 209 -17.06 -23.39 -31.77
CA GLU B 209 -16.80 -23.44 -33.20
C GLU B 209 -17.47 -24.65 -33.86
N GLY B 210 -17.15 -25.85 -33.38
CA GLY B 210 -17.63 -27.05 -34.03
C GLY B 210 -19.13 -27.24 -33.93
N ASP B 211 -19.70 -27.01 -32.74
CA ASP B 211 -21.12 -27.23 -32.49
C ASP B 211 -21.71 -26.03 -31.77
N PRO B 212 -21.85 -24.89 -32.47
CA PRO B 212 -22.39 -23.70 -31.79
C PRO B 212 -23.87 -23.81 -31.47
N HIS B 213 -24.64 -24.55 -32.29
CA HIS B 213 -26.06 -24.68 -32.03
C HIS B 213 -26.34 -25.44 -30.75
N ARG B 214 -25.42 -26.31 -30.33
CA ARG B 214 -25.56 -26.97 -29.04
C ARG B 214 -25.51 -25.96 -27.90
N VAL B 215 -24.57 -25.02 -27.97
CA VAL B 215 -24.49 -23.96 -26.96
C VAL B 215 -25.73 -23.07 -27.03
N ILE B 216 -26.16 -22.72 -28.24
CA ILE B 216 -27.34 -21.87 -28.38
C ILE B 216 -28.58 -22.53 -27.81
N GLU B 217 -28.76 -23.82 -28.09
CA GLU B 217 -29.91 -24.56 -27.58
C GLU B 217 -29.85 -24.70 -26.07
N GLY B 218 -28.66 -24.96 -25.52
CA GLY B 218 -28.52 -24.98 -24.07
C GLY B 218 -28.88 -23.65 -23.44
N MET B 219 -28.46 -22.55 -24.08
CA MET B 219 -28.78 -21.23 -23.56
C MET B 219 -30.27 -20.93 -23.63
N ILE B 220 -30.94 -21.38 -24.69
CA ILE B 220 -32.37 -21.14 -24.80
C ILE B 220 -33.13 -21.97 -23.77
N ILE B 221 -32.69 -23.21 -23.54
CA ILE B 221 -33.32 -24.04 -22.51
C ILE B 221 -33.11 -23.41 -21.13
N GLY B 222 -31.89 -22.95 -20.85
CA GLY B 222 -31.63 -22.32 -19.57
C GLY B 222 -32.39 -21.01 -19.40
N ALA B 223 -32.56 -20.25 -20.48
CA ALA B 223 -33.30 -19.00 -20.41
C ALA B 223 -34.78 -19.25 -20.18
N TYR B 224 -35.33 -20.28 -20.80
CA TYR B 224 -36.73 -20.63 -20.55
C TYR B 224 -36.90 -21.14 -19.13
N ALA B 225 -35.93 -21.88 -18.60
CA ALA B 225 -36.01 -22.36 -17.22
C ALA B 225 -35.90 -21.21 -16.22
N ILE B 226 -35.00 -20.27 -16.47
CA ILE B 226 -34.73 -19.19 -15.52
C ILE B 226 -35.76 -18.07 -15.67
N GLY B 227 -36.11 -17.72 -16.90
CA GLY B 227 -36.91 -16.56 -17.18
C GLY B 227 -36.13 -15.40 -17.72
N ALA B 228 -35.06 -15.64 -18.47
CA ALA B 228 -34.24 -14.57 -19.01
C ALA B 228 -34.86 -14.02 -20.30
N THR B 229 -34.53 -12.78 -20.60
CA THR B 229 -34.99 -12.13 -21.82
C THR B 229 -33.88 -11.82 -22.80
N LYS B 230 -32.67 -11.55 -22.30
CA LYS B 230 -31.50 -11.32 -23.15
C LYS B 230 -30.39 -12.27 -22.75
N GLY B 231 -29.62 -12.71 -23.73
CA GLY B 231 -28.50 -13.60 -23.51
C GLY B 231 -27.22 -13.01 -24.07
N PHE B 232 -26.13 -13.16 -23.32
CA PHE B 232 -24.84 -12.64 -23.70
C PHE B 232 -23.85 -13.79 -23.83
N ILE B 233 -23.13 -13.82 -24.95
CA ILE B 233 -22.06 -14.79 -25.14
C ILE B 233 -20.75 -14.00 -25.02
N TYR B 234 -20.11 -14.12 -23.86
CA TYR B 234 -18.86 -13.40 -23.61
C TYR B 234 -17.72 -14.23 -24.19
N VAL B 235 -17.30 -13.86 -25.40
CA VAL B 235 -16.21 -14.54 -26.09
C VAL B 235 -15.19 -13.48 -26.49
N ARG B 236 -13.92 -13.83 -26.42
CA ARG B 236 -12.86 -12.88 -26.76
C ARG B 236 -12.92 -12.52 -28.24
N ALA B 237 -12.61 -11.25 -28.53
CA ALA B 237 -12.41 -10.83 -29.91
C ALA B 237 -11.16 -11.43 -30.53
N GLU B 238 -10.29 -12.04 -29.73
CA GLU B 238 -9.17 -12.82 -30.22
C GLU B 238 -9.60 -14.14 -30.85
N TYR B 239 -10.88 -14.51 -30.72
CA TYR B 239 -11.43 -15.70 -31.35
C TYR B 239 -12.35 -15.28 -32.49
N PRO B 240 -11.81 -14.98 -33.68
CA PRO B 240 -12.66 -14.44 -34.75
C PRO B 240 -13.54 -15.49 -35.40
N LEU B 241 -13.00 -16.69 -35.60
CA LEU B 241 -13.76 -17.76 -36.24
C LEU B 241 -14.97 -18.15 -35.40
N ALA B 242 -14.78 -18.24 -34.09
CA ALA B 242 -15.89 -18.54 -33.19
C ALA B 242 -16.96 -17.47 -33.25
N ILE B 243 -16.55 -16.20 -33.32
CA ILE B 243 -17.52 -15.11 -33.40
C ILE B 243 -18.29 -15.17 -34.71
N LYS B 244 -17.60 -15.43 -35.82
CA LYS B 244 -18.26 -15.53 -37.11
C LYS B 244 -19.28 -16.66 -37.13
N ARG B 245 -18.88 -17.84 -36.63
CA ARG B 245 -19.80 -18.96 -36.63
C ARG B 245 -20.95 -18.76 -35.67
N LEU B 246 -20.70 -18.10 -34.53
CA LEU B 246 -21.78 -17.76 -33.62
C LEU B 246 -22.76 -16.80 -34.27
N ARG B 247 -22.27 -15.81 -35.02
CA ARG B 247 -23.15 -14.86 -35.67
C ARG B 247 -24.02 -15.53 -36.72
N ILE B 248 -23.42 -16.38 -37.55
CA ILE B 248 -24.21 -17.03 -38.60
C ILE B 248 -25.19 -18.02 -37.99
N ALA B 249 -24.80 -18.71 -36.92
CA ALA B 249 -25.71 -19.63 -36.25
C ALA B 249 -26.85 -18.88 -35.58
N LEU B 250 -26.56 -17.72 -34.98
CA LEU B 250 -27.61 -16.92 -34.36
C LEU B 250 -28.61 -16.42 -35.40
N LYS B 251 -28.13 -15.97 -36.56
CA LYS B 251 -29.05 -15.49 -37.58
C LYS B 251 -29.87 -16.64 -38.17
N GLN B 252 -29.25 -17.82 -38.31
CA GLN B 252 -29.99 -18.97 -38.82
C GLN B 252 -31.04 -19.45 -37.82
N ALA B 253 -30.73 -19.40 -36.53
CA ALA B 253 -31.72 -19.75 -35.52
C ALA B 253 -32.82 -18.71 -35.42
N ARG B 254 -32.48 -17.44 -35.68
CA ARG B 254 -33.48 -16.38 -35.64
C ARG B 254 -34.44 -16.49 -36.82
N GLU B 255 -33.94 -16.90 -37.98
CA GLU B 255 -34.83 -17.05 -39.13
C GLU B 255 -35.64 -18.33 -39.11
N LYS B 256 -35.34 -19.27 -38.20
CA LYS B 256 -36.10 -20.51 -38.10
C LYS B 256 -36.96 -20.56 -36.85
N GLY B 257 -37.20 -19.41 -36.22
CA GLY B 257 -38.14 -19.36 -35.11
C GLY B 257 -37.63 -19.90 -33.80
N PHE B 258 -36.31 -19.94 -33.59
CA PHE B 258 -35.76 -20.33 -32.30
C PHE B 258 -35.23 -19.15 -31.50
N LEU B 259 -34.98 -18.01 -32.14
CA LEU B 259 -34.59 -16.79 -31.46
C LEU B 259 -35.42 -15.64 -32.01
N GLY B 260 -35.75 -14.69 -31.13
CA GLY B 260 -36.60 -13.57 -31.49
C GLY B 260 -37.90 -13.60 -30.70
N GLU B 261 -38.94 -13.02 -31.30
CA GLU B 261 -40.24 -12.91 -30.66
C GLU B 261 -41.09 -14.15 -30.91
N ASN B 262 -41.74 -14.64 -29.85
CA ASN B 262 -42.62 -15.80 -29.91
C ASN B 262 -41.87 -17.03 -30.45
N ILE B 263 -40.89 -17.46 -29.66
CA ILE B 263 -40.07 -18.61 -30.02
C ILE B 263 -40.95 -19.86 -29.93
N LEU B 264 -41.24 -20.46 -31.09
CA LEU B 264 -42.02 -21.69 -31.19
C LEU B 264 -43.39 -21.56 -30.51
N GLY B 265 -43.98 -20.38 -30.64
CA GLY B 265 -45.35 -20.16 -30.20
C GLY B 265 -45.59 -20.35 -28.72
N SER B 266 -44.56 -20.17 -27.90
CA SER B 266 -44.68 -20.38 -26.46
C SER B 266 -44.80 -19.08 -25.68
N GLY B 267 -44.94 -17.95 -26.37
CA GLY B 267 -44.96 -16.68 -25.67
C GLY B 267 -43.65 -16.29 -25.06
N PHE B 268 -42.54 -16.83 -25.57
CA PHE B 268 -41.21 -16.62 -25.02
C PHE B 268 -40.36 -15.90 -26.05
N SER B 269 -39.78 -14.77 -25.65
CA SER B 269 -38.92 -13.96 -26.51
C SER B 269 -37.53 -13.92 -25.91
N PHE B 270 -36.52 -14.19 -26.75
CA PHE B 270 -35.15 -14.26 -26.25
C PHE B 270 -34.20 -14.00 -27.40
N GLU B 271 -33.34 -12.99 -27.25
CA GLU B 271 -32.32 -12.68 -28.22
C GLU B 271 -30.94 -12.86 -27.59
N ILE B 272 -29.97 -13.24 -28.40
CA ILE B 272 -28.61 -13.50 -27.95
C ILE B 272 -27.70 -12.44 -28.56
N VAL B 273 -26.97 -11.73 -27.70
CA VAL B 273 -26.03 -10.70 -28.11
C VAL B 273 -24.63 -11.20 -27.82
N ILE B 274 -23.74 -11.08 -28.80
CA ILE B 274 -22.37 -11.53 -28.66
C ILE B 274 -21.56 -10.37 -28.08
N LYS B 275 -21.18 -10.49 -26.80
CA LYS B 275 -20.34 -9.50 -26.16
C LYS B 275 -18.89 -9.95 -26.24
N GLU B 276 -18.03 -9.06 -26.70
CA GLU B 276 -16.63 -9.38 -26.94
C GLU B 276 -15.78 -8.72 -25.88
N GLY B 277 -14.90 -9.52 -25.26
CA GLY B 277 -13.94 -9.02 -24.30
C GLY B 277 -12.61 -8.74 -24.98
N ALA B 278 -11.88 -7.76 -24.45
CA ALA B 278 -10.62 -7.36 -25.06
C ALA B 278 -9.52 -8.40 -24.82
N GLY B 279 -9.70 -9.27 -23.83
CA GLY B 279 -8.72 -10.31 -23.59
C GLY B 279 -7.95 -10.16 -22.30
N ALA B 280 -8.35 -10.90 -21.27
CA ALA B 280 -7.63 -10.92 -20.02
C ALA B 280 -8.01 -12.20 -19.27
N PHE B 281 -7.03 -12.80 -18.61
CA PHE B 281 -7.27 -14.00 -17.82
C PHE B 281 -8.16 -13.74 -16.62
N VAL B 282 -8.19 -12.49 -16.13
CA VAL B 282 -8.97 -12.20 -14.93
C VAL B 282 -10.43 -11.90 -15.29
N CYS B 283 -10.69 -11.37 -16.48
CA CYS B 283 -12.07 -11.04 -16.83
C CYS B 283 -12.88 -12.27 -17.23
N GLY B 284 -12.25 -13.45 -17.27
CA GLY B 284 -13.01 -14.69 -17.32
C GLY B 284 -13.69 -15.04 -16.01
N GLU B 285 -13.19 -14.48 -14.90
CA GLU B 285 -13.91 -14.59 -13.64
C GLU B 285 -15.22 -13.83 -13.75
N GLU B 286 -16.26 -14.36 -13.10
CA GLU B 286 -17.61 -13.88 -13.38
C GLU B 286 -17.82 -12.43 -12.97
N THR B 287 -17.28 -12.02 -11.82
CA THR B 287 -17.43 -10.63 -11.39
C THR B 287 -16.68 -9.67 -12.32
N ALA B 288 -15.46 -10.04 -12.71
CA ALA B 288 -14.73 -9.23 -13.67
C ALA B 288 -15.38 -9.28 -15.05
N LEU B 289 -16.01 -10.41 -15.40
CA LEU B 289 -16.77 -10.48 -16.64
C LEU B 289 -17.95 -9.50 -16.63
N ILE B 290 -18.66 -9.43 -15.51
CA ILE B 290 -19.75 -8.47 -15.37
C ILE B 290 -19.23 -7.05 -15.47
N ALA B 291 -18.10 -6.77 -14.81
CA ALA B 291 -17.54 -5.43 -14.86
C ALA B 291 -17.10 -5.05 -16.27
N SER B 292 -16.55 -6.01 -17.02
CA SER B 292 -16.11 -5.72 -18.39
C SER B 292 -17.28 -5.58 -19.37
N ILE B 293 -18.37 -6.33 -19.16
CA ILE B 293 -19.54 -6.14 -20.00
C ILE B 293 -20.19 -4.78 -19.73
N GLU B 294 -20.17 -4.33 -18.47
CA GLU B 294 -20.71 -3.02 -18.13
C GLU B 294 -19.84 -1.87 -18.60
N GLY B 295 -18.64 -2.13 -19.10
CA GLY B 295 -17.77 -1.10 -19.60
C GLY B 295 -16.73 -0.58 -18.63
N LYS B 296 -16.54 -1.24 -17.49
CA LYS B 296 -15.54 -0.87 -16.52
C LYS B 296 -14.27 -1.69 -16.76
N ARG B 297 -13.31 -1.58 -15.86
CA ARG B 297 -12.14 -2.45 -15.90
C ARG B 297 -12.41 -3.69 -15.06
N GLY B 298 -11.97 -4.84 -15.57
CA GLY B 298 -12.33 -6.11 -14.97
C GLY B 298 -11.63 -6.43 -13.68
N MET B 299 -11.95 -5.69 -12.62
CA MET B 299 -11.43 -5.99 -11.29
C MET B 299 -12.46 -6.80 -10.53
N PRO B 300 -12.16 -8.04 -10.16
CA PRO B 300 -13.13 -8.85 -9.43
C PRO B 300 -13.51 -8.24 -8.10
N ARG B 301 -14.77 -8.41 -7.73
CA ARG B 301 -15.34 -7.91 -6.49
C ARG B 301 -15.59 -9.05 -5.53
N PRO B 302 -15.71 -8.77 -4.23
CA PRO B 302 -16.08 -9.81 -3.27
C PRO B 302 -17.42 -10.46 -3.61
N ARG B 303 -17.37 -11.76 -3.86
CA ARG B 303 -18.45 -12.56 -4.42
C ARG B 303 -19.69 -12.84 -3.56
N PRO B 304 -19.67 -12.79 -2.22
CA PRO B 304 -20.90 -13.13 -1.45
C PRO B 304 -22.14 -12.37 -1.89
N PRO B 305 -22.01 -11.14 -2.42
CA PRO B 305 -23.07 -10.64 -3.32
C PRO B 305 -22.97 -11.28 -4.70
N TYR B 306 -23.54 -12.46 -4.86
CA TYR B 306 -23.21 -13.32 -5.99
C TYR B 306 -23.82 -12.80 -7.30
N PRO B 307 -23.18 -13.12 -8.43
CA PRO B 307 -23.70 -12.66 -9.73
C PRO B 307 -25.09 -13.15 -10.06
N ALA B 308 -25.54 -14.24 -9.46
CA ALA B 308 -26.92 -14.67 -9.64
C ALA B 308 -27.89 -13.69 -8.99
N GLN B 309 -27.46 -13.00 -7.94
CA GLN B 309 -28.31 -12.03 -7.26
C GLN B 309 -28.13 -10.62 -7.84
N LYS B 310 -26.89 -10.20 -8.07
CA LYS B 310 -26.61 -8.89 -8.66
C LYS B 310 -25.56 -9.08 -9.74
N GLY B 311 -26.00 -9.19 -10.98
CA GLY B 311 -25.09 -9.40 -12.09
C GLY B 311 -24.94 -8.18 -12.98
N LEU B 312 -25.39 -8.29 -14.23
CA LEU B 312 -25.21 -7.23 -15.21
C LEU B 312 -26.18 -6.10 -14.93
N TRP B 313 -25.62 -4.93 -14.58
CA TRP B 313 -26.40 -3.73 -14.26
C TRP B 313 -27.39 -3.99 -13.14
N GLY B 314 -26.95 -4.75 -12.14
CA GLY B 314 -27.76 -5.00 -10.96
C GLY B 314 -28.73 -6.16 -11.10
N ARG B 315 -29.27 -6.34 -12.29
CA ARG B 315 -30.28 -7.37 -12.50
C ARG B 315 -29.65 -8.76 -12.47
N PRO B 316 -30.40 -9.78 -12.07
CA PRO B 316 -29.83 -11.13 -11.88
C PRO B 316 -29.24 -11.69 -13.17
N THR B 317 -28.12 -12.40 -13.02
CA THR B 317 -27.37 -12.93 -14.15
C THR B 317 -26.92 -14.35 -13.83
N ASN B 318 -27.15 -15.26 -14.77
CA ASN B 318 -26.65 -16.63 -14.68
C ASN B 318 -25.47 -16.78 -15.62
N ILE B 319 -24.33 -17.21 -15.10
CA ILE B 319 -23.11 -17.33 -15.87
C ILE B 319 -22.66 -18.79 -15.81
N ASN B 320 -22.64 -19.44 -16.97
CA ASN B 320 -22.19 -20.82 -17.07
C ASN B 320 -21.11 -20.94 -18.13
N ASN B 321 -20.30 -21.99 -18.01
CA ASN B 321 -19.29 -22.30 -19.01
C ASN B 321 -19.95 -22.83 -20.29
N VAL B 322 -19.18 -22.80 -21.38
CA VAL B 322 -19.66 -23.33 -22.64
C VAL B 322 -19.98 -24.81 -22.53
N GLU B 323 -19.12 -25.56 -21.83
CA GLU B 323 -19.34 -26.99 -21.66
C GLU B 323 -20.57 -27.27 -20.81
N THR B 324 -20.83 -26.44 -19.81
CA THR B 324 -22.03 -26.61 -19.00
C THR B 324 -23.29 -26.40 -19.83
N TRP B 325 -23.29 -25.40 -20.71
CA TRP B 325 -24.42 -25.20 -21.61
C TRP B 325 -24.54 -26.33 -22.62
N ALA B 326 -23.41 -26.91 -23.05
CA ALA B 326 -23.43 -27.98 -24.03
C ALA B 326 -23.90 -29.31 -23.46
N ASN B 327 -23.74 -29.51 -22.15
CA ASN B 327 -24.28 -30.72 -21.52
C ASN B 327 -25.80 -30.68 -21.38
N VAL B 328 -26.40 -29.48 -21.38
CA VAL B 328 -27.84 -29.37 -21.11
C VAL B 328 -28.70 -30.04 -22.17
N PRO B 329 -28.48 -29.83 -23.49
CA PRO B 329 -29.32 -30.53 -24.47
C PRO B 329 -29.26 -32.04 -24.34
N TRP B 330 -28.08 -32.59 -24.05
CA TRP B 330 -27.93 -34.03 -23.86
C TRP B 330 -28.76 -34.50 -22.67
N ILE B 331 -28.81 -33.70 -21.61
CA ILE B 331 -29.59 -34.06 -20.43
C ILE B 331 -31.08 -34.03 -20.73
N ILE B 332 -31.54 -33.01 -21.43
CA ILE B 332 -32.97 -32.94 -21.74
C ILE B 332 -33.37 -34.04 -22.74
N LYS B 333 -32.43 -34.44 -23.61
CA LYS B 333 -32.74 -35.42 -24.65
C LYS B 333 -32.71 -36.85 -24.11
N HIS B 334 -31.61 -37.24 -23.46
CA HIS B 334 -31.44 -38.60 -22.99
C HIS B 334 -31.88 -38.78 -21.54
N GLY B 335 -32.37 -37.75 -20.89
CA GLY B 335 -32.80 -37.86 -19.51
C GLY B 335 -31.64 -37.75 -18.53
N TRP B 336 -31.99 -37.46 -17.28
CA TRP B 336 -30.98 -37.37 -16.23
C TRP B 336 -30.51 -38.74 -15.76
N GLU B 337 -31.27 -39.79 -16.06
CA GLU B 337 -30.85 -41.14 -15.69
C GLU B 337 -29.58 -41.55 -16.41
N ALA B 338 -29.44 -41.16 -17.69
CA ALA B 338 -28.25 -41.51 -18.45
C ALA B 338 -27.02 -40.73 -17.97
N TYR B 339 -27.20 -39.48 -17.55
CA TYR B 339 -26.08 -38.71 -17.04
C TYR B 339 -25.67 -39.15 -15.65
N ALA B 340 -26.63 -39.57 -14.82
CA ALA B 340 -26.31 -40.13 -13.52
C ALA B 340 -25.74 -41.55 -13.62
N ALA B 341 -25.86 -42.19 -14.78
CA ALA B 341 -25.26 -43.50 -14.99
C ALA B 341 -23.77 -43.44 -15.27
N LEU B 342 -23.21 -42.25 -15.46
CA LEU B 342 -21.80 -42.07 -15.72
C LEU B 342 -21.14 -41.35 -14.55
N GLY B 343 -19.89 -41.71 -14.27
CA GLY B 343 -19.07 -40.98 -13.33
C GLY B 343 -19.04 -41.61 -11.95
N THR B 344 -18.36 -40.90 -11.05
CA THR B 344 -18.30 -41.29 -9.65
C THR B 344 -19.54 -40.80 -8.91
N GLU B 345 -19.58 -41.07 -7.61
CA GLU B 345 -20.74 -40.70 -6.81
C GLU B 345 -20.89 -39.19 -6.70
N LYS B 346 -19.81 -38.50 -6.37
CA LYS B 346 -19.85 -37.05 -6.13
C LYS B 346 -19.48 -36.24 -7.36
N SER B 347 -19.13 -36.88 -8.48
CA SER B 347 -18.82 -36.18 -9.72
C SER B 347 -19.41 -36.99 -10.87
N LYS B 348 -20.59 -36.60 -11.32
CA LYS B 348 -21.28 -37.32 -12.38
C LYS B 348 -20.87 -36.79 -13.74
N GLY B 349 -21.36 -37.44 -14.78
CA GLY B 349 -21.14 -36.98 -16.14
C GLY B 349 -19.75 -37.28 -16.66
N THR B 350 -19.36 -36.49 -17.64
CA THR B 350 -18.06 -36.62 -18.29
C THR B 350 -17.38 -35.26 -18.32
N LYS B 351 -16.05 -35.28 -18.43
CA LYS B 351 -15.23 -34.09 -18.42
C LYS B 351 -14.41 -34.02 -19.69
N VAL B 352 -14.21 -32.82 -20.20
CA VAL B 352 -13.37 -32.60 -21.37
C VAL B 352 -12.00 -32.13 -20.89
N PHE B 353 -10.98 -32.89 -21.24
CA PHE B 353 -9.62 -32.58 -20.84
C PHE B 353 -8.76 -32.28 -22.06
N ALA B 354 -7.94 -31.25 -21.95
CA ALA B 354 -6.96 -30.92 -22.97
C ALA B 354 -5.64 -31.59 -22.59
N LEU B 355 -5.27 -32.64 -23.32
CA LEU B 355 -4.01 -33.33 -23.08
C LEU B 355 -2.92 -32.63 -23.88
N SER B 356 -1.93 -32.08 -23.17
CA SER B 356 -0.83 -31.37 -23.79
C SER B 356 0.44 -31.74 -23.05
N GLY B 357 1.51 -31.00 -23.32
CA GLY B 357 2.79 -31.25 -22.68
C GLY B 357 3.60 -32.25 -23.48
N LYS B 358 4.18 -33.22 -22.78
CA LYS B 358 4.97 -34.28 -23.39
C LYS B 358 4.18 -35.54 -23.67
N ILE B 359 2.89 -35.40 -23.96
CA ILE B 359 2.02 -36.56 -24.13
C ILE B 359 1.99 -36.96 -25.59
N LYS B 360 1.64 -38.22 -25.86
CA LYS B 360 1.68 -38.79 -27.19
C LYS B 360 0.39 -38.54 -27.95
N HIS B 361 -0.73 -39.00 -27.41
CA HIS B 361 -2.04 -38.80 -28.05
C HIS B 361 -2.75 -37.60 -27.42
N GLY B 362 -2.19 -36.43 -27.66
CA GLY B 362 -2.76 -35.21 -27.13
C GLY B 362 -4.00 -34.79 -27.89
N GLY B 363 -4.80 -33.96 -27.24
CA GLY B 363 -6.02 -33.46 -27.84
C GLY B 363 -7.06 -33.23 -26.76
N ASN B 364 -8.30 -33.08 -27.21
CA ASN B 364 -9.44 -32.89 -26.32
C ASN B 364 -10.14 -34.23 -26.14
N VAL B 365 -10.08 -34.77 -24.92
CA VAL B 365 -10.66 -36.07 -24.61
C VAL B 365 -11.94 -35.85 -23.82
N GLU B 366 -12.98 -36.58 -24.20
CA GLU B 366 -14.24 -36.60 -23.46
C GLU B 366 -14.24 -37.91 -22.66
N VAL B 367 -13.96 -37.80 -21.36
CA VAL B 367 -13.78 -39.00 -20.53
C VAL B 367 -14.75 -38.96 -19.36
N PRO B 368 -15.26 -40.11 -18.91
CA PRO B 368 -16.13 -40.11 -17.74
C PRO B 368 -15.39 -39.71 -16.48
N MET B 369 -16.12 -39.08 -15.56
CA MET B 369 -15.53 -38.72 -14.28
C MET B 369 -15.32 -39.98 -13.44
N GLY B 370 -14.46 -39.86 -12.44
CA GLY B 370 -14.08 -41.03 -11.68
C GLY B 370 -13.33 -42.05 -12.51
N ILE B 371 -12.41 -41.59 -13.33
CA ILE B 371 -11.54 -42.46 -14.13
C ILE B 371 -10.15 -42.41 -13.52
N THR B 372 -9.46 -43.54 -13.54
CA THR B 372 -8.08 -43.57 -13.06
C THR B 372 -7.22 -42.66 -13.92
N LEU B 373 -6.37 -41.87 -13.27
CA LEU B 373 -5.52 -40.92 -13.99
C LEU B 373 -4.61 -41.64 -14.97
N ARG B 374 -4.05 -42.79 -14.58
CA ARG B 374 -3.11 -43.49 -15.44
C ARG B 374 -3.76 -44.02 -16.69
N GLU B 375 -5.07 -44.29 -16.68
CA GLU B 375 -5.76 -44.64 -17.91
C GLU B 375 -5.67 -43.50 -18.92
N ILE B 376 -6.06 -42.29 -18.50
CA ILE B 376 -5.96 -41.12 -19.37
C ILE B 376 -4.53 -40.91 -19.83
N LEU B 377 -3.57 -41.12 -18.92
CA LEU B 377 -2.19 -40.81 -19.24
C LEU B 377 -1.54 -41.83 -20.18
N TYR B 378 -1.89 -43.11 -20.07
CA TYR B 378 -1.16 -44.16 -20.79
C TYR B 378 -1.96 -44.81 -21.91
N GLU B 379 -3.27 -45.01 -21.75
CA GLU B 379 -4.03 -45.64 -22.83
C GLU B 379 -4.66 -44.60 -23.75
N ILE B 380 -5.43 -43.66 -23.19
CA ILE B 380 -6.01 -42.59 -23.99
C ILE B 380 -4.92 -41.65 -24.50
N GLY B 381 -4.02 -41.24 -23.61
CA GLY B 381 -2.94 -40.36 -24.00
C GLY B 381 -1.77 -41.05 -24.67
N GLY B 382 -1.70 -42.37 -24.57
CA GLY B 382 -0.61 -43.10 -25.20
C GLY B 382 0.73 -42.97 -24.51
N GLY B 383 0.76 -42.46 -23.29
CA GLY B 383 2.04 -42.25 -22.65
C GLY B 383 2.76 -41.04 -23.23
N THR B 384 4.07 -40.99 -22.97
CA THR B 384 4.86 -39.88 -23.48
C THR B 384 5.25 -40.13 -24.93
N LYS B 385 5.70 -39.06 -25.59
CA LYS B 385 5.99 -39.12 -27.02
C LYS B 385 7.16 -40.04 -27.33
N THR B 386 8.21 -39.98 -26.51
CA THR B 386 9.43 -40.74 -26.76
C THR B 386 9.62 -41.90 -25.77
N GLY B 387 8.55 -42.34 -25.11
CA GLY B 387 8.59 -43.48 -24.25
C GLY B 387 9.16 -43.24 -22.86
N LYS B 388 9.59 -42.01 -22.56
CA LYS B 388 10.14 -41.72 -21.25
C LYS B 388 9.05 -41.73 -20.19
N LYS B 389 9.41 -42.14 -18.99
CA LYS B 389 8.45 -42.20 -17.89
C LYS B 389 8.02 -40.79 -17.50
N ILE B 390 6.72 -40.63 -17.29
CA ILE B 390 6.17 -39.32 -16.97
C ILE B 390 6.38 -39.04 -15.48
N LYS B 391 7.05 -37.93 -15.18
CA LYS B 391 7.35 -37.60 -13.79
C LYS B 391 6.10 -37.12 -13.05
N ALA B 392 5.31 -36.25 -13.68
CA ALA B 392 4.14 -35.68 -13.04
C ALA B 392 3.21 -35.15 -14.11
N VAL B 393 2.00 -34.77 -13.67
CA VAL B 393 1.04 -34.10 -14.52
C VAL B 393 0.45 -32.94 -13.72
N GLN B 394 0.28 -31.80 -14.38
CA GLN B 394 -0.33 -30.64 -13.75
C GLN B 394 -1.71 -30.43 -14.34
N LEU B 395 -2.70 -30.27 -13.46
CA LEU B 395 -4.10 -30.17 -13.85
C LEU B 395 -4.64 -28.81 -13.42
N GLY B 396 -5.35 -28.14 -14.32
CA GLY B 396 -5.92 -26.84 -14.04
C GLY B 396 -5.23 -25.68 -14.72
N GLY B 397 -4.31 -25.93 -15.64
CA GLY B 397 -3.61 -24.87 -16.33
C GLY B 397 -2.59 -24.20 -15.43
N PRO B 398 -2.24 -22.96 -15.75
CA PRO B 398 -1.17 -22.26 -15.00
C PRO B 398 -1.53 -21.95 -13.56
N SER B 399 -2.77 -22.20 -13.14
CA SER B 399 -3.17 -22.02 -11.75
C SER B 399 -3.38 -23.34 -11.02
N GLY B 400 -2.98 -24.46 -11.63
CA GLY B 400 -3.23 -25.77 -11.05
C GLY B 400 -2.02 -26.30 -10.30
N GLY B 401 -2.11 -27.58 -9.94
CA GLY B 401 -1.04 -28.24 -9.21
C GLY B 401 -0.49 -29.45 -9.91
N CYS B 402 0.74 -29.83 -9.60
CA CYS B 402 1.39 -30.98 -10.22
C CYS B 402 1.15 -32.22 -9.37
N ILE B 403 0.48 -33.21 -9.95
CA ILE B 403 0.23 -34.49 -9.29
C ILE B 403 1.30 -35.47 -9.75
N PRO B 404 2.03 -36.10 -8.84
CA PRO B 404 3.19 -36.91 -9.23
C PRO B 404 2.77 -38.25 -9.83
N ASP B 405 3.79 -38.96 -10.33
CA ASP B 405 3.53 -40.20 -11.07
C ASP B 405 2.98 -41.31 -10.19
N TYR B 406 3.34 -41.34 -8.91
CA TYR B 406 2.91 -42.43 -8.04
C TYR B 406 1.47 -42.25 -7.54
N LEU B 407 0.84 -41.11 -7.84
CA LEU B 407 -0.56 -40.90 -7.51
C LEU B 407 -1.46 -40.99 -8.76
N PHE B 408 -1.01 -41.71 -9.78
CA PHE B 408 -1.81 -41.87 -10.99
C PHE B 408 -2.95 -42.87 -10.80
N ASN B 409 -2.98 -43.58 -9.67
CA ASN B 409 -4.15 -44.39 -9.33
C ASN B 409 -5.31 -43.53 -8.83
N THR B 410 -5.10 -42.23 -8.67
CA THR B 410 -6.16 -41.35 -8.20
C THR B 410 -7.27 -41.25 -9.24
N PRO B 411 -8.53 -41.46 -8.86
CA PRO B 411 -9.63 -41.19 -9.79
C PRO B 411 -9.66 -39.71 -10.17
N VAL B 412 -10.04 -39.46 -11.41
CA VAL B 412 -10.15 -38.09 -11.91
C VAL B 412 -11.58 -37.61 -11.64
N ASP B 413 -11.73 -36.83 -10.58
CA ASP B 413 -13.01 -36.25 -10.22
C ASP B 413 -12.73 -34.96 -9.45
N TYR B 414 -13.79 -34.28 -9.02
CA TYR B 414 -13.61 -33.01 -8.35
C TYR B 414 -12.92 -33.18 -6.99
N GLU B 415 -13.42 -34.08 -6.16
CA GLU B 415 -12.91 -34.21 -4.81
C GLU B 415 -11.51 -34.81 -4.79
N SER B 416 -11.25 -35.81 -5.62
CA SER B 416 -9.95 -36.47 -5.62
C SER B 416 -8.84 -35.51 -6.09
N VAL B 417 -9.07 -34.82 -7.20
CA VAL B 417 -8.07 -33.89 -7.71
C VAL B 417 -7.92 -32.70 -6.77
N THR B 418 -9.03 -32.23 -6.17
CA THR B 418 -8.94 -31.14 -5.22
C THR B 418 -8.12 -31.53 -4.00
N ALA B 419 -8.33 -32.73 -3.47
CA ALA B 419 -7.62 -33.16 -2.27
C ALA B 419 -6.18 -33.55 -2.55
N THR B 420 -5.88 -33.98 -3.78
CA THR B 420 -4.50 -34.36 -4.10
C THR B 420 -3.56 -33.16 -4.02
N GLY B 421 -4.02 -31.99 -4.46
CA GLY B 421 -3.21 -30.79 -4.42
C GLY B 421 -3.44 -29.89 -5.61
N ALA B 422 -3.99 -30.44 -6.69
CA ALA B 422 -4.30 -29.68 -7.88
C ALA B 422 -5.78 -29.25 -7.86
N ILE B 423 -6.20 -28.64 -8.95
CA ILE B 423 -7.60 -28.27 -9.16
C ILE B 423 -7.97 -28.56 -10.60
N MET B 424 -9.28 -28.67 -10.86
CA MET B 424 -9.75 -28.93 -12.21
C MET B 424 -9.38 -27.78 -13.14
N GLY B 425 -9.55 -26.54 -12.69
CA GLY B 425 -9.16 -25.38 -13.46
C GLY B 425 -9.87 -25.33 -14.79
N SER B 426 -9.12 -24.96 -15.83
CA SER B 426 -9.68 -25.01 -17.18
C SER B 426 -10.00 -26.44 -17.58
N GLY B 427 -9.11 -27.38 -17.25
CA GLY B 427 -9.28 -28.75 -17.67
C GLY B 427 -8.12 -29.22 -18.51
N GLY B 428 -6.95 -28.62 -18.29
CA GLY B 428 -5.77 -28.95 -19.07
C GLY B 428 -4.82 -29.84 -18.28
N MET B 429 -4.29 -30.85 -18.96
CA MET B 429 -3.26 -31.72 -18.40
C MET B 429 -1.97 -31.47 -19.18
N VAL B 430 -0.97 -30.90 -18.50
CA VAL B 430 0.35 -30.72 -19.07
C VAL B 430 1.24 -31.81 -18.52
N VAL B 431 1.74 -32.66 -19.42
CA VAL B 431 2.52 -33.83 -19.04
C VAL B 431 3.98 -33.42 -18.87
N MET B 432 4.53 -33.68 -17.70
CA MET B 432 5.91 -33.39 -17.39
C MET B 432 6.65 -34.68 -17.10
N ASP B 433 7.85 -34.82 -17.67
CA ASP B 433 8.61 -36.06 -17.64
C ASP B 433 9.92 -35.86 -16.89
N GLU B 434 10.80 -36.86 -16.99
CA GLU B 434 12.07 -36.83 -16.28
C GLU B 434 12.96 -35.68 -16.76
N ASP B 435 12.84 -35.27 -18.01
CA ASP B 435 13.63 -34.17 -18.55
C ASP B 435 13.20 -32.81 -18.01
N THR B 436 12.05 -32.73 -17.34
CA THR B 436 11.48 -31.44 -16.94
C THR B 436 11.93 -31.06 -15.54
N CYS B 437 12.40 -29.83 -15.38
CA CYS B 437 12.71 -29.27 -14.08
C CYS B 437 11.45 -28.65 -13.50
N MET B 438 11.08 -29.10 -12.30
CA MET B 438 9.82 -28.66 -11.69
C MET B 438 9.89 -27.24 -11.17
N VAL B 439 11.07 -26.79 -10.72
CA VAL B 439 11.20 -25.43 -10.23
C VAL B 439 10.98 -24.43 -11.37
N ASP B 440 11.51 -24.73 -12.55
CA ASP B 440 11.28 -23.85 -13.70
C ASP B 440 9.81 -23.83 -14.10
N VAL B 441 9.13 -24.97 -13.98
CA VAL B 441 7.71 -25.03 -14.30
C VAL B 441 6.90 -24.19 -13.32
N ALA B 442 7.23 -24.28 -12.02
CA ALA B 442 6.59 -23.43 -11.03
C ALA B 442 6.83 -21.96 -11.33
N LYS B 443 8.05 -21.62 -11.76
CA LYS B 443 8.36 -20.24 -12.10
C LYS B 443 7.55 -19.78 -13.31
N PHE B 444 7.38 -20.66 -14.29
CA PHE B 444 6.58 -20.33 -15.48
C PHE B 444 5.14 -20.01 -15.11
N PHE B 445 4.54 -20.86 -14.27
CA PHE B 445 3.15 -20.64 -13.89
C PHE B 445 3.00 -19.42 -12.98
N LEU B 446 3.98 -19.17 -12.12
CA LEU B 446 3.93 -17.97 -11.29
C LEU B 446 4.13 -16.70 -12.12
N ASP B 447 4.94 -16.78 -13.18
CA ASP B 447 5.09 -15.65 -14.09
C ASP B 447 3.78 -15.36 -14.81
N PHE B 448 3.08 -16.41 -15.26
CA PHE B 448 1.78 -16.20 -15.89
C PHE B 448 0.79 -15.58 -14.90
N THR B 449 0.80 -16.04 -13.65
CA THR B 449 -0.09 -15.47 -12.66
C THR B 449 0.25 -14.02 -12.36
N VAL B 450 1.54 -13.68 -12.29
CA VAL B 450 1.97 -12.31 -12.05
C VAL B 450 1.52 -11.41 -13.19
N LYS B 451 1.66 -11.90 -14.43
CA LYS B 451 1.26 -11.10 -15.58
C LYS B 451 -0.24 -10.83 -15.60
N GLU B 452 -1.04 -11.82 -15.24
CA GLU B 452 -2.48 -11.76 -15.43
C GLU B 452 -3.24 -11.24 -14.22
N SER B 453 -2.54 -10.86 -13.15
CA SER B 453 -3.20 -10.29 -11.99
C SER B 453 -3.74 -8.90 -12.31
N CYS B 454 -4.93 -8.59 -11.79
CA CYS B 454 -5.51 -7.28 -11.99
C CYS B 454 -4.87 -6.21 -11.11
N GLY B 455 -4.21 -6.61 -10.03
CA GLY B 455 -3.56 -5.64 -9.16
C GLY B 455 -4.46 -4.95 -8.17
N LYS B 456 -5.52 -5.62 -7.71
CA LYS B 456 -6.45 -5.00 -6.76
C LYS B 456 -6.06 -5.32 -5.32
N CYS B 457 -6.06 -6.59 -4.94
CA CYS B 457 -5.79 -6.97 -3.56
C CYS B 457 -4.29 -7.08 -3.33
N THR B 458 -3.89 -6.81 -2.08
CA THR B 458 -2.47 -6.74 -1.76
C THR B 458 -1.79 -8.10 -1.86
N PHE B 459 -2.48 -9.16 -1.42
CA PHE B 459 -1.86 -10.48 -1.37
C PHE B 459 -1.47 -10.96 -2.75
N CYS B 460 -2.40 -10.96 -3.70
CA CYS B 460 -2.03 -11.37 -5.05
C CYS B 460 -0.95 -10.47 -5.63
N ARG B 461 -1.26 -9.17 -5.75
CA ARG B 461 -0.38 -8.21 -6.42
C ARG B 461 1.05 -8.24 -5.88
N LEU B 462 1.20 -8.35 -4.56
CA LEU B 462 2.52 -8.27 -3.93
C LEU B 462 3.13 -9.64 -3.66
N GLY B 463 2.39 -10.54 -3.01
CA GLY B 463 2.92 -11.84 -2.70
C GLY B 463 3.21 -12.70 -3.91
N THR B 464 2.44 -12.55 -4.99
CA THR B 464 2.75 -13.31 -6.21
C THR B 464 4.08 -12.84 -6.79
N LYS B 465 4.31 -11.52 -6.80
CA LYS B 465 5.59 -11.00 -7.24
C LYS B 465 6.73 -11.44 -6.33
N ARG B 466 6.49 -11.47 -5.02
CA ARG B 466 7.52 -11.94 -4.09
C ARG B 466 7.82 -13.42 -4.28
N MET B 467 6.79 -14.24 -4.49
CA MET B 467 7.00 -15.66 -4.76
C MET B 467 7.77 -15.86 -6.05
N TRP B 468 7.45 -15.07 -7.08
CA TRP B 468 8.18 -15.16 -8.34
C TRP B 468 9.63 -14.74 -8.18
N GLU B 469 9.88 -13.70 -7.38
CA GLU B 469 11.25 -13.29 -7.10
C GLU B 469 12.02 -14.38 -6.37
N LEU B 470 11.37 -15.05 -5.41
CA LEU B 470 12.01 -16.16 -4.71
C LEU B 470 12.32 -17.31 -5.67
N LEU B 471 11.39 -17.60 -6.59
CA LEU B 471 11.61 -18.69 -7.53
C LEU B 471 12.72 -18.37 -8.51
N ASP B 472 12.82 -17.10 -8.94
CA ASP B 472 13.92 -16.72 -9.82
C ASP B 472 15.25 -16.69 -9.07
N LYS B 473 15.22 -16.38 -7.77
CA LYS B 473 16.42 -16.47 -6.95
C LYS B 473 16.89 -17.92 -6.82
N ILE B 474 15.95 -18.84 -6.60
CA ILE B 474 16.31 -20.26 -6.50
C ILE B 474 16.81 -20.79 -7.84
N THR B 475 16.13 -20.43 -8.93
CA THR B 475 16.46 -20.98 -10.25
C THR B 475 17.86 -20.55 -10.69
N LYS B 476 18.25 -19.31 -10.41
CA LYS B 476 19.60 -18.88 -10.74
C LYS B 476 20.65 -19.41 -9.77
N GLY B 477 20.26 -20.22 -8.79
CA GLY B 477 21.19 -20.80 -7.86
C GLY B 477 21.61 -19.92 -6.71
N GLU B 478 21.00 -18.75 -6.56
CA GLU B 478 21.34 -17.82 -5.48
C GLU B 478 20.44 -18.00 -4.27
N GLY B 479 19.92 -19.20 -4.04
CA GLY B 479 19.00 -19.45 -2.95
C GLY B 479 19.64 -20.18 -1.78
N ALA B 480 18.81 -20.41 -0.77
CA ALA B 480 19.22 -21.11 0.44
C ALA B 480 17.98 -21.72 1.08
N LEU B 481 18.18 -22.42 2.20
CA LEU B 481 17.05 -23.00 2.92
C LEU B 481 16.11 -21.93 3.49
N GLU B 482 16.62 -20.72 3.74
CA GLU B 482 15.77 -19.63 4.19
C GLU B 482 14.76 -19.24 3.13
N ASP B 483 15.16 -19.24 1.86
CA ASP B 483 14.22 -18.92 0.79
C ASP B 483 13.13 -19.97 0.67
N ILE B 484 13.49 -21.26 0.83
CA ILE B 484 12.49 -22.32 0.82
C ILE B 484 11.55 -22.16 2.01
N GLU B 485 12.08 -21.78 3.17
CA GLU B 485 11.22 -21.53 4.33
C GLU B 485 10.27 -20.37 4.08
N LYS B 486 10.76 -19.30 3.45
CA LYS B 486 9.92 -18.16 3.12
C LYS B 486 8.82 -18.56 2.13
N LEU B 487 9.16 -19.41 1.16
CA LEU B 487 8.14 -19.90 0.23
C LEU B 487 7.09 -20.75 0.93
N GLU B 488 7.53 -21.67 1.80
CA GLU B 488 6.60 -22.53 2.51
C GLU B 488 5.73 -21.74 3.49
N LYS B 489 6.20 -20.58 3.96
CA LYS B 489 5.33 -19.71 4.73
C LYS B 489 4.39 -18.92 3.83
N LEU B 490 4.92 -18.35 2.75
CA LEU B 490 4.19 -17.35 1.97
C LEU B 490 3.10 -17.97 1.12
N ALA B 491 3.35 -19.14 0.53
CA ALA B 491 2.37 -19.73 -0.39
C ALA B 491 1.03 -20.05 0.28
N PRO B 492 0.96 -20.67 1.46
CA PRO B 492 -0.34 -20.80 2.12
C PRO B 492 -0.99 -19.47 2.43
N LEU B 493 -0.19 -18.44 2.74
CA LEU B 493 -0.74 -17.13 3.03
C LEU B 493 -1.32 -16.47 1.79
N VAL B 494 -0.65 -16.61 0.64
CA VAL B 494 -1.20 -16.07 -0.59
C VAL B 494 -2.45 -16.82 -1.01
N LYS B 495 -2.50 -18.13 -0.77
CA LYS B 495 -3.71 -18.89 -1.06
C LYS B 495 -4.87 -18.46 -0.17
N THR B 496 -4.62 -18.26 1.12
CA THR B 496 -5.70 -17.95 2.04
C THR B 496 -6.17 -16.50 1.93
N GLY B 497 -5.24 -15.57 1.69
CA GLY B 497 -5.52 -14.16 1.77
C GLY B 497 -5.85 -13.44 0.48
N SER B 498 -6.06 -14.15 -0.62
CA SER B 498 -6.42 -13.49 -1.86
C SER B 498 -7.94 -13.36 -1.97
N LEU B 499 -8.38 -12.51 -2.90
CA LEU B 499 -9.79 -12.17 -3.05
C LEU B 499 -10.48 -12.98 -4.14
N CYS B 500 -9.86 -13.15 -5.30
CA CYS B 500 -10.44 -13.93 -6.38
C CYS B 500 -9.65 -15.21 -6.57
N GLY B 501 -10.21 -16.11 -7.37
CA GLY B 501 -9.63 -17.43 -7.53
C GLY B 501 -8.27 -17.44 -8.20
N LEU B 502 -7.89 -16.36 -8.88
CA LEU B 502 -6.57 -16.30 -9.51
C LEU B 502 -5.46 -16.33 -8.45
N GLY B 503 -5.60 -15.52 -7.41
CA GLY B 503 -4.61 -15.54 -6.34
C GLY B 503 -4.76 -16.71 -5.41
N GLN B 504 -5.99 -17.22 -5.24
CA GLN B 504 -6.20 -18.39 -4.40
C GLN B 504 -5.64 -19.65 -5.04
N THR B 505 -5.63 -19.72 -6.37
CA THR B 505 -5.00 -20.80 -7.10
C THR B 505 -3.58 -20.47 -7.55
N ALA B 506 -3.11 -19.25 -7.28
CA ALA B 506 -1.76 -18.85 -7.63
C ALA B 506 -0.67 -19.70 -6.98
N PRO B 507 -0.70 -19.99 -5.67
CA PRO B 507 0.39 -20.75 -5.08
C PRO B 507 0.32 -22.26 -5.32
N ASN B 508 -0.68 -22.74 -6.04
CA ASN B 508 -0.83 -24.18 -6.25
C ASN B 508 0.38 -24.83 -6.90
N PRO B 509 0.98 -24.32 -7.98
CA PRO B 509 2.16 -25.00 -8.53
C PRO B 509 3.32 -25.10 -7.56
N VAL B 510 3.63 -24.01 -6.86
CA VAL B 510 4.72 -24.01 -5.89
C VAL B 510 4.43 -24.98 -4.76
N LEU B 511 3.19 -24.95 -4.24
CA LEU B 511 2.82 -25.82 -3.14
C LEU B 511 2.94 -27.29 -3.53
N THR B 512 2.45 -27.64 -4.72
CA THR B 512 2.49 -29.04 -5.14
C THR B 512 3.91 -29.48 -5.46
N THR B 513 4.71 -28.59 -6.04
CA THR B 513 6.12 -28.94 -6.30
C THR B 513 6.88 -29.15 -5.01
N LEU B 514 6.64 -28.31 -4.00
CA LEU B 514 7.25 -28.52 -2.70
C LEU B 514 6.78 -29.82 -2.07
N LYS B 515 5.48 -30.12 -2.18
CA LYS B 515 4.91 -31.28 -1.53
C LYS B 515 5.36 -32.57 -2.19
N TYR B 516 5.70 -32.52 -3.48
CA TYR B 516 6.00 -33.74 -4.23
C TYR B 516 7.41 -33.80 -4.78
N PHE B 517 8.04 -32.67 -5.09
CA PHE B 517 9.34 -32.66 -5.77
C PHE B 517 10.30 -31.72 -5.08
N LYS B 518 10.41 -31.85 -3.76
CA LYS B 518 11.35 -31.04 -3.01
C LYS B 518 12.81 -31.44 -3.25
N ASP B 519 13.05 -32.56 -3.94
CA ASP B 519 14.41 -32.96 -4.25
C ASP B 519 15.11 -31.93 -5.13
N GLU B 520 14.43 -31.49 -6.19
CA GLU B 520 14.99 -30.44 -7.03
C GLU B 520 15.04 -29.11 -6.29
N TYR B 521 14.09 -28.87 -5.38
CA TYR B 521 14.14 -27.67 -4.54
C TYR B 521 15.43 -27.61 -3.74
N LEU B 522 15.76 -28.70 -3.06
CA LEU B 522 17.01 -28.75 -2.29
C LEU B 522 18.23 -28.78 -3.19
N ALA B 523 18.13 -29.42 -4.35
CA ALA B 523 19.29 -29.53 -5.23
C ALA B 523 19.65 -28.21 -5.90
N HIS B 524 18.65 -27.37 -6.17
CA HIS B 524 18.94 -26.07 -6.78
C HIS B 524 19.64 -25.13 -5.81
N ILE B 525 19.60 -25.41 -4.51
CA ILE B 525 20.40 -24.66 -3.55
C ILE B 525 21.89 -24.93 -3.78
N GLU B 526 22.24 -26.16 -4.13
CA GLU B 526 23.62 -26.56 -4.32
C GLU B 526 24.18 -26.16 -5.68
N GLY B 527 23.47 -25.36 -6.46
CA GLY B 527 23.95 -24.93 -7.76
C GLY B 527 23.85 -25.98 -8.84
N ARG B 528 23.01 -27.00 -8.65
CA ARG B 528 22.89 -28.09 -9.61
C ARG B 528 21.43 -28.26 -9.99
N CYS B 529 21.17 -28.36 -11.31
CA CYS B 529 19.84 -28.64 -11.82
C CYS B 529 19.79 -30.07 -12.35
N PRO B 530 19.09 -30.99 -11.68
CA PRO B 530 19.07 -32.38 -12.17
C PRO B 530 18.50 -32.55 -13.56
N ALA B 531 17.52 -31.74 -13.96
CA ALA B 531 16.94 -31.86 -15.29
C ALA B 531 17.77 -31.18 -16.37
N LYS B 532 18.78 -30.40 -15.98
CA LYS B 532 19.71 -29.76 -16.92
C LYS B 532 18.98 -28.87 -17.93
N VAL B 533 18.11 -28.00 -17.41
CA VAL B 533 17.42 -27.04 -18.25
C VAL B 533 17.54 -25.61 -17.76
N CYS B 534 17.90 -25.36 -16.50
CA CYS B 534 18.07 -24.00 -16.02
C CYS B 534 19.35 -23.42 -16.60
N LYS B 535 19.23 -22.29 -17.31
CA LYS B 535 20.38 -21.72 -18.02
C LYS B 535 21.54 -21.34 -17.11
N PRO B 536 21.37 -20.61 -16.00
CA PRO B 536 22.54 -20.23 -15.20
C PRO B 536 23.16 -21.37 -14.42
N LEU B 537 22.44 -22.48 -14.20
CA LEU B 537 22.97 -23.59 -13.42
C LEU B 537 23.64 -24.66 -14.26
N ILE B 538 23.64 -24.52 -15.59
CA ILE B 538 24.30 -25.46 -16.48
C ILE B 538 25.08 -24.67 -17.54
N LYS B 539 25.87 -25.40 -18.31
CA LYS B 539 26.54 -24.86 -19.49
C LYS B 539 26.46 -25.90 -20.59
N TYR B 540 27.17 -25.67 -21.69
CA TYR B 540 27.20 -26.61 -22.80
C TYR B 540 28.63 -26.79 -23.26
N VAL B 541 29.10 -28.05 -23.28
CA VAL B 541 30.45 -28.39 -23.66
C VAL B 541 30.40 -29.39 -24.79
N ILE B 542 31.44 -29.38 -25.63
CA ILE B 542 31.55 -30.29 -26.76
C ILE B 542 32.63 -31.31 -26.46
N ILE B 543 32.29 -32.59 -26.59
CA ILE B 543 33.24 -33.67 -26.34
C ILE B 543 33.96 -34.00 -27.64
N THR B 544 35.30 -34.03 -27.57
CA THR B 544 36.09 -34.31 -28.75
C THR B 544 35.96 -35.76 -29.20
N GLU B 545 35.70 -36.67 -28.25
CA GLU B 545 35.67 -38.10 -28.57
C GLU B 545 34.54 -38.48 -29.51
N LYS B 546 33.49 -37.66 -29.61
CA LYS B 546 32.34 -37.99 -30.44
C LYS B 546 32.02 -36.91 -31.47
N CYS B 547 32.76 -35.81 -31.49
CA CYS B 547 32.43 -34.71 -32.39
C CYS B 547 32.95 -35.00 -33.80
N THR B 548 32.41 -34.26 -34.76
CA THR B 548 32.82 -34.38 -36.15
C THR B 548 32.96 -33.00 -36.78
N GLY B 549 33.13 -32.94 -38.10
CA GLY B 549 33.30 -31.68 -38.79
C GLY B 549 32.00 -31.06 -39.28
N CYS B 550 31.11 -30.69 -38.36
CA CYS B 550 29.87 -30.04 -38.74
C CYS B 550 30.11 -28.69 -39.41
N THR B 551 31.02 -27.89 -38.84
CA THR B 551 31.41 -26.57 -39.34
C THR B 551 30.27 -25.58 -39.23
N ALA B 552 29.11 -26.04 -38.77
CA ALA B 552 27.95 -25.20 -38.50
C ALA B 552 27.46 -25.31 -37.06
N CYS B 553 28.20 -26.03 -36.22
CA CYS B 553 27.81 -26.16 -34.81
C CYS B 553 27.82 -24.79 -34.12
N ALA B 554 28.84 -24.00 -34.37
CA ALA B 554 28.92 -22.63 -33.85
C ALA B 554 28.41 -21.60 -34.84
N ILE B 555 27.95 -22.03 -36.01
CA ILE B 555 27.45 -21.09 -37.02
C ILE B 555 25.93 -20.99 -36.95
N MET B 556 25.25 -22.13 -36.88
CA MET B 556 23.80 -22.14 -36.71
C MET B 556 23.41 -21.42 -35.43
N CYS B 557 24.08 -21.76 -34.33
CA CYS B 557 23.93 -21.06 -33.07
C CYS B 557 24.59 -19.69 -33.17
N PRO B 558 23.89 -18.62 -32.78
CA PRO B 558 24.51 -17.29 -32.83
C PRO B 558 25.73 -17.14 -31.93
N VAL B 559 25.74 -17.84 -30.79
CA VAL B 559 26.82 -17.75 -29.80
C VAL B 559 27.07 -16.31 -29.37
N ARG B 566 36.65 -26.15 -38.60
CA ARG B 566 36.56 -26.63 -39.97
C ARG B 566 37.03 -28.08 -40.06
N GLY B 567 36.07 -29.01 -40.10
CA GLY B 567 36.42 -30.42 -40.15
C GLY B 567 37.01 -30.97 -38.88
N LYS B 568 36.94 -30.22 -37.79
CA LYS B 568 37.52 -30.59 -36.51
C LYS B 568 36.52 -30.26 -35.42
N PRO B 569 36.64 -30.90 -34.25
CA PRO B 569 35.78 -30.54 -33.12
C PRO B 569 35.92 -29.06 -32.75
N HIS B 570 34.84 -28.33 -32.92
CA HIS B 570 34.86 -26.88 -32.79
C HIS B 570 34.91 -26.46 -31.31
N LEU B 571 34.98 -25.15 -31.09
CA LEU B 571 35.14 -24.58 -29.77
C LEU B 571 33.85 -23.91 -29.31
N ILE B 572 33.63 -23.91 -28.01
CA ILE B 572 32.47 -23.28 -27.38
C ILE B 572 32.97 -22.33 -26.31
N ASN B 573 32.59 -21.06 -26.41
CA ASN B 573 32.99 -20.04 -25.44
C ASN B 573 32.03 -20.10 -24.25
N GLN B 574 32.37 -20.98 -23.30
CA GLN B 574 31.53 -21.16 -22.13
C GLN B 574 31.48 -19.90 -21.26
N GLU B 575 32.50 -19.06 -21.34
CA GLU B 575 32.52 -17.84 -20.56
C GLU B 575 31.44 -16.87 -21.02
N ALA B 576 31.22 -16.77 -22.33
CA ALA B 576 30.27 -15.82 -22.89
C ALA B 576 29.10 -16.51 -23.59
N CYS B 577 28.84 -17.77 -23.28
CA CYS B 577 27.72 -18.48 -23.89
C CYS B 577 26.39 -17.96 -23.34
N ILE B 578 25.35 -18.11 -24.17
CA ILE B 578 24.01 -17.68 -23.77
C ILE B 578 23.26 -18.77 -23.03
N LYS B 579 23.72 -20.01 -23.08
CA LYS B 579 22.99 -21.18 -22.57
C LYS B 579 21.60 -21.26 -23.20
N CYS B 580 21.53 -20.92 -24.49
CA CYS B 580 20.27 -20.94 -25.23
C CYS B 580 19.85 -22.37 -25.55
N GLY B 581 20.67 -23.08 -26.31
CA GLY B 581 20.40 -24.48 -26.59
C GLY B 581 20.25 -24.81 -28.06
N THR B 582 20.63 -23.89 -28.94
CA THR B 582 20.54 -24.18 -30.37
C THR B 582 21.81 -24.84 -30.90
N CYS B 583 22.29 -25.82 -30.15
CA CYS B 583 23.31 -26.76 -30.58
C CYS B 583 22.93 -28.20 -30.28
N TYR B 584 22.27 -28.45 -29.15
CA TYR B 584 21.96 -29.81 -28.73
C TYR B 584 20.82 -30.42 -29.52
N GLU B 585 19.94 -29.59 -30.07
CA GLU B 585 18.87 -30.08 -30.93
C GLU B 585 19.34 -30.21 -32.38
N VAL B 586 19.99 -29.18 -32.92
CA VAL B 586 20.56 -29.25 -34.27
C VAL B 586 21.98 -29.73 -34.10
N CYS B 587 22.12 -31.05 -34.03
CA CYS B 587 23.42 -31.68 -33.81
C CYS B 587 23.54 -32.92 -34.68
N ARG B 588 24.77 -33.28 -35.01
CA ARG B 588 25.06 -34.50 -35.76
C ARG B 588 25.70 -35.52 -34.82
N PHE B 589 25.17 -36.74 -34.86
CA PHE B 589 25.50 -37.82 -33.92
C PHE B 589 25.14 -37.32 -32.52
N ASN B 590 25.96 -37.60 -31.51
CA ASN B 590 25.77 -37.10 -30.14
C ASN B 590 27.11 -36.52 -29.71
N ALA B 591 27.32 -35.23 -29.98
CA ALA B 591 28.61 -34.61 -29.81
C ALA B 591 28.66 -33.53 -28.74
N ILE B 592 27.53 -33.15 -28.15
CA ILE B 592 27.47 -32.06 -27.18
C ILE B 592 26.70 -32.57 -25.96
N GLU B 593 27.42 -32.95 -24.91
CA GLU B 593 26.80 -33.16 -23.62
C GLU B 593 26.56 -31.81 -22.94
N ILE B 594 25.72 -31.81 -21.92
CA ILE B 594 25.33 -30.56 -21.28
C ILE B 594 26.22 -30.29 -20.07
N THR B 595 26.13 -31.16 -19.06
CA THR B 595 26.89 -31.06 -17.81
C THR B 595 26.66 -29.76 -17.05
N ASP B 596 27.17 -29.69 -15.84
CA ASP B 596 27.01 -28.51 -15.01
C ASP B 596 28.11 -27.50 -15.30
N ALA B 597 27.98 -26.31 -14.72
CA ALA B 597 28.96 -25.25 -14.89
C ALA B 597 29.65 -24.95 -13.56
N ILE C 3 -15.65 13.14 -41.00
CA ILE C 3 -14.47 12.96 -40.16
C ILE C 3 -14.39 11.50 -39.72
N GLN C 4 -13.23 11.08 -39.24
CA GLN C 4 -13.03 9.70 -38.84
C GLN C 4 -13.83 9.33 -37.59
N LEU C 5 -14.26 10.31 -36.81
CA LEU C 5 -14.99 10.07 -35.57
C LEU C 5 -16.47 9.81 -35.78
N GLU C 6 -16.88 9.49 -37.02
CA GLU C 6 -18.28 9.19 -37.30
C GLU C 6 -18.71 7.84 -36.76
N TYR C 7 -17.76 6.96 -36.45
CA TYR C 7 -18.09 5.63 -35.94
C TYR C 7 -18.72 5.68 -34.55
N ILE C 8 -18.44 6.73 -33.78
CA ILE C 8 -18.95 6.82 -32.42
C ILE C 8 -20.47 6.92 -32.40
N TYR C 9 -21.06 7.46 -33.46
CA TYR C 9 -22.49 7.73 -33.49
C TYR C 9 -23.32 6.53 -33.92
N HIS C 10 -22.68 5.44 -34.38
CA HIS C 10 -23.38 4.19 -34.63
C HIS C 10 -23.49 3.34 -33.36
N TYR C 11 -22.79 3.70 -32.30
CA TYR C 11 -22.87 3.00 -31.03
C TYR C 11 -23.78 3.75 -30.07
N GLU C 12 -24.48 3.00 -29.24
CA GLU C 12 -25.42 3.60 -28.30
C GLU C 12 -24.68 4.48 -27.30
N PRO C 13 -25.11 5.72 -27.09
CA PRO C 13 -24.41 6.59 -26.13
C PRO C 13 -24.62 6.17 -24.69
N ASN C 14 -24.11 4.99 -24.33
CA ASN C 14 -24.09 4.46 -22.99
C ASN C 14 -22.67 4.08 -22.62
N PRO C 15 -22.32 4.13 -21.33
CA PRO C 15 -20.94 3.79 -20.92
C PRO C 15 -20.54 2.36 -21.22
N SER C 16 -21.49 1.43 -21.34
CA SER C 16 -21.14 0.05 -21.65
C SER C 16 -20.58 -0.10 -23.05
N SER C 17 -20.88 0.83 -23.95
CA SER C 17 -20.35 0.81 -25.30
C SER C 17 -18.89 1.21 -25.36
N LEU C 18 -18.25 1.45 -24.21
CA LEU C 18 -16.87 1.93 -24.19
C LEU C 18 -15.91 0.90 -24.80
N ILE C 19 -15.96 -0.34 -24.30
CA ILE C 19 -15.05 -1.38 -24.80
C ILE C 19 -15.28 -1.68 -26.28
N PRO C 20 -16.52 -1.84 -26.77
CA PRO C 20 -16.70 -1.91 -28.22
C PRO C 20 -16.20 -0.68 -28.97
N LEU C 21 -16.40 0.51 -28.40
CA LEU C 21 -15.89 1.73 -29.04
C LEU C 21 -14.37 1.77 -29.04
N LEU C 22 -13.74 1.33 -27.95
CA LEU C 22 -12.28 1.27 -27.92
C LEU C 22 -11.75 0.28 -28.94
N GLN C 23 -12.40 -0.88 -29.07
CA GLN C 23 -12.00 -1.86 -30.06
C GLN C 23 -12.18 -1.33 -31.48
N LYS C 24 -13.27 -0.61 -31.73
CA LYS C 24 -13.50 -0.03 -33.05
C LYS C 24 -12.48 1.07 -33.35
N THR C 25 -12.09 1.84 -32.34
CA THR C 25 -11.07 2.86 -32.53
C THR C 25 -9.71 2.22 -32.84
N GLN C 26 -9.39 1.13 -32.13
CA GLN C 26 -8.16 0.39 -32.42
C GLN C 26 -8.20 -0.20 -33.83
N GLU C 27 -9.38 -0.59 -34.31
CA GLU C 27 -9.50 -1.01 -35.70
C GLU C 27 -9.30 0.15 -36.67
N THR C 28 -9.88 1.31 -36.35
CA THR C 28 -9.93 2.40 -37.31
C THR C 28 -8.58 3.10 -37.46
N PHE C 29 -7.86 3.32 -36.36
CA PHE C 29 -6.61 4.06 -36.42
C PHE C 29 -5.38 3.22 -36.13
N GLY C 30 -5.54 2.00 -35.62
CA GLY C 30 -4.42 1.23 -35.12
C GLY C 30 -4.06 1.53 -33.69
N TYR C 31 -4.73 2.50 -33.06
CA TYR C 31 -4.44 2.91 -31.69
C TYR C 31 -5.65 3.71 -31.19
N LEU C 32 -5.46 4.39 -30.06
CA LEU C 32 -6.50 5.26 -29.50
C LEU C 32 -6.04 6.71 -29.53
N PRO C 33 -6.47 7.51 -30.50
CA PRO C 33 -6.03 8.90 -30.56
C PRO C 33 -6.60 9.74 -29.43
N LYS C 34 -5.90 10.83 -29.11
CA LYS C 34 -6.34 11.72 -28.04
C LYS C 34 -7.72 12.31 -28.34
N GLU C 35 -7.92 12.82 -29.56
CA GLU C 35 -9.18 13.46 -29.89
C GLU C 35 -10.32 12.46 -29.99
N ALA C 36 -10.03 11.25 -30.51
CA ALA C 36 -11.05 10.21 -30.55
C ALA C 36 -11.47 9.81 -29.15
N LEU C 37 -10.50 9.67 -28.24
CA LEU C 37 -10.83 9.33 -26.86
C LEU C 37 -11.62 10.45 -26.18
N GLU C 38 -11.29 11.70 -26.50
CA GLU C 38 -12.05 12.83 -25.93
C GLU C 38 -13.48 12.84 -26.45
N GLU C 39 -13.68 12.57 -27.74
CA GLU C 39 -15.03 12.51 -28.27
C GLU C 39 -15.80 11.32 -27.70
N ILE C 40 -15.12 10.20 -27.45
CA ILE C 40 -15.74 9.08 -26.77
C ILE C 40 -16.16 9.48 -25.36
N SER C 41 -15.31 10.24 -24.67
CA SER C 41 -15.65 10.70 -23.33
C SER C 41 -16.84 11.64 -23.33
N ARG C 42 -16.93 12.54 -24.31
CA ARG C 42 -18.06 13.46 -24.37
C ARG C 42 -19.34 12.76 -24.79
N TYR C 43 -19.27 11.86 -25.77
CA TYR C 43 -20.46 11.21 -26.29
C TYR C 43 -21.05 10.24 -25.27
N LEU C 44 -20.20 9.39 -24.68
CA LEU C 44 -20.66 8.48 -23.64
C LEU C 44 -20.88 9.17 -22.30
N LYS C 45 -20.41 10.42 -22.15
CA LYS C 45 -20.50 11.17 -20.91
C LYS C 45 -19.85 10.41 -19.76
N VAL C 46 -18.66 9.89 -20.01
CA VAL C 46 -17.89 9.16 -19.00
C VAL C 46 -16.56 9.90 -18.84
N PRO C 47 -15.96 9.90 -17.65
CA PRO C 47 -14.71 10.64 -17.46
C PRO C 47 -13.59 10.07 -18.32
N LEU C 48 -12.69 10.96 -18.74
CA LEU C 48 -11.55 10.53 -19.54
C LEU C 48 -10.63 9.62 -18.74
N SER C 49 -10.58 9.81 -17.41
CA SER C 49 -9.76 8.95 -16.57
C SER C 49 -10.23 7.51 -16.61
N ARG C 50 -11.55 7.30 -16.66
CA ARG C 50 -12.07 5.93 -16.76
C ARG C 50 -11.82 5.33 -18.14
N VAL C 51 -11.89 6.16 -19.19
CA VAL C 51 -11.52 5.69 -20.54
C VAL C 51 -10.09 5.21 -20.55
N TYR C 52 -9.19 5.99 -19.96
CA TYR C 52 -7.78 5.59 -19.94
C TYR C 52 -7.55 4.40 -19.01
N GLY C 53 -8.29 4.31 -17.92
CA GLY C 53 -8.16 3.14 -17.05
C GLY C 53 -8.57 1.85 -17.76
N VAL C 54 -9.68 1.88 -18.47
CA VAL C 54 -10.11 0.71 -19.23
C VAL C 54 -9.11 0.39 -20.34
N ALA C 55 -8.62 1.42 -21.03
CA ALA C 55 -7.68 1.18 -22.12
C ALA C 55 -6.35 0.62 -21.62
N THR C 56 -5.88 1.09 -20.47
CA THR C 56 -4.61 0.60 -19.92
C THR C 56 -4.76 -0.73 -19.20
N PHE C 57 -5.98 -1.11 -18.80
CA PHE C 57 -6.16 -2.40 -18.15
C PHE C 57 -5.85 -3.56 -19.09
N TYR C 58 -6.27 -3.46 -20.34
CA TYR C 58 -6.06 -4.53 -21.31
C TYR C 58 -4.77 -4.29 -22.09
N ALA C 59 -4.00 -5.36 -22.28
CA ALA C 59 -2.66 -5.25 -22.83
C ALA C 59 -2.65 -5.01 -24.33
N GLN C 60 -3.74 -5.31 -25.04
CA GLN C 60 -3.75 -5.13 -26.49
C GLN C 60 -3.88 -3.67 -26.90
N PHE C 61 -4.44 -2.82 -26.05
CA PHE C 61 -4.71 -1.43 -26.41
C PHE C 61 -3.43 -0.62 -26.40
N ARG C 62 -3.19 0.12 -27.49
CA ARG C 62 -1.98 0.91 -27.66
C ARG C 62 -2.34 2.37 -27.85
N PHE C 63 -1.48 3.24 -27.33
CA PHE C 63 -1.71 4.69 -27.39
C PHE C 63 -0.78 5.42 -28.35
N GLU C 64 0.42 4.90 -28.57
CA GLU C 64 1.28 5.46 -29.59
C GLU C 64 0.65 5.21 -30.97
N PRO C 65 0.92 6.07 -31.95
CA PRO C 65 0.27 5.93 -33.26
C PRO C 65 0.51 4.59 -33.95
N LEU C 66 1.39 3.74 -33.43
CA LEU C 66 1.57 2.41 -33.98
C LEU C 66 0.39 1.51 -33.63
FE1 SF4 D . -3.38 5.18 -3.30
FE2 SF4 D . -5.53 4.68 -1.67
FE3 SF4 D . -5.69 6.60 -3.62
FE4 SF4 D . -4.13 7.02 -1.41
S1 SF4 D . -6.40 6.78 -1.45
S2 SF4 D . -3.57 7.43 -3.59
S3 SF4 D . -3.35 4.91 -1.04
S4 SF4 D . -5.41 4.36 -3.92
FE1 SF4 E . 19.86 15.67 19.32
FE2 SF4 E . 22.28 16.87 19.78
FE3 SF4 E . 20.03 18.40 19.40
FE4 SF4 E . 21.12 17.03 17.31
S1 SF4 E . 22.09 18.73 18.47
S2 SF4 E . 18.91 17.15 17.86
S3 SF4 E . 21.86 15.15 18.36
S4 SF4 E . 20.43 16.95 21.11
FE1 SF4 F . 15.95 18.65 7.44
FE2 SF4 F . 16.13 16.20 6.22
FE3 SF4 F . 16.31 16.39 8.94
FE4 SF4 F . 18.34 17.32 7.38
S1 SF4 F . 17.64 15.15 7.57
S2 SF4 F . 17.41 18.37 9.17
S3 SF4 F . 17.19 18.13 5.59
S4 SF4 F . 14.50 16.90 7.64
FE1 SF4 G . 3.42 6.10 6.03
FE2 SF4 G . 6.07 6.14 6.69
FE3 SF4 G . 5.07 8.00 4.96
FE4 SF4 G . 5.31 5.38 4.18
S1 SF4 G . 7.00 6.82 4.72
S2 SF4 G . 3.52 6.76 3.86
S3 SF4 G . 4.83 4.32 6.13
S4 SF4 G . 4.52 7.75 7.16
PA FAD H . 27.30 13.52 36.04
O1A FAD H . 26.97 14.79 35.35
O2A FAD H . 28.60 12.85 35.60
O5B FAD H . 27.34 13.72 37.60
C5B FAD H . 26.78 12.74 38.49
C4B FAD H . 26.19 13.43 39.70
O4B FAD H . 26.07 12.49 40.79
C3B FAD H . 27.01 14.61 40.23
O3B FAD H . 26.18 15.72 40.51
C2B FAD H . 27.67 14.04 41.49
O2B FAD H . 27.87 15.04 42.48
C1B FAD H . 26.62 13.04 41.96
N9A FAD H . 27.14 11.96 42.78
C8A FAD H . 28.29 11.25 42.58
N7A FAD H . 28.53 10.34 43.49
C5A FAD H . 27.46 10.46 44.36
C6A FAD H . 27.12 9.78 45.54
N6A FAD H . 27.84 8.79 46.07
N1A FAD H . 25.98 10.15 46.17
C2A FAD H . 25.25 11.14 45.65
N3A FAD H . 25.47 11.86 44.55
C4A FAD H . 26.60 11.47 43.94
N1 FAD H . 32.58 14.61 31.59
C2 FAD H . 33.67 14.85 32.38
O2 FAD H . 33.83 14.27 33.46
N3 FAD H . 34.65 15.75 31.96
C4 FAD H . 34.63 16.47 30.80
O4 FAD H . 35.54 17.24 30.54
C4X FAD H . 33.47 16.22 29.97
N5 FAD H . 33.37 16.86 28.84
C5X FAD H . 32.26 16.62 28.04
C6 FAD H . 32.13 17.30 26.83
C7 FAD H . 31.03 17.09 26.01
C7M FAD H . 30.94 17.84 24.71
C8 FAD H . 30.03 16.19 26.39
C8M FAD H . 28.83 15.95 25.53
C9 FAD H . 30.15 15.51 27.60
C9A FAD H . 31.25 15.72 28.43
N10 FAD H . 31.39 15.05 29.66
C10 FAD H . 32.49 15.27 30.45
C1' FAD H . 30.37 14.08 30.10
C2' FAD H . 29.46 14.63 31.19
O2' FAD H . 29.76 13.98 32.42
C3' FAD H . 28.01 14.33 30.83
O3' FAD H . 27.19 15.29 31.49
C4' FAD H . 27.56 12.93 31.24
O4' FAD H . 27.33 12.14 30.06
C5' FAD H . 26.32 12.94 32.12
O5' FAD H . 26.70 12.56 33.45
P FAD H . 25.66 11.92 34.45
O1P FAD H . 24.25 12.48 34.19
O2P FAD H . 25.76 10.45 34.43
O3P FAD H . 26.13 12.47 35.85
FE1 SF4 I . -17.40 24.75 0.11
FE2 SF4 I . -19.12 23.92 2.06
FE3 SF4 I . -19.63 26.22 0.67
FE4 SF4 I . -17.56 26.14 2.46
S1 SF4 I . -19.78 25.91 2.93
S2 SF4 I . -17.53 27.01 0.36
S3 SF4 I . -16.84 23.99 2.18
S4 SF4 I . -19.56 24.10 -0.18
FE1 FES J . -9.54 -3.75 2.86
FE2 FES J . -11.35 -5.30 4.12
S1 FES J . -10.74 -3.24 4.63
S2 FES J . -9.98 -5.88 2.50
FE1 SF4 K . -7.69 -11.66 -7.75
FE2 SF4 K . -5.01 -11.10 -7.93
FE3 SF4 K . -6.50 -10.02 -5.91
FE4 SF4 K . -6.87 -9.16 -8.48
S1 SF4 K . -4.98 -8.94 -7.22
S2 SF4 K . -8.49 -9.67 -6.95
S3 SF4 K . -6.53 -11.09 -9.63
S4 SF4 K . -6.07 -12.23 -6.26
N1 FMN L . -15.09 -19.99 -16.00
C2 FMN L . -15.37 -20.28 -17.32
O2 FMN L . -16.40 -20.86 -17.61
N3 FMN L . -14.47 -19.92 -18.30
C4 FMN L . -13.31 -19.26 -17.95
O4 FMN L . -12.52 -18.95 -18.83
C4A FMN L . -13.03 -18.96 -16.62
N5 FMN L . -11.87 -18.30 -16.28
C5A FMN L . -11.61 -18.01 -14.97
C6 FMN L . -10.45 -17.35 -14.62
C7 FMN L . -10.19 -17.06 -13.29
C7M FMN L . -8.93 -16.34 -12.89
C8 FMN L . -11.10 -17.43 -12.30
C8M FMN L . -10.83 -17.13 -10.86
C9 FMN L . -12.26 -18.09 -12.66
C9A FMN L . -12.52 -18.38 -13.99
N10 FMN L . -13.68 -19.04 -14.33
C10 FMN L . -13.94 -19.33 -15.65
C1' FMN L . -14.68 -19.45 -13.28
C2' FMN L . -15.75 -18.38 -13.13
O2' FMN L . -15.39 -17.47 -12.13
C3' FMN L . -17.09 -19.02 -12.77
O3' FMN L . -16.90 -19.94 -11.73
C4' FMN L . -17.68 -19.73 -13.97
O4' FMN L . -18.20 -18.79 -14.88
C5' FMN L . -18.79 -20.67 -13.54
O5' FMN L . -19.18 -21.48 -14.63
P FMN L . -19.79 -22.93 -14.33
O1P FMN L . -21.16 -22.77 -13.74
O2P FMN L . -18.90 -23.63 -13.34
O3P FMN L . -19.86 -23.72 -15.61
FE1 SF4 M . 28.98 -29.03 -33.34
FE2 SF4 M . 28.03 -31.56 -32.93
FE3 SF4 M . 30.60 -31.18 -33.77
FE4 SF4 M . 28.51 -30.67 -35.47
S1 SF4 M . 29.09 -32.69 -34.59
S2 SF4 M . 30.35 -29.37 -35.13
S3 SF4 M . 26.96 -29.86 -34.01
S4 SF4 M . 29.71 -30.54 -31.78
FE1 SF4 N . 23.78 -21.62 -26.73
FE2 SF4 N . 25.02 -24.05 -27.00
FE3 SF4 N . 26.46 -21.85 -26.24
FE4 SF4 N . 25.51 -22.05 -28.79
S1 SF4 N . 27.06 -23.40 -27.80
S2 SF4 N . 25.41 -20.22 -27.44
S3 SF4 N . 23.53 -23.11 -28.44
S4 SF4 N . 24.77 -22.85 -25.08
PA NAD O . -15.06 -19.30 -8.50
O1A NAD O . -16.17 -18.72 -9.30
O2A NAD O . -14.23 -18.38 -7.66
O5B NAD O . -14.09 -20.13 -9.48
C5B NAD O . -12.88 -20.70 -8.90
C4B NAD O . -12.36 -21.79 -9.80
O4B NAD O . -11.89 -21.24 -11.06
C3B NAD O . -11.12 -22.55 -9.31
O3B NAD O . -11.44 -23.58 -8.37
C2B NAD O . -10.48 -23.07 -10.61
O2B NAD O . -10.69 -24.44 -10.80
C1B NAD O . -11.20 -22.28 -11.70
N9A NAD O . -10.31 -21.70 -12.71
C8A NAD O . -9.11 -21.07 -12.49
N7A NAD O . -8.53 -20.66 -13.60
C5A NAD O . -9.41 -21.07 -14.61
C6A NAD O . -9.36 -20.94 -16.01
N6A NAD O . -8.37 -20.35 -16.67
N1A NAD O . -10.39 -21.45 -16.71
C2A NAD O . -11.38 -22.04 -16.05
N3A NAD O . -11.54 -22.22 -14.75
C4A NAD O . -10.50 -21.70 -14.07
O3 NAD O . -15.61 -20.49 -7.58
PN NAD O . -16.74 -20.63 -6.45
O1N NAD O . -16.76 -22.03 -5.96
O2N NAD O . -16.57 -19.53 -5.45
O5D NAD O . -18.07 -20.35 -7.30
C5D NAD O . -18.35 -21.20 -8.45
C4D NAD O . -19.64 -20.76 -9.08
O4D NAD O . -20.71 -20.96 -8.13
C3D NAD O . -19.71 -19.30 -9.51
O3D NAD O . -20.34 -19.17 -10.77
C2D NAD O . -20.56 -18.66 -8.40
O2D NAD O . -21.26 -17.49 -8.81
C1D NAD O . -21.52 -19.80 -8.10
N1N NAD O . -22.10 -19.70 -6.75
C2N NAD O . -23.36 -19.18 -6.57
C3N NAD O . -23.88 -19.09 -5.28
C7N NAD O . -25.25 -18.51 -5.08
O7N NAD O . -25.90 -18.13 -6.07
N7N NAD O . -25.71 -18.42 -3.85
C4N NAD O . -23.15 -19.52 -4.20
C5N NAD O . -21.89 -20.05 -4.39
C6N NAD O . -21.37 -20.13 -5.67
ZN ZN P . 16.46 -26.62 -12.70
ZN ZN Q . -8.62 -29.73 -32.14
#